data_7ZFZ
# 
_entry.id   7ZFZ 
# 
_audit_conform.dict_name       mmcif_pdbx.dic 
_audit_conform.dict_version    5.384 
_audit_conform.dict_location   http://mmcif.pdb.org/dictionaries/ascii/mmcif_pdbx.dic 
# 
loop_
_database_2.database_id 
_database_2.database_code 
_database_2.pdbx_database_accession 
_database_2.pdbx_DOI 
PDB   7ZFZ         pdb_00007zfz 10.2210/pdb7zfz/pdb 
WWPDB D_1292122187 ?            ?                   
# 
loop_
_pdbx_audit_revision_history.ordinal 
_pdbx_audit_revision_history.data_content_type 
_pdbx_audit_revision_history.major_revision 
_pdbx_audit_revision_history.minor_revision 
_pdbx_audit_revision_history.revision_date 
1 'Structure model' 1 0 2022-11-23 
2 'Structure model' 1 1 2022-12-07 
3 'Structure model' 1 2 2024-01-31 
# 
_pdbx_audit_revision_details.ordinal             1 
_pdbx_audit_revision_details.revision_ordinal    1 
_pdbx_audit_revision_details.data_content_type   'Structure model' 
_pdbx_audit_revision_details.provider            repository 
_pdbx_audit_revision_details.type                'Initial release' 
_pdbx_audit_revision_details.description         ? 
_pdbx_audit_revision_details.details             ? 
# 
loop_
_pdbx_audit_revision_group.ordinal 
_pdbx_audit_revision_group.revision_ordinal 
_pdbx_audit_revision_group.data_content_type 
_pdbx_audit_revision_group.group 
1 2 'Structure model' 'Database references'    
2 3 'Structure model' 'Data collection'        
3 3 'Structure model' 'Refinement description' 
# 
loop_
_pdbx_audit_revision_category.ordinal 
_pdbx_audit_revision_category.revision_ordinal 
_pdbx_audit_revision_category.data_content_type 
_pdbx_audit_revision_category.category 
1 2 'Structure model' citation                      
2 2 'Structure model' citation_author               
3 3 'Structure model' chem_comp_atom                
4 3 'Structure model' chem_comp_bond                
5 3 'Structure model' pdbx_initial_refinement_model 
# 
loop_
_pdbx_audit_revision_item.ordinal 
_pdbx_audit_revision_item.revision_ordinal 
_pdbx_audit_revision_item.data_content_type 
_pdbx_audit_revision_item.item 
1 2 'Structure model' '_citation.journal_volume'          
2 2 'Structure model' '_citation.page_first'              
3 2 'Structure model' '_citation.page_last'               
4 2 'Structure model' '_citation_author.identifier_ORCID' 
# 
_pdbx_database_status.status_code                     REL 
_pdbx_database_status.status_code_sf                  REL 
_pdbx_database_status.status_code_mr                  ? 
_pdbx_database_status.entry_id                        7ZFZ 
_pdbx_database_status.recvd_initial_deposition_date   2022-04-01 
_pdbx_database_status.SG_entry                        N 
_pdbx_database_status.deposit_site                    PDBE 
_pdbx_database_status.process_site                    PDBE 
_pdbx_database_status.status_code_cs                  ? 
_pdbx_database_status.status_code_nmr_data            ? 
_pdbx_database_status.methods_development_category    ? 
_pdbx_database_status.pdb_format_compatible           N 
# 
_pdbx_contact_author.id                 2 
_pdbx_contact_author.email              martin.noble@ncl.ac.uk 
_pdbx_contact_author.name_first         Martin 
_pdbx_contact_author.name_last          Noble 
_pdbx_contact_author.name_mi            E.M. 
_pdbx_contact_author.role               'principal investigator/group leader' 
_pdbx_contact_author.identifier_ORCID   0000-0002-3595-9807 
# 
loop_
_audit_author.name 
_audit_author.pdbx_ordinal 
_audit_author.identifier_ORCID 
'Turberville, S.' 1 0000-0003-2173-9675 
'Martin, M.P.'    2 0000-0003-4810-3351 
'Hope, I.'        3 ?                   
'Noble, M.E.M.'   4 0000-0002-3595-9807 
# 
_citation.abstract                  ? 
_citation.abstract_id_CAS           ? 
_citation.book_id_ISBN              ? 
_citation.book_publisher            ? 
_citation.book_publisher_city       ? 
_citation.book_title                ? 
_citation.coordinate_linkage        ? 
_citation.country                   US 
_citation.database_id_Medline       ? 
_citation.details                   ? 
_citation.id                        primary 
_citation.journal_abbrev            J.Med.Chem. 
_citation.journal_id_ASTM           JMCMAR 
_citation.journal_id_CSD            0151 
_citation.journal_id_ISSN           0022-2623 
_citation.journal_full              ? 
_citation.journal_issue             ? 
_citation.journal_volume            65 
_citation.language                  ? 
_citation.page_first                15416 
_citation.page_last                 15432 
_citation.title                     
;Mapping Ligand Interactions of Bromodomains BRD4 and ATAD2 with FragLites and PepLites&#9472;Halogenated Probes of Druglike and Peptide-like Molecular Interactions.
;
_citation.year                      2022 
_citation.database_id_CSD           ? 
_citation.pdbx_database_id_DOI      10.1021/acs.jmedchem.2c01357 
_citation.pdbx_database_id_PubMed   36367089 
_citation.pdbx_database_id_patent   ? 
_citation.unpublished_flag          ? 
# 
loop_
_citation_author.citation_id 
_citation_author.name 
_citation_author.ordinal 
_citation_author.identifier_ORCID 
primary 'Davison, G.'       1  ? 
primary 'Martin, M.P.'      2  ? 
primary 'Turberville, S.'   3  ? 
primary 'Dormen, S.'        4  ? 
primary 'Heath, R.'         5  ? 
primary 'Heptinstall, A.B.' 6  ? 
primary 'Lawson, M.'        7  ? 
primary 'Miller, D.C.'      8  ? 
primary 'Ng, Y.M.'          9  ? 
primary 'Sanderson, J.N.'   10 ? 
primary 'Hope, I.'          11 ? 
primary 'Wood, D.J.'        12 ? 
primary 'Cano, C.'          13 ? 
primary 'Endicott, J.A.'    14 ? 
primary 'Hardcastle, I.R.'  15 ? 
primary 'Noble, M.E.M.'     16 ? 
primary 'Waring, M.J.'      17 ? 
# 
loop_
_entity.id 
_entity.type 
_entity.src_method 
_entity.pdbx_description 
_entity.formula_weight 
_entity.pdbx_number_of_molecules 
_entity.pdbx_ec 
_entity.pdbx_mutation 
_entity.pdbx_fragment 
_entity.details 
1 polymer     man 'Bromodomain-containing protein 4'                               15294.578 1   ? ? ? ? 
2 non-polymer syn GLYCEROL                                                         92.094    2   ? ? ? ? 
3 non-polymer syn '(2R)-2-acetamido-N-(3-bromanylprop-2-ynyl)-3-methyl-butanamide' 275.142   1   ? ? ? ? 
4 water       nat water                                                            18.015    145 ? ? ? ? 
# 
_entity_name_com.entity_id   1 
_entity_name_com.name        'Protein HUNK1' 
# 
_entity_poly.entity_id                      1 
_entity_poly.type                           'polypeptide(L)' 
_entity_poly.nstd_linkage                   no 
_entity_poly.nstd_monomer                   no 
_entity_poly.pdbx_seq_one_letter_code       
;GSHMNPPPPETSNPNKPKRQTNQLQYLLRVVLKTLWKHQFAWPFQQPVDAVKLNLPDYYKIIKTPMDMGTIKKRLENNYY
WNAQECIQDFNTMFTNCYIYNKPGDDIVLMAEALEKLFLQKINELPTEE
;
_entity_poly.pdbx_seq_one_letter_code_can   
;GSHMNPPPPETSNPNKPKRQTNQLQYLLRVVLKTLWKHQFAWPFQQPVDAVKLNLPDYYKIIKTPMDMGTIKKRLENNYY
WNAQECIQDFNTMFTNCYIYNKPGDDIVLMAEALEKLFLQKINELPTEE
;
_entity_poly.pdbx_strand_id                 AAA 
_entity_poly.pdbx_target_identifier         ? 
# 
loop_
_pdbx_entity_nonpoly.entity_id 
_pdbx_entity_nonpoly.name 
_pdbx_entity_nonpoly.comp_id 
2 GLYCEROL                                                         GOL 
3 '(2R)-2-acetamido-N-(3-bromanylprop-2-ynyl)-3-methyl-butanamide' IT8 
4 water                                                            HOH 
# 
loop_
_entity_poly_seq.entity_id 
_entity_poly_seq.num 
_entity_poly_seq.mon_id 
_entity_poly_seq.hetero 
1 1   GLY n 
1 2   SER n 
1 3   HIS n 
1 4   MET n 
1 5   ASN n 
1 6   PRO n 
1 7   PRO n 
1 8   PRO n 
1 9   PRO n 
1 10  GLU n 
1 11  THR n 
1 12  SER n 
1 13  ASN n 
1 14  PRO n 
1 15  ASN n 
1 16  LYS n 
1 17  PRO n 
1 18  LYS n 
1 19  ARG n 
1 20  GLN n 
1 21  THR n 
1 22  ASN n 
1 23  GLN n 
1 24  LEU n 
1 25  GLN n 
1 26  TYR n 
1 27  LEU n 
1 28  LEU n 
1 29  ARG n 
1 30  VAL n 
1 31  VAL n 
1 32  LEU n 
1 33  LYS n 
1 34  THR n 
1 35  LEU n 
1 36  TRP n 
1 37  LYS n 
1 38  HIS n 
1 39  GLN n 
1 40  PHE n 
1 41  ALA n 
1 42  TRP n 
1 43  PRO n 
1 44  PHE n 
1 45  GLN n 
1 46  GLN n 
1 47  PRO n 
1 48  VAL n 
1 49  ASP n 
1 50  ALA n 
1 51  VAL n 
1 52  LYS n 
1 53  LEU n 
1 54  ASN n 
1 55  LEU n 
1 56  PRO n 
1 57  ASP n 
1 58  TYR n 
1 59  TYR n 
1 60  LYS n 
1 61  ILE n 
1 62  ILE n 
1 63  LYS n 
1 64  THR n 
1 65  PRO n 
1 66  MET n 
1 67  ASP n 
1 68  MET n 
1 69  GLY n 
1 70  THR n 
1 71  ILE n 
1 72  LYS n 
1 73  LYS n 
1 74  ARG n 
1 75  LEU n 
1 76  GLU n 
1 77  ASN n 
1 78  ASN n 
1 79  TYR n 
1 80  TYR n 
1 81  TRP n 
1 82  ASN n 
1 83  ALA n 
1 84  GLN n 
1 85  GLU n 
1 86  CYS n 
1 87  ILE n 
1 88  GLN n 
1 89  ASP n 
1 90  PHE n 
1 91  ASN n 
1 92  THR n 
1 93  MET n 
1 94  PHE n 
1 95  THR n 
1 96  ASN n 
1 97  CYS n 
1 98  TYR n 
1 99  ILE n 
1 100 TYR n 
1 101 ASN n 
1 102 LYS n 
1 103 PRO n 
1 104 GLY n 
1 105 ASP n 
1 106 ASP n 
1 107 ILE n 
1 108 VAL n 
1 109 LEU n 
1 110 MET n 
1 111 ALA n 
1 112 GLU n 
1 113 ALA n 
1 114 LEU n 
1 115 GLU n 
1 116 LYS n 
1 117 LEU n 
1 118 PHE n 
1 119 LEU n 
1 120 GLN n 
1 121 LYS n 
1 122 ILE n 
1 123 ASN n 
1 124 GLU n 
1 125 LEU n 
1 126 PRO n 
1 127 THR n 
1 128 GLU n 
1 129 GLU n 
# 
_entity_src_gen.entity_id                          1 
_entity_src_gen.pdbx_src_id                        1 
_entity_src_gen.pdbx_alt_source_flag               sample 
_entity_src_gen.pdbx_seq_type                      'Biological sequence' 
_entity_src_gen.pdbx_beg_seq_num                   1 
_entity_src_gen.pdbx_end_seq_num                   129 
_entity_src_gen.gene_src_common_name               human 
_entity_src_gen.gene_src_genus                     ? 
_entity_src_gen.pdbx_gene_src_gene                 'BRD4, HUNK1' 
_entity_src_gen.gene_src_species                   ? 
_entity_src_gen.gene_src_strain                    ? 
_entity_src_gen.gene_src_tissue                    ? 
_entity_src_gen.gene_src_tissue_fraction           ? 
_entity_src_gen.gene_src_details                   ? 
_entity_src_gen.pdbx_gene_src_fragment             ? 
_entity_src_gen.pdbx_gene_src_scientific_name      'Homo sapiens' 
_entity_src_gen.pdbx_gene_src_ncbi_taxonomy_id     9606 
_entity_src_gen.pdbx_gene_src_variant              ? 
_entity_src_gen.pdbx_gene_src_cell_line            ? 
_entity_src_gen.pdbx_gene_src_atcc                 ? 
_entity_src_gen.pdbx_gene_src_organ                ? 
_entity_src_gen.pdbx_gene_src_organelle            ? 
_entity_src_gen.pdbx_gene_src_cell                 ? 
_entity_src_gen.pdbx_gene_src_cellular_location    ? 
_entity_src_gen.host_org_common_name               ? 
_entity_src_gen.pdbx_host_org_scientific_name      'Escherichia coli BL21(DE3)' 
_entity_src_gen.pdbx_host_org_ncbi_taxonomy_id     469008 
_entity_src_gen.host_org_genus                     ? 
_entity_src_gen.pdbx_host_org_gene                 ? 
_entity_src_gen.pdbx_host_org_organ                ? 
_entity_src_gen.host_org_species                   ? 
_entity_src_gen.pdbx_host_org_tissue               ? 
_entity_src_gen.pdbx_host_org_tissue_fraction      ? 
_entity_src_gen.pdbx_host_org_strain               ? 
_entity_src_gen.pdbx_host_org_variant              ? 
_entity_src_gen.pdbx_host_org_cell_line            ? 
_entity_src_gen.pdbx_host_org_atcc                 ? 
_entity_src_gen.pdbx_host_org_culture_collection   ? 
_entity_src_gen.pdbx_host_org_cell                 ? 
_entity_src_gen.pdbx_host_org_organelle            ? 
_entity_src_gen.pdbx_host_org_cellular_location    ? 
_entity_src_gen.pdbx_host_org_vector_type          ? 
_entity_src_gen.pdbx_host_org_vector               ? 
_entity_src_gen.host_org_details                   ? 
_entity_src_gen.expression_system_id               ? 
_entity_src_gen.plasmid_name                       pET28b 
_entity_src_gen.plasmid_details                    ? 
_entity_src_gen.pdbx_description                   ? 
# 
loop_
_chem_comp.id 
_chem_comp.type 
_chem_comp.mon_nstd_flag 
_chem_comp.name 
_chem_comp.pdbx_synonyms 
_chem_comp.formula 
_chem_comp.formula_weight 
ALA 'L-peptide linking' y ALANINE                                                          ?                               
'C3 H7 N O2'       89.093  
ARG 'L-peptide linking' y ARGININE                                                         ?                               
'C6 H15 N4 O2 1'   175.209 
ASN 'L-peptide linking' y ASPARAGINE                                                       ?                               
'C4 H8 N2 O3'      132.118 
ASP 'L-peptide linking' y 'ASPARTIC ACID'                                                  ?                               
'C4 H7 N O4'       133.103 
CYS 'L-peptide linking' y CYSTEINE                                                         ?                               
'C3 H7 N O2 S'     121.158 
GLN 'L-peptide linking' y GLUTAMINE                                                        ?                               
'C5 H10 N2 O3'     146.144 
GLU 'L-peptide linking' y 'GLUTAMIC ACID'                                                  ?                               
'C5 H9 N O4'       147.129 
GLY 'peptide linking'   y GLYCINE                                                          ?                               
'C2 H5 N O2'       75.067  
GOL non-polymer         . GLYCEROL                                                         'GLYCERIN; PROPANE-1,2,3-TRIOL' 
'C3 H8 O3'         92.094  
HIS 'L-peptide linking' y HISTIDINE                                                        ?                               
'C6 H10 N3 O2 1'   156.162 
HOH non-polymer         . WATER                                                            ?                               'H2 O' 
18.015  
ILE 'L-peptide linking' y ISOLEUCINE                                                       ?                               
'C6 H13 N O2'      131.173 
IT8 non-polymer         . '(2R)-2-acetamido-N-(3-bromanylprop-2-ynyl)-3-methyl-butanamide' ?                               
'C10 H15 Br N2 O2' 275.142 
LEU 'L-peptide linking' y LEUCINE                                                          ?                               
'C6 H13 N O2'      131.173 
LYS 'L-peptide linking' y LYSINE                                                           ?                               
'C6 H15 N2 O2 1'   147.195 
MET 'L-peptide linking' y METHIONINE                                                       ?                               
'C5 H11 N O2 S'    149.211 
PHE 'L-peptide linking' y PHENYLALANINE                                                    ?                               
'C9 H11 N O2'      165.189 
PRO 'L-peptide linking' y PROLINE                                                          ?                               
'C5 H9 N O2'       115.130 
SER 'L-peptide linking' y SERINE                                                           ?                               
'C3 H7 N O3'       105.093 
THR 'L-peptide linking' y THREONINE                                                        ?                               
'C4 H9 N O3'       119.119 
TRP 'L-peptide linking' y TRYPTOPHAN                                                       ?                               
'C11 H12 N2 O2'    204.225 
TYR 'L-peptide linking' y TYROSINE                                                         ?                               
'C9 H11 N O3'      181.189 
VAL 'L-peptide linking' y VALINE                                                           ?                               
'C5 H11 N O2'      117.146 
# 
loop_
_pdbx_poly_seq_scheme.asym_id 
_pdbx_poly_seq_scheme.entity_id 
_pdbx_poly_seq_scheme.seq_id 
_pdbx_poly_seq_scheme.mon_id 
_pdbx_poly_seq_scheme.ndb_seq_num 
_pdbx_poly_seq_scheme.pdb_seq_num 
_pdbx_poly_seq_scheme.auth_seq_num 
_pdbx_poly_seq_scheme.pdb_mon_id 
_pdbx_poly_seq_scheme.auth_mon_id 
_pdbx_poly_seq_scheme.pdb_strand_id 
_pdbx_poly_seq_scheme.pdb_ins_code 
_pdbx_poly_seq_scheme.hetero 
A 1 1   GLY 1   40  40  GLY GLY AAA . n 
A 1 2   SER 2   41  41  SER SER AAA . n 
A 1 3   HIS 3   42  42  HIS HIS AAA . n 
A 1 4   MET 4   43  43  MET MET AAA . n 
A 1 5   ASN 5   44  44  ASN ASN AAA . n 
A 1 6   PRO 6   45  45  PRO PRO AAA . n 
A 1 7   PRO 7   46  46  PRO PRO AAA . n 
A 1 8   PRO 8   47  47  PRO PRO AAA . n 
A 1 9   PRO 9   48  48  PRO PRO AAA . n 
A 1 10  GLU 10  49  49  GLU GLU AAA . n 
A 1 11  THR 11  50  50  THR THR AAA . n 
A 1 12  SER 12  51  51  SER SER AAA . n 
A 1 13  ASN 13  52  52  ASN ASN AAA . n 
A 1 14  PRO 14  53  53  PRO PRO AAA . n 
A 1 15  ASN 15  54  54  ASN ASN AAA . n 
A 1 16  LYS 16  55  55  LYS LYS AAA . n 
A 1 17  PRO 17  56  56  PRO PRO AAA . n 
A 1 18  LYS 18  57  57  LYS LYS AAA . n 
A 1 19  ARG 19  58  58  ARG ARG AAA . n 
A 1 20  GLN 20  59  59  GLN GLN AAA . n 
A 1 21  THR 21  60  60  THR THR AAA . n 
A 1 22  ASN 22  61  61  ASN ASN AAA . n 
A 1 23  GLN 23  62  62  GLN GLN AAA . n 
A 1 24  LEU 24  63  63  LEU LEU AAA . n 
A 1 25  GLN 25  64  64  GLN GLN AAA . n 
A 1 26  TYR 26  65  65  TYR TYR AAA . n 
A 1 27  LEU 27  66  66  LEU LEU AAA . n 
A 1 28  LEU 28  67  67  LEU LEU AAA . n 
A 1 29  ARG 29  68  68  ARG ARG AAA . n 
A 1 30  VAL 30  69  69  VAL VAL AAA . n 
A 1 31  VAL 31  70  70  VAL VAL AAA . n 
A 1 32  LEU 32  71  71  LEU LEU AAA . n 
A 1 33  LYS 33  72  72  LYS LYS AAA . n 
A 1 34  THR 34  73  73  THR THR AAA . n 
A 1 35  LEU 35  74  74  LEU LEU AAA . n 
A 1 36  TRP 36  75  75  TRP TRP AAA . n 
A 1 37  LYS 37  76  76  LYS LYS AAA . n 
A 1 38  HIS 38  77  77  HIS HIS AAA . n 
A 1 39  GLN 39  78  78  GLN GLN AAA . n 
A 1 40  PHE 40  79  79  PHE PHE AAA . n 
A 1 41  ALA 41  80  80  ALA ALA AAA . n 
A 1 42  TRP 42  81  81  TRP TRP AAA . n 
A 1 43  PRO 43  82  82  PRO PRO AAA . n 
A 1 44  PHE 44  83  83  PHE PHE AAA . n 
A 1 45  GLN 45  84  84  GLN GLN AAA . n 
A 1 46  GLN 46  85  85  GLN GLN AAA . n 
A 1 47  PRO 47  86  86  PRO PRO AAA . n 
A 1 48  VAL 48  87  87  VAL VAL AAA . n 
A 1 49  ASP 49  88  88  ASP ASP AAA . n 
A 1 50  ALA 50  89  89  ALA ALA AAA . n 
A 1 51  VAL 51  90  90  VAL VAL AAA . n 
A 1 52  LYS 52  91  91  LYS LYS AAA . n 
A 1 53  LEU 53  92  92  LEU LEU AAA . n 
A 1 54  ASN 54  93  93  ASN ASN AAA . n 
A 1 55  LEU 55  94  94  LEU LEU AAA . n 
A 1 56  PRO 56  95  95  PRO PRO AAA . n 
A 1 57  ASP 57  96  96  ASP ASP AAA . n 
A 1 58  TYR 58  97  97  TYR TYR AAA . n 
A 1 59  TYR 59  98  98  TYR TYR AAA . n 
A 1 60  LYS 60  99  99  LYS LYS AAA . n 
A 1 61  ILE 61  100 100 ILE ILE AAA . n 
A 1 62  ILE 62  101 101 ILE ILE AAA . n 
A 1 63  LYS 63  102 102 LYS LYS AAA . n 
A 1 64  THR 64  103 103 THR THR AAA . n 
A 1 65  PRO 65  104 104 PRO PRO AAA . n 
A 1 66  MET 66  105 105 MET MET AAA . n 
A 1 67  ASP 67  106 106 ASP ASP AAA . n 
A 1 68  MET 68  107 107 MET MET AAA . n 
A 1 69  GLY 69  108 108 GLY GLY AAA . n 
A 1 70  THR 70  109 109 THR THR AAA . n 
A 1 71  ILE 71  110 110 ILE ILE AAA . n 
A 1 72  LYS 72  111 111 LYS LYS AAA . n 
A 1 73  LYS 73  112 112 LYS LYS AAA . n 
A 1 74  ARG 74  113 113 ARG ARG AAA . n 
A 1 75  LEU 75  114 114 LEU LEU AAA . n 
A 1 76  GLU 76  115 115 GLU GLU AAA . n 
A 1 77  ASN 77  116 116 ASN ASN AAA . n 
A 1 78  ASN 78  117 117 ASN ASN AAA . n 
A 1 79  TYR 79  118 118 TYR TYR AAA . n 
A 1 80  TYR 80  119 119 TYR TYR AAA . n 
A 1 81  TRP 81  120 120 TRP TRP AAA . n 
A 1 82  ASN 82  121 121 ASN ASN AAA . n 
A 1 83  ALA 83  122 122 ALA ALA AAA . n 
A 1 84  GLN 84  123 123 GLN GLN AAA . n 
A 1 85  GLU 85  124 124 GLU GLU AAA . n 
A 1 86  CYS 86  125 125 CYS CYS AAA . n 
A 1 87  ILE 87  126 126 ILE ILE AAA . n 
A 1 88  GLN 88  127 127 GLN GLN AAA . n 
A 1 89  ASP 89  128 128 ASP ASP AAA . n 
A 1 90  PHE 90  129 129 PHE PHE AAA . n 
A 1 91  ASN 91  130 130 ASN ASN AAA . n 
A 1 92  THR 92  131 131 THR THR AAA . n 
A 1 93  MET 93  132 132 MET MET AAA . n 
A 1 94  PHE 94  133 133 PHE PHE AAA . n 
A 1 95  THR 95  134 134 THR THR AAA . n 
A 1 96  ASN 96  135 135 ASN ASN AAA . n 
A 1 97  CYS 97  136 136 CYS CYS AAA . n 
A 1 98  TYR 98  137 137 TYR TYR AAA . n 
A 1 99  ILE 99  138 138 ILE ILE AAA . n 
A 1 100 TYR 100 139 139 TYR TYR AAA . n 
A 1 101 ASN 101 140 140 ASN ASN AAA . n 
A 1 102 LYS 102 141 141 LYS LYS AAA . n 
A 1 103 PRO 103 142 142 PRO PRO AAA . n 
A 1 104 GLY 104 143 143 GLY GLY AAA . n 
A 1 105 ASP 105 144 144 ASP ASP AAA . n 
A 1 106 ASP 106 145 145 ASP ASP AAA . n 
A 1 107 ILE 107 146 146 ILE ILE AAA . n 
A 1 108 VAL 108 147 147 VAL VAL AAA . n 
A 1 109 LEU 109 148 148 LEU LEU AAA . n 
A 1 110 MET 110 149 149 MET MET AAA . n 
A 1 111 ALA 111 150 150 ALA ALA AAA . n 
A 1 112 GLU 112 151 151 GLU GLU AAA . n 
A 1 113 ALA 113 152 152 ALA ALA AAA . n 
A 1 114 LEU 114 153 153 LEU LEU AAA . n 
A 1 115 GLU 115 154 154 GLU GLU AAA . n 
A 1 116 LYS 116 155 155 LYS LYS AAA . n 
A 1 117 LEU 117 156 156 LEU LEU AAA . n 
A 1 118 PHE 118 157 157 PHE PHE AAA . n 
A 1 119 LEU 119 158 158 LEU LEU AAA . n 
A 1 120 GLN 120 159 159 GLN GLN AAA . n 
A 1 121 LYS 121 160 160 LYS LYS AAA . n 
A 1 122 ILE 122 161 161 ILE ILE AAA . n 
A 1 123 ASN 123 162 162 ASN ASN AAA . n 
A 1 124 GLU 124 163 163 GLU GLU AAA . n 
A 1 125 LEU 125 164 164 LEU LEU AAA . n 
A 1 126 PRO 126 165 165 PRO PRO AAA . n 
A 1 127 THR 127 166 166 THR THR AAA . n 
A 1 128 GLU 128 167 167 GLU GLU AAA . n 
A 1 129 GLU 129 168 168 GLU GLU AAA . n 
# 
loop_
_pdbx_nonpoly_scheme.asym_id 
_pdbx_nonpoly_scheme.entity_id 
_pdbx_nonpoly_scheme.mon_id 
_pdbx_nonpoly_scheme.ndb_seq_num 
_pdbx_nonpoly_scheme.pdb_seq_num 
_pdbx_nonpoly_scheme.auth_seq_num 
_pdbx_nonpoly_scheme.pdb_mon_id 
_pdbx_nonpoly_scheme.auth_mon_id 
_pdbx_nonpoly_scheme.pdb_strand_id 
_pdbx_nonpoly_scheme.pdb_ins_code 
B 2 GOL 1   201 1   GOL GOL AAA . 
C 2 GOL 1   202 2   GOL GOL AAA . 
D 3 IT8 1   203 1   IT8 DRG AAA . 
E 4 HOH 1   301 193 HOH HOH AAA . 
E 4 HOH 2   302 164 HOH HOH AAA . 
E 4 HOH 3   303 209 HOH HOH AAA . 
E 4 HOH 4   304 207 HOH HOH AAA . 
E 4 HOH 5   305 67  HOH HOH AAA . 
E 4 HOH 6   306 111 HOH HOH AAA . 
E 4 HOH 7   307 81  HOH HOH AAA . 
E 4 HOH 8   308 103 HOH HOH AAA . 
E 4 HOH 9   309 128 HOH HOH AAA . 
E 4 HOH 10  310 121 HOH HOH AAA . 
E 4 HOH 11  311 88  HOH HOH AAA . 
E 4 HOH 12  312 55  HOH HOH AAA . 
E 4 HOH 13  313 32  HOH HOH AAA . 
E 4 HOH 14  314 82  HOH HOH AAA . 
E 4 HOH 15  315 37  HOH HOH AAA . 
E 4 HOH 16  316 10  HOH HOH AAA . 
E 4 HOH 17  317 25  HOH HOH AAA . 
E 4 HOH 18  318 42  HOH HOH AAA . 
E 4 HOH 19  319 50  HOH HOH AAA . 
E 4 HOH 20  320 22  HOH HOH AAA . 
E 4 HOH 21  321 47  HOH HOH AAA . 
E 4 HOH 22  322 184 HOH HOH AAA . 
E 4 HOH 23  323 71  HOH HOH AAA . 
E 4 HOH 24  324 26  HOH HOH AAA . 
E 4 HOH 25  325 53  HOH HOH AAA . 
E 4 HOH 26  326 27  HOH HOH AAA . 
E 4 HOH 27  327 40  HOH HOH AAA . 
E 4 HOH 28  328 14  HOH HOH AAA . 
E 4 HOH 29  329 52  HOH HOH AAA . 
E 4 HOH 30  330 11  HOH HOH AAA . 
E 4 HOH 31  331 109 HOH HOH AAA . 
E 4 HOH 32  332 180 HOH HOH AAA . 
E 4 HOH 33  333 51  HOH HOH AAA . 
E 4 HOH 34  334 148 HOH HOH AAA . 
E 4 HOH 35  335 83  HOH HOH AAA . 
E 4 HOH 36  336 179 HOH HOH AAA . 
E 4 HOH 37  337 201 HOH HOH AAA . 
E 4 HOH 38  338 198 HOH HOH AAA . 
E 4 HOH 39  339 20  HOH HOH AAA . 
E 4 HOH 40  340 108 HOH HOH AAA . 
E 4 HOH 41  341 62  HOH HOH AAA . 
E 4 HOH 42  342 90  HOH HOH AAA . 
E 4 HOH 43  343 200 HOH HOH AAA . 
E 4 HOH 44  344 94  HOH HOH AAA . 
E 4 HOH 45  345 19  HOH HOH AAA . 
E 4 HOH 46  346 125 HOH HOH AAA . 
E 4 HOH 47  347 133 HOH HOH AAA . 
E 4 HOH 48  348 205 HOH HOH AAA . 
E 4 HOH 49  349 175 HOH HOH AAA . 
E 4 HOH 50  350 63  HOH HOH AAA . 
E 4 HOH 51  351 196 HOH HOH AAA . 
E 4 HOH 52  352 203 HOH HOH AAA . 
E 4 HOH 53  353 49  HOH HOH AAA . 
E 4 HOH 54  354 137 HOH HOH AAA . 
E 4 HOH 55  355 38  HOH HOH AAA . 
E 4 HOH 56  356 171 HOH HOH AAA . 
E 4 HOH 57  357 17  HOH HOH AAA . 
E 4 HOH 58  358 185 HOH HOH AAA . 
E 4 HOH 59  359 8   HOH HOH AAA . 
E 4 HOH 60  360 92  HOH HOH AAA . 
E 4 HOH 61  361 70  HOH HOH AAA . 
E 4 HOH 62  362 202 HOH HOH AAA . 
E 4 HOH 63  363 58  HOH HOH AAA . 
E 4 HOH 64  364 6   HOH HOH AAA . 
E 4 HOH 65  365 13  HOH HOH AAA . 
E 4 HOH 66  366 12  HOH HOH AAA . 
E 4 HOH 67  367 33  HOH HOH AAA . 
E 4 HOH 68  368 69  HOH HOH AAA . 
E 4 HOH 69  369 31  HOH HOH AAA . 
E 4 HOH 70  370 2   HOH HOH AAA . 
E 4 HOH 71  371 24  HOH HOH AAA . 
E 4 HOH 72  372 56  HOH HOH AAA . 
E 4 HOH 73  373 76  HOH HOH AAA . 
E 4 HOH 74  374 43  HOH HOH AAA . 
E 4 HOH 75  375 80  HOH HOH AAA . 
E 4 HOH 76  376 36  HOH HOH AAA . 
E 4 HOH 77  377 23  HOH HOH AAA . 
E 4 HOH 78  378 101 HOH HOH AAA . 
E 4 HOH 79  379 39  HOH HOH AAA . 
E 4 HOH 80  380 211 HOH HOH AAA . 
E 4 HOH 81  381 5   HOH HOH AAA . 
E 4 HOH 82  382 210 HOH HOH AAA . 
E 4 HOH 83  383 68  HOH HOH AAA . 
E 4 HOH 84  384 95  HOH HOH AAA . 
E 4 HOH 85  385 197 HOH HOH AAA . 
E 4 HOH 86  386 206 HOH HOH AAA . 
E 4 HOH 87  387 34  HOH HOH AAA . 
E 4 HOH 88  388 118 HOH HOH AAA . 
E 4 HOH 89  389 41  HOH HOH AAA . 
E 4 HOH 90  390 93  HOH HOH AAA . 
E 4 HOH 91  391 28  HOH HOH AAA . 
E 4 HOH 92  392 35  HOH HOH AAA . 
E 4 HOH 93  393 150 HOH HOH AAA . 
E 4 HOH 94  394 107 HOH HOH AAA . 
E 4 HOH 95  395 9   HOH HOH AAA . 
E 4 HOH 96  396 195 HOH HOH AAA . 
E 4 HOH 97  397 174 HOH HOH AAA . 
E 4 HOH 98  398 21  HOH HOH AAA . 
E 4 HOH 99  399 18  HOH HOH AAA . 
E 4 HOH 100 400 1   HOH HOH AAA . 
E 4 HOH 101 401 117 HOH HOH AAA . 
E 4 HOH 102 402 65  HOH HOH AAA . 
E 4 HOH 103 403 110 HOH HOH AAA . 
E 4 HOH 104 404 114 HOH HOH AAA . 
E 4 HOH 105 405 45  HOH HOH AAA . 
E 4 HOH 106 406 3   HOH HOH AAA . 
E 4 HOH 107 407 104 HOH HOH AAA . 
E 4 HOH 108 408 86  HOH HOH AAA . 
E 4 HOH 109 409 154 HOH HOH AAA . 
E 4 HOH 110 410 113 HOH HOH AAA . 
E 4 HOH 111 411 153 HOH HOH AAA . 
E 4 HOH 112 412 44  HOH HOH AAA . 
E 4 HOH 113 413 115 HOH HOH AAA . 
E 4 HOH 114 414 140 HOH HOH AAA . 
E 4 HOH 115 415 105 HOH HOH AAA . 
E 4 HOH 116 416 15  HOH HOH AAA . 
E 4 HOH 117 417 48  HOH HOH AAA . 
E 4 HOH 118 418 199 HOH HOH AAA . 
E 4 HOH 119 419 60  HOH HOH AAA . 
E 4 HOH 120 420 141 HOH HOH AAA . 
E 4 HOH 121 421 74  HOH HOH AAA . 
E 4 HOH 122 422 116 HOH HOH AAA . 
E 4 HOH 123 423 181 HOH HOH AAA . 
E 4 HOH 124 424 100 HOH HOH AAA . 
E 4 HOH 125 425 75  HOH HOH AAA . 
E 4 HOH 126 426 73  HOH HOH AAA . 
E 4 HOH 127 427 87  HOH HOH AAA . 
E 4 HOH 128 428 142 HOH HOH AAA . 
E 4 HOH 129 429 72  HOH HOH AAA . 
E 4 HOH 130 430 204 HOH HOH AAA . 
E 4 HOH 131 431 98  HOH HOH AAA . 
E 4 HOH 132 432 149 HOH HOH AAA . 
E 4 HOH 133 433 208 HOH HOH AAA . 
E 4 HOH 134 434 191 HOH HOH AAA . 
E 4 HOH 135 435 134 HOH HOH AAA . 
E 4 HOH 136 436 30  HOH HOH AAA . 
E 4 HOH 137 437 132 HOH HOH AAA . 
E 4 HOH 138 438 29  HOH HOH AAA . 
E 4 HOH 139 439 123 HOH HOH AAA . 
E 4 HOH 140 440 189 HOH HOH AAA . 
E 4 HOH 141 441 84  HOH HOH AAA . 
E 4 HOH 142 442 78  HOH HOH AAA . 
E 4 HOH 143 443 138 HOH HOH AAA . 
E 4 HOH 144 444 194 HOH HOH AAA . 
E 4 HOH 145 445 85  HOH HOH AAA . 
# 
loop_
_software.citation_id 
_software.classification 
_software.compiler_name 
_software.compiler_version 
_software.contact_author 
_software.contact_author_email 
_software.date 
_software.description 
_software.dependencies 
_software.hardware 
_software.language 
_software.location 
_software.mods 
_software.name 
_software.os 
_software.os_version 
_software.type 
_software.version 
_software.pdbx_ordinal 
? refinement       ? ? ? ? ? ? ? ? ? ? ? REFMAC  ? ? ? 5.8.0258 1 
? refinement       ? ? ? ? ? ? ? ? ? ? ? REFMAC  ? ? ? 5.8.0258 2 
? 'data scaling'   ? ? ? ? ? ? ? ? ? ? ? Aimless ? ? ? 0.7.4    3 
? 'data reduction' ? ? ? ? ? ? ? ? ? ? ? xia2    ? ? ? .        4 
? phasing          ? ? ? ? ? ? ? ? ? ? ? PHASER  ? ? ? .        5 
# 
_cell.angle_alpha                  90.000 
_cell.angle_alpha_esd              ? 
_cell.angle_beta                   90.000 
_cell.angle_beta_esd               ? 
_cell.angle_gamma                  90.000 
_cell.angle_gamma_esd              ? 
_cell.entry_id                     7ZFZ 
_cell.details                      ? 
_cell.formula_units_Z              ? 
_cell.length_a                     37.808 
_cell.length_a_esd                 ? 
_cell.length_b                     43.417 
_cell.length_b_esd                 ? 
_cell.length_c                     79.360 
_cell.length_c_esd                 ? 
_cell.volume                       ? 
_cell.volume_esd                   ? 
_cell.Z_PDB                        4 
_cell.reciprocal_angle_alpha       ? 
_cell.reciprocal_angle_beta        ? 
_cell.reciprocal_angle_gamma       ? 
_cell.reciprocal_angle_alpha_esd   ? 
_cell.reciprocal_angle_beta_esd    ? 
_cell.reciprocal_angle_gamma_esd   ? 
_cell.reciprocal_length_a          ? 
_cell.reciprocal_length_b          ? 
_cell.reciprocal_length_c          ? 
_cell.reciprocal_length_a_esd      ? 
_cell.reciprocal_length_b_esd      ? 
_cell.reciprocal_length_c_esd      ? 
_cell.pdbx_unique_axis             ? 
# 
_symmetry.entry_id                         7ZFZ 
_symmetry.cell_setting                     ? 
_symmetry.Int_Tables_number                19 
_symmetry.space_group_name_Hall            ? 
_symmetry.space_group_name_H-M             'P 21 21 21' 
_symmetry.pdbx_full_space_group_name_H-M   ? 
# 
_exptl.absorpt_coefficient_mu     ? 
_exptl.absorpt_correction_T_max   ? 
_exptl.absorpt_correction_T_min   ? 
_exptl.absorpt_correction_type    ? 
_exptl.absorpt_process_details    ? 
_exptl.entry_id                   7ZFZ 
_exptl.crystals_number            1 
_exptl.details                    ? 
_exptl.method                     'X-RAY DIFFRACTION' 
_exptl.method_details             ? 
# 
_exptl_crystal.colour                      ? 
_exptl_crystal.density_diffrn              ? 
_exptl_crystal.density_Matthews            2.13 
_exptl_crystal.density_method              ? 
_exptl_crystal.density_percent_sol         42.24 
_exptl_crystal.description                 ? 
_exptl_crystal.F_000                       ? 
_exptl_crystal.id                          1 
_exptl_crystal.preparation                 ? 
_exptl_crystal.size_max                    ? 
_exptl_crystal.size_mid                    ? 
_exptl_crystal.size_min                    ? 
_exptl_crystal.size_rad                    ? 
_exptl_crystal.colour_lustre               ? 
_exptl_crystal.colour_modifier             ? 
_exptl_crystal.colour_primary              ? 
_exptl_crystal.density_meas                ? 
_exptl_crystal.density_meas_esd            ? 
_exptl_crystal.density_meas_gt             ? 
_exptl_crystal.density_meas_lt             ? 
_exptl_crystal.density_meas_temp           ? 
_exptl_crystal.density_meas_temp_esd       ? 
_exptl_crystal.density_meas_temp_gt        ? 
_exptl_crystal.density_meas_temp_lt        ? 
_exptl_crystal.pdbx_crystal_image_url      ? 
_exptl_crystal.pdbx_crystal_image_format   ? 
_exptl_crystal.pdbx_mosaicity              ? 
_exptl_crystal.pdbx_mosaicity_esd          ? 
# 
_exptl_crystal_grow.apparatus       ? 
_exptl_crystal_grow.atmosphere      ? 
_exptl_crystal_grow.crystal_id      1 
_exptl_crystal_grow.details         ? 
_exptl_crystal_grow.method          'VAPOR DIFFUSION, SITTING DROP' 
_exptl_crystal_grow.method_ref      ? 
_exptl_crystal_grow.pH              8.5 
_exptl_crystal_grow.pressure        ? 
_exptl_crystal_grow.pressure_esd    ? 
_exptl_crystal_grow.seeding         ? 
_exptl_crystal_grow.seeding_ref     ? 
_exptl_crystal_grow.temp            293 
_exptl_crystal_grow.temp_details    ? 
_exptl_crystal_grow.temp_esd        ? 
_exptl_crystal_grow.time            ? 
_exptl_crystal_grow.pdbx_details    
;0.1 M Buffer system 3 (1 M Tris, 1 M BICINE, pH 8.5), 34-44% Precipitant Solution 3 (20% PEG 4000, 40%) and 60-80 mM Halogens Mix (NaF, NaBr and NaI) solution
;
_exptl_crystal_grow.pdbx_pH_range   ? 
# 
_diffrn.ambient_environment              ? 
_diffrn.ambient_temp                     100 
_diffrn.ambient_temp_details             ? 
_diffrn.ambient_temp_esd                 ? 
_diffrn.crystal_id                       1 
_diffrn.crystal_support                  ? 
_diffrn.crystal_treatment                ? 
_diffrn.details                          ? 
_diffrn.id                               1 
_diffrn.ambient_pressure                 ? 
_diffrn.ambient_pressure_esd             ? 
_diffrn.ambient_pressure_gt              ? 
_diffrn.ambient_pressure_lt              ? 
_diffrn.ambient_temp_gt                  ? 
_diffrn.ambient_temp_lt                  ? 
_diffrn.pdbx_serial_crystal_experiment   N 
# 
_diffrn_detector.details                      ? 
_diffrn_detector.detector                     PIXEL 
_diffrn_detector.diffrn_id                    1 
_diffrn_detector.type                         'DECTRIS PILATUS 6M' 
_diffrn_detector.area_resol_mean              ? 
_diffrn_detector.dtime                        ? 
_diffrn_detector.pdbx_frames_total            ? 
_diffrn_detector.pdbx_collection_time_total   ? 
_diffrn_detector.pdbx_collection_date         2019-08-04 
_diffrn_detector.pdbx_frequency               ? 
# 
_diffrn_radiation.collimation                      ? 
_diffrn_radiation.diffrn_id                        1 
_diffrn_radiation.filter_edge                      ? 
_diffrn_radiation.inhomogeneity                    ? 
_diffrn_radiation.monochromator                    ? 
_diffrn_radiation.polarisn_norm                    ? 
_diffrn_radiation.polarisn_ratio                   ? 
_diffrn_radiation.probe                            ? 
_diffrn_radiation.type                             ? 
_diffrn_radiation.xray_symbol                      ? 
_diffrn_radiation.wavelength_id                    1 
_diffrn_radiation.pdbx_monochromatic_or_laue_m_l   M 
_diffrn_radiation.pdbx_wavelength_list             ? 
_diffrn_radiation.pdbx_wavelength                  ? 
_diffrn_radiation.pdbx_diffrn_protocol             'SINGLE WAVELENGTH' 
_diffrn_radiation.pdbx_analyzer                    ? 
_diffrn_radiation.pdbx_scattering_type             x-ray 
# 
_diffrn_radiation_wavelength.id           1 
_diffrn_radiation_wavelength.wavelength   0.953970 
_diffrn_radiation_wavelength.wt           1.0 
# 
_diffrn_source.current                     ? 
_diffrn_source.details                     ? 
_diffrn_source.diffrn_id                   1 
_diffrn_source.power                       ? 
_diffrn_source.size                        ? 
_diffrn_source.source                      SYNCHROTRON 
_diffrn_source.target                      ? 
_diffrn_source.type                        'DIAMOND BEAMLINE I04-1' 
_diffrn_source.voltage                     ? 
_diffrn_source.take-off_angle              ? 
_diffrn_source.pdbx_wavelength_list        0.953970 
_diffrn_source.pdbx_wavelength             ? 
_diffrn_source.pdbx_synchrotron_beamline   I04-1 
_diffrn_source.pdbx_synchrotron_site       Diamond 
# 
_reflns.B_iso_Wilson_estimate                          ? 
_reflns.entry_id                                       7ZFZ 
_reflns.data_reduction_details                         ? 
_reflns.data_reduction_method                          ? 
_reflns.d_resolution_high                              1.08 
_reflns.d_resolution_low                               39.68 
_reflns.details                                        ? 
_reflns.limit_h_max                                    ? 
_reflns.limit_h_min                                    ? 
_reflns.limit_k_max                                    ? 
_reflns.limit_k_min                                    ? 
_reflns.limit_l_max                                    ? 
_reflns.limit_l_min                                    ? 
_reflns.number_all                                     ? 
_reflns.number_obs                                     54177 
_reflns.observed_criterion                             ? 
_reflns.observed_criterion_F_max                       ? 
_reflns.observed_criterion_F_min                       ? 
_reflns.observed_criterion_I_max                       ? 
_reflns.observed_criterion_I_min                       ? 
_reflns.observed_criterion_sigma_F                     ? 
_reflns.observed_criterion_sigma_I                     ? 
_reflns.percent_possible_obs                           95.5 
_reflns.R_free_details                                 ? 
_reflns.Rmerge_F_all                                   ? 
_reflns.Rmerge_F_obs                                   ? 
_reflns.Friedel_coverage                               ? 
_reflns.number_gt                                      ? 
_reflns.threshold_expression                           ? 
_reflns.pdbx_redundancy                                6.1 
_reflns.pdbx_Rmerge_I_obs                              0.073 
_reflns.pdbx_Rmerge_I_all                              ? 
_reflns.pdbx_Rsym_value                                ? 
_reflns.pdbx_netI_over_av_sigmaI                       ? 
_reflns.pdbx_netI_over_sigmaI                          8.0 
_reflns.pdbx_res_netI_over_av_sigmaI_2                 ? 
_reflns.pdbx_res_netI_over_sigmaI_2                    ? 
_reflns.pdbx_chi_squared                               ? 
_reflns.pdbx_scaling_rejects                           ? 
_reflns.pdbx_d_res_high_opt                            ? 
_reflns.pdbx_d_res_low_opt                             ? 
_reflns.pdbx_d_res_opt_method                          ? 
_reflns.phase_calculation_details                      ? 
_reflns.pdbx_Rrim_I_all                                0.086 
_reflns.pdbx_Rpim_I_all                                0.045 
_reflns.pdbx_d_opt                                     ? 
_reflns.pdbx_number_measured_all                       ? 
_reflns.pdbx_diffrn_id                                 1 
_reflns.pdbx_ordinal                                   1 
_reflns.pdbx_CC_half                                   0.998 
_reflns.pdbx_CC_star                                   ? 
_reflns.pdbx_R_split                                   ? 
_reflns.pdbx_aniso_diffraction_limit_axis_1_ortho[1]   ? 
_reflns.pdbx_aniso_diffraction_limit_axis_1_ortho[2]   ? 
_reflns.pdbx_aniso_diffraction_limit_axis_1_ortho[3]   ? 
_reflns.pdbx_aniso_diffraction_limit_axis_2_ortho[1]   ? 
_reflns.pdbx_aniso_diffraction_limit_axis_2_ortho[2]   ? 
_reflns.pdbx_aniso_diffraction_limit_axis_2_ortho[3]   ? 
_reflns.pdbx_aniso_diffraction_limit_axis_3_ortho[1]   ? 
_reflns.pdbx_aniso_diffraction_limit_axis_3_ortho[2]   ? 
_reflns.pdbx_aniso_diffraction_limit_axis_3_ortho[3]   ? 
_reflns.pdbx_aniso_diffraction_limit_1                 ? 
_reflns.pdbx_aniso_diffraction_limit_2                 ? 
_reflns.pdbx_aniso_diffraction_limit_3                 ? 
_reflns.pdbx_aniso_B_tensor_eigenvector_1_ortho[1]     ? 
_reflns.pdbx_aniso_B_tensor_eigenvector_1_ortho[2]     ? 
_reflns.pdbx_aniso_B_tensor_eigenvector_1_ortho[3]     ? 
_reflns.pdbx_aniso_B_tensor_eigenvector_2_ortho[1]     ? 
_reflns.pdbx_aniso_B_tensor_eigenvector_2_ortho[2]     ? 
_reflns.pdbx_aniso_B_tensor_eigenvector_2_ortho[3]     ? 
_reflns.pdbx_aniso_B_tensor_eigenvector_3_ortho[1]     ? 
_reflns.pdbx_aniso_B_tensor_eigenvector_3_ortho[2]     ? 
_reflns.pdbx_aniso_B_tensor_eigenvector_3_ortho[3]     ? 
_reflns.pdbx_aniso_B_tensor_eigenvalue_1               ? 
_reflns.pdbx_aniso_B_tensor_eigenvalue_2               ? 
_reflns.pdbx_aniso_B_tensor_eigenvalue_3               ? 
_reflns.pdbx_orthogonalization_convention              ? 
_reflns.pdbx_percent_possible_ellipsoidal              ? 
_reflns.pdbx_percent_possible_spherical                ? 
_reflns.pdbx_percent_possible_ellipsoidal_anomalous    ? 
_reflns.pdbx_percent_possible_spherical_anomalous      ? 
_reflns.pdbx_redundancy_anomalous                      ? 
_reflns.pdbx_CC_half_anomalous                         ? 
_reflns.pdbx_absDiff_over_sigma_anomalous              ? 
_reflns.pdbx_percent_possible_anomalous                ? 
_reflns.pdbx_observed_signal_threshold                 ? 
_reflns.pdbx_signal_type                               ? 
_reflns.pdbx_signal_details                            ? 
_reflns.pdbx_signal_software_id                        ? 
# 
loop_
_reflns_shell.d_res_high 
_reflns_shell.d_res_low 
_reflns_shell.meanI_over_sigI_all 
_reflns_shell.meanI_over_sigI_obs 
_reflns_shell.number_measured_all 
_reflns_shell.number_measured_obs 
_reflns_shell.number_possible 
_reflns_shell.number_unique_all 
_reflns_shell.number_unique_obs 
_reflns_shell.percent_possible_all 
_reflns_shell.percent_possible_obs 
_reflns_shell.Rmerge_F_all 
_reflns_shell.Rmerge_F_obs 
_reflns_shell.Rmerge_I_all 
_reflns_shell.Rmerge_I_obs 
_reflns_shell.meanI_over_sigI_gt 
_reflns_shell.meanI_over_uI_all 
_reflns_shell.meanI_over_uI_gt 
_reflns_shell.number_measured_gt 
_reflns_shell.number_unique_gt 
_reflns_shell.percent_possible_gt 
_reflns_shell.Rmerge_F_gt 
_reflns_shell.Rmerge_I_gt 
_reflns_shell.pdbx_redundancy 
_reflns_shell.pdbx_Rsym_value 
_reflns_shell.pdbx_chi_squared 
_reflns_shell.pdbx_netI_over_sigmaI_all 
_reflns_shell.pdbx_netI_over_sigmaI_obs 
_reflns_shell.pdbx_Rrim_I_all 
_reflns_shell.pdbx_Rpim_I_all 
_reflns_shell.pdbx_rejects 
_reflns_shell.pdbx_ordinal 
_reflns_shell.pdbx_diffrn_id 
_reflns_shell.pdbx_CC_half 
_reflns_shell.pdbx_CC_star 
_reflns_shell.pdbx_R_split 
_reflns_shell.pdbx_percent_possible_ellipsoidal 
_reflns_shell.pdbx_percent_possible_spherical 
_reflns_shell.pdbx_percent_possible_ellipsoidal_anomalous 
_reflns_shell.pdbx_percent_possible_spherical_anomalous 
_reflns_shell.pdbx_redundancy_anomalous 
_reflns_shell.pdbx_CC_half_anomalous 
_reflns_shell.pdbx_absDiff_over_sigma_anomalous 
_reflns_shell.pdbx_percent_possible_anomalous 
5.92 39.68 ? ? ? ? ? ? 428  ? ? ? ? ? 0.050 ? ? ? ? ? ? ? ? 5.6 ? ? ? ? 0.059 0.032 ? 1 1 0.994 ? ? ? ? ? ? ? ? ? ? 
1.08 1.10  ? ? ? ? ? ? 1716 ? ? ? ? ? 1.413 ? ? ? ? ? ? ? ? 3.1 ? ? ? ? 1.821 1.136 ? 2 1 0.327 ? ? ? ? ? ? ? ? ? ? 
# 
_refine.aniso_B[1][1]                            0.381 
_refine.aniso_B[1][2]                            0.000 
_refine.aniso_B[1][3]                            -0.000 
_refine.aniso_B[2][2]                            -0.298 
_refine.aniso_B[2][3]                            0.000 
_refine.aniso_B[3][3]                            -0.083 
_refine.B_iso_max                                ? 
_refine.B_iso_mean                               17.505 
_refine.B_iso_min                                ? 
_refine.correlation_coeff_Fo_to_Fc               0.964 
_refine.correlation_coeff_Fo_to_Fc_free          0.950 
_refine.details                                  'Hydrogens have been added in their riding positions' 
_refine.diff_density_max                         ? 
_refine.diff_density_max_esd                     ? 
_refine.diff_density_min                         ? 
_refine.diff_density_min_esd                     ? 
_refine.diff_density_rms                         ? 
_refine.diff_density_rms_esd                     ? 
_refine.entry_id                                 7ZFZ 
_refine.pdbx_refine_id                           'X-RAY DIFFRACTION' 
_refine.ls_abs_structure_details                 ? 
_refine.ls_abs_structure_Flack                   ? 
_refine.ls_abs_structure_Flack_esd               ? 
_refine.ls_abs_structure_Rogers                  ? 
_refine.ls_abs_structure_Rogers_esd              ? 
_refine.ls_d_res_high                            1.080 
_refine.ls_d_res_low                             39.68 
_refine.ls_extinction_coef                       ? 
_refine.ls_extinction_coef_esd                   ? 
_refine.ls_extinction_expression                 ? 
_refine.ls_extinction_method                     ? 
_refine.ls_goodness_of_fit_all                   ? 
_refine.ls_goodness_of_fit_all_esd               ? 
_refine.ls_goodness_of_fit_obs                   ? 
_refine.ls_goodness_of_fit_obs_esd               ? 
_refine.ls_hydrogen_treatment                    ? 
_refine.ls_matrix_type                           ? 
_refine.ls_number_constraints                    ? 
_refine.ls_number_parameters                     ? 
_refine.ls_number_reflns_all                     ? 
_refine.ls_number_reflns_obs                     54111 
_refine.ls_number_reflns_R_free                  2655 
_refine.ls_number_reflns_R_work                  51456 
_refine.ls_number_restraints                     ? 
_refine.ls_percent_reflns_obs                    95.182 
_refine.ls_percent_reflns_R_free                 4.907 
_refine.ls_R_factor_all                          0.207 
_refine.ls_R_factor_obs                          ? 
_refine.ls_R_factor_R_free                       0.2364 
_refine.ls_R_factor_R_free_error                 ? 
_refine.ls_R_factor_R_free_error_details         ? 
_refine.ls_R_factor_R_work                       0.2056 
_refine.ls_R_Fsqd_factor_obs                     ? 
_refine.ls_R_I_factor_obs                        ? 
_refine.ls_redundancy_reflns_all                 ? 
_refine.ls_redundancy_reflns_obs                 ? 
_refine.ls_restrained_S_all                      ? 
_refine.ls_restrained_S_obs                      ? 
_refine.ls_shift_over_esd_max                    ? 
_refine.ls_shift_over_esd_mean                   ? 
_refine.ls_structure_factor_coef                 ? 
_refine.ls_weighting_details                     ? 
_refine.ls_weighting_scheme                      ? 
_refine.ls_wR_factor_all                         ? 
_refine.ls_wR_factor_obs                         ? 
_refine.ls_wR_factor_R_free                      ? 
_refine.ls_wR_factor_R_work                      ? 
_refine.occupancy_max                            ? 
_refine.occupancy_min                            ? 
_refine.solvent_model_details                    'MASK BULK SOLVENT' 
_refine.solvent_model_param_bsol                 ? 
_refine.solvent_model_param_ksol                 ? 
_refine.pdbx_R_complete                          ? 
_refine.ls_R_factor_gt                           ? 
_refine.ls_goodness_of_fit_gt                    ? 
_refine.ls_goodness_of_fit_ref                   ? 
_refine.ls_shift_over_su_max                     ? 
_refine.ls_shift_over_su_max_lt                  ? 
_refine.ls_shift_over_su_mean                    ? 
_refine.ls_shift_over_su_mean_lt                 ? 
_refine.pdbx_ls_sigma_I                          ? 
_refine.pdbx_ls_sigma_F                          ? 
_refine.pdbx_ls_sigma_Fsqd                       ? 
_refine.pdbx_data_cutoff_high_absF               ? 
_refine.pdbx_data_cutoff_high_rms_absF           ? 
_refine.pdbx_data_cutoff_low_absF                ? 
_refine.pdbx_isotropic_thermal_model             ? 
_refine.pdbx_ls_cross_valid_method               'FREE R-VALUE' 
_refine.pdbx_method_to_determine_struct          'MOLECULAR REPLACEMENT' 
_refine.pdbx_starting_model                      5LRQ 
_refine.pdbx_stereochemistry_target_values       ? 
_refine.pdbx_R_Free_selection_details            ? 
_refine.pdbx_stereochem_target_val_spec_case     ? 
_refine.pdbx_overall_ESU_R                       0.038 
_refine.pdbx_overall_ESU_R_Free                  0.041 
_refine.pdbx_solvent_vdw_probe_radii             1.200 
_refine.pdbx_solvent_ion_probe_radii             0.800 
_refine.pdbx_solvent_shrinkage_radii             0.800 
_refine.pdbx_real_space_R                        ? 
_refine.pdbx_density_correlation                 ? 
_refine.pdbx_pd_number_of_powder_patterns        ? 
_refine.pdbx_pd_number_of_points                 ? 
_refine.pdbx_pd_meas_number_of_points            ? 
_refine.pdbx_pd_proc_ls_prof_R_factor            ? 
_refine.pdbx_pd_proc_ls_prof_wR_factor           ? 
_refine.pdbx_pd_Marquardt_correlation_coeff      ? 
_refine.pdbx_pd_Fsqrd_R_factor                   ? 
_refine.pdbx_pd_ls_matrix_band_width             ? 
_refine.pdbx_overall_phase_error                 ? 
_refine.pdbx_overall_SU_R_free_Cruickshank_DPI   ? 
_refine.pdbx_overall_SU_R_free_Blow_DPI          ? 
_refine.pdbx_overall_SU_R_Blow_DPI               ? 
_refine.pdbx_TLS_residual_ADP_flag               ? 
_refine.pdbx_diffrn_id                           1 
_refine.overall_SU_B                             0.771 
_refine.overall_SU_ML                            0.035 
_refine.overall_SU_R_Cruickshank_DPI             ? 
_refine.overall_SU_R_free                        ? 
_refine.overall_FOM_free_R_set                   ? 
_refine.overall_FOM_work_R_set                   ? 
_refine.pdbx_average_fsc_overall                 ? 
_refine.pdbx_average_fsc_work                    ? 
_refine.pdbx_average_fsc_free                    ? 
# 
_refine_hist.pdbx_refine_id                   'X-RAY DIFFRACTION' 
_refine_hist.cycle_id                         LAST 
_refine_hist.details                          ? 
_refine_hist.d_res_high                       1.080 
_refine_hist.d_res_low                        39.68 
_refine_hist.number_atoms_solvent             145 
_refine_hist.number_atoms_total               1248 
_refine_hist.number_reflns_all                ? 
_refine_hist.number_reflns_obs                ? 
_refine_hist.number_reflns_R_free             ? 
_refine_hist.number_reflns_R_work             ? 
_refine_hist.R_factor_all                     ? 
_refine_hist.R_factor_obs                     ? 
_refine_hist.R_factor_R_free                  ? 
_refine_hist.R_factor_R_work                  ? 
_refine_hist.pdbx_number_residues_total       ? 
_refine_hist.pdbx_B_iso_mean_ligand           ? 
_refine_hist.pdbx_B_iso_mean_solvent          ? 
_refine_hist.pdbx_number_atoms_protein        1076 
_refine_hist.pdbx_number_atoms_nucleic_acid   0 
_refine_hist.pdbx_number_atoms_ligand         27 
_refine_hist.pdbx_number_atoms_lipid          ? 
_refine_hist.pdbx_number_atoms_carb           ? 
_refine_hist.pdbx_pseudo_atom_details         ? 
# 
loop_
_refine_ls_restr.pdbx_refine_id 
_refine_ls_restr.criterion 
_refine_ls_restr.dev_ideal 
_refine_ls_restr.dev_ideal_target 
_refine_ls_restr.number 
_refine_ls_restr.rejects 
_refine_ls_restr.type 
_refine_ls_restr.weight 
_refine_ls_restr.pdbx_restraint_function 
'X-RAY DIFFRACTION' ? 0.014  0.012  1154 ? r_bond_refined_d               ? ? 
'X-RAY DIFFRACTION' ? 2.078  1.655  1570 ? r_angle_refined_deg            ? ? 
'X-RAY DIFFRACTION' ? 6.234  5.000  134  ? r_dihedral_angle_1_deg         ? ? 
'X-RAY DIFFRACTION' ? 38.326 24.500 60   ? r_dihedral_angle_2_deg         ? ? 
'X-RAY DIFFRACTION' ? 12.550 15.000 203  ? r_dihedral_angle_3_deg         ? ? 
'X-RAY DIFFRACTION' ? 26.845 15.000 3    ? r_dihedral_angle_4_deg         ? ? 
'X-RAY DIFFRACTION' ? 0.115  0.200  149  ? r_chiral_restr                 ? ? 
'X-RAY DIFFRACTION' ? 0.011  0.020  887  ? r_gen_planes_refined           ? ? 
'X-RAY DIFFRACTION' ? 0.245  0.200  569  ? r_nbd_refined                  ? ? 
'X-RAY DIFFRACTION' ? 0.324  0.200  787  ? r_nbtor_refined                ? ? 
'X-RAY DIFFRACTION' ? 0.182  0.200  92   ? r_xyhbond_nbd_refined          ? ? 
'X-RAY DIFFRACTION' ? 0.211  0.200  45   ? r_symmetry_nbd_refined         ? ? 
'X-RAY DIFFRACTION' ? 0.168  0.200  29   ? r_symmetry_xyhbond_nbd_refined ? ? 
'X-RAY DIFFRACTION' ? 1.335  1.304  527  ? r_mcbond_it                    ? ? 
'X-RAY DIFFRACTION' ? 1.988  1.956  661  ? r_mcangle_it                   ? ? 
'X-RAY DIFFRACTION' ? 3.643  1.685  627  ? r_scbond_it                    ? ? 
'X-RAY DIFFRACTION' ? 4.826  2.391  908  ? r_scangle_it                   ? ? 
'X-RAY DIFFRACTION' ? 6.935  20.525 1841 ? r_lrange_it                    ? ? 
# 
loop_
_refine_ls_shell.pdbx_refine_id 
_refine_ls_shell.d_res_high 
_refine_ls_shell.d_res_low 
_refine_ls_shell.number_reflns_all 
_refine_ls_shell.number_reflns_obs 
_refine_ls_shell.number_reflns_R_free 
_refine_ls_shell.number_reflns_R_work 
_refine_ls_shell.percent_reflns_obs 
_refine_ls_shell.percent_reflns_R_free 
_refine_ls_shell.R_factor_all 
_refine_ls_shell.R_factor_obs 
_refine_ls_shell.R_factor_R_free 
_refine_ls_shell.R_factor_R_free_error 
_refine_ls_shell.R_factor_R_work 
_refine_ls_shell.redundancy_reflns_all 
_refine_ls_shell.redundancy_reflns_obs 
_refine_ls_shell.wR_factor_all 
_refine_ls_shell.wR_factor_obs 
_refine_ls_shell.wR_factor_R_free 
_refine_ls_shell.wR_factor_R_work 
_refine_ls_shell.pdbx_R_complete 
_refine_ls_shell.pdbx_total_number_of_bins_used 
_refine_ls_shell.pdbx_phase_error 
_refine_ls_shell.pdbx_fsc_work 
_refine_ls_shell.pdbx_fsc_free 
'X-RAY DIFFRACTION' 1.080 1.108 . . 131 2520 63.9874  . . . 0.370 . 0.344 . . . . . . . . . . . 
'X-RAY DIFFRACTION' 1.108 1.138 . . 159 3045 79.3659  . . . 0.349 . 0.328 . . . . . . . . . . . 
'X-RAY DIFFRACTION' 1.138 1.171 . . 183 3512 93.7817  . . . 0.312 . 0.309 . . . . . . . . . . . 
'X-RAY DIFFRACTION' 1.171 1.207 . . 202 3569 98.4595  . . . 0.292 . 0.284 . . . . . . . . . . . 
'X-RAY DIFFRACTION' 1.207 1.247 . . 155 3521 99.5397  . . . 0.278 . 0.271 . . . . . . . . . . . 
'X-RAY DIFFRACTION' 1.247 1.291 . . 184 3370 99.1906  . . . 0.252 . 0.251 . . . . . . . . . . . 
'X-RAY DIFFRACTION' 1.291 1.340 . . 142 3334 99.8851  . . . 0.246 . 0.228 . . . . . . . . . . . 
'X-RAY DIFFRACTION' 1.340 1.394 . . 174 3167 99.4641  . . . 0.224 . 0.215 . . . . . . . . . . . 
'X-RAY DIFFRACTION' 1.394 1.456 . . 168 3040 99.5346  . . . 0.223 . 0.204 . . . . . . . . . . . 
'X-RAY DIFFRACTION' 1.456 1.527 . . 157 2909 100.0000 . . . 0.208 . 0.192 . . . . . . . . . . . 
'X-RAY DIFFRACTION' 1.527 1.610 . . 126 2802 100.0000 . . . 0.223 . 0.183 . . . . . . . . . . . 
'X-RAY DIFFRACTION' 1.610 1.707 . . 151 2633 99.8207  . . . 0.226 . 0.182 . . . . . . . . . . . 
'X-RAY DIFFRACTION' 1.707 1.825 . . 116 2478 99.8845  . . . 0.210 . 0.182 . . . . . . . . . . . 
'X-RAY DIFFRACTION' 1.825 1.971 . . 127 2342 99.9595  . . . 0.241 . 0.194 . . . . . . . . . . . 
'X-RAY DIFFRACTION' 1.971 2.159 . . 110 2141 100.0000 . . . 0.247 . 0.203 . . . . . . . . . . . 
'X-RAY DIFFRACTION' 2.159 2.414 . . 105 1967 100.0000 . . . 0.227 . 0.197 . . . . . . . . . . . 
'X-RAY DIFFRACTION' 2.414 2.787 . . 86  1733 99.9451  . . . 0.204 . 0.193 . . . . . . . . . . . 
'X-RAY DIFFRACTION' 2.787 3.412 . . 70  1508 99.9367  . . . 0.206 . 0.191 . . . . . . . . . . . 
'X-RAY DIFFRACTION' 3.412 4.821 . . 71  1168 100.0000 . . . 0.206 . 0.160 . . . . . . . . . . . 
'X-RAY DIFFRACTION' 4.821 39.68 . . 38  697  100.0000 . . . 0.331 . 0.261 . . . . . . . . . . . 
# 
_struct.entry_id                     7ZFZ 
_struct.title                        'BRD4 in complex with PepLite-Val' 
_struct.pdbx_model_details           ? 
_struct.pdbx_formula_weight          ? 
_struct.pdbx_formula_weight_method   ? 
_struct.pdbx_model_type_details      ? 
_struct.pdbx_CASP_flag               N 
# 
_struct_keywords.entry_id        7ZFZ 
_struct_keywords.text            'FragLites, anomalous, BRD4, Fragment screening, TRANSCRIPTION' 
_struct_keywords.pdbx_keywords   TRANSCRIPTION 
# 
loop_
_struct_asym.id 
_struct_asym.pdbx_blank_PDB_chainid_flag 
_struct_asym.pdbx_modified 
_struct_asym.entity_id 
_struct_asym.details 
A N N 1 ? 
B N N 2 ? 
C N N 2 ? 
D N N 3 ? 
E N N 4 ? 
# 
_struct_ref.id                         1 
_struct_ref.db_name                    UNP 
_struct_ref.db_code                    BRD4_HUMAN 
_struct_ref.pdbx_db_accession          O60885 
_struct_ref.pdbx_db_isoform            ? 
_struct_ref.entity_id                  1 
_struct_ref.pdbx_seq_one_letter_code   
;NPPPPETSNPNKPKRQTNQLQYLLRVVLKTLWKHQFAWPFQQPVDAVKLNLPDYYKIIKTPMDMGTIKKRLENNYYWNAQ
ECIQDFNTMFTNCYIYNKPGDDIVLMAEALEKLFLQKINELPTEE
;
_struct_ref.pdbx_align_begin           44 
# 
_struct_ref_seq.align_id                      1 
_struct_ref_seq.ref_id                        1 
_struct_ref_seq.pdbx_PDB_id_code              7ZFZ 
_struct_ref_seq.pdbx_strand_id                AAA 
_struct_ref_seq.seq_align_beg                 5 
_struct_ref_seq.pdbx_seq_align_beg_ins_code   ? 
_struct_ref_seq.seq_align_end                 129 
_struct_ref_seq.pdbx_seq_align_end_ins_code   ? 
_struct_ref_seq.pdbx_db_accession             O60885 
_struct_ref_seq.db_align_beg                  44 
_struct_ref_seq.pdbx_db_align_beg_ins_code    ? 
_struct_ref_seq.db_align_end                  168 
_struct_ref_seq.pdbx_db_align_end_ins_code    ? 
_struct_ref_seq.pdbx_auth_seq_align_beg       44 
_struct_ref_seq.pdbx_auth_seq_align_end       168 
# 
loop_
_struct_ref_seq_dif.align_id 
_struct_ref_seq_dif.pdbx_pdb_id_code 
_struct_ref_seq_dif.mon_id 
_struct_ref_seq_dif.pdbx_pdb_strand_id 
_struct_ref_seq_dif.seq_num 
_struct_ref_seq_dif.pdbx_pdb_ins_code 
_struct_ref_seq_dif.pdbx_seq_db_name 
_struct_ref_seq_dif.pdbx_seq_db_accession_code 
_struct_ref_seq_dif.db_mon_id 
_struct_ref_seq_dif.pdbx_seq_db_seq_num 
_struct_ref_seq_dif.details 
_struct_ref_seq_dif.pdbx_auth_seq_num 
_struct_ref_seq_dif.pdbx_ordinal 
1 7ZFZ GLY AAA 1 ? UNP O60885 ? ? 'expression tag' 40 1 
1 7ZFZ SER AAA 2 ? UNP O60885 ? ? 'expression tag' 41 2 
1 7ZFZ HIS AAA 3 ? UNP O60885 ? ? 'expression tag' 42 3 
1 7ZFZ MET AAA 4 ? UNP O60885 ? ? 'expression tag' 43 4 
# 
_pdbx_struct_assembly.id                   1 
_pdbx_struct_assembly.details              author_and_software_defined_assembly 
_pdbx_struct_assembly.method_details       PISA 
_pdbx_struct_assembly.oligomeric_details   monomeric 
_pdbx_struct_assembly.oligomeric_count     1 
# 
loop_
_pdbx_struct_assembly_prop.biol_id 
_pdbx_struct_assembly_prop.type 
_pdbx_struct_assembly_prop.value 
_pdbx_struct_assembly_prop.details 
1 'ABSA (A^2)' 320  ? 
1 MORE         -1   ? 
1 'SSA (A^2)'  8020 ? 
# 
_pdbx_struct_assembly_gen.assembly_id       1 
_pdbx_struct_assembly_gen.oper_expression   1 
_pdbx_struct_assembly_gen.asym_id_list      A,B,C,D,E 
# 
_pdbx_struct_assembly_auth_evidence.id                     1 
_pdbx_struct_assembly_auth_evidence.assembly_id            1 
_pdbx_struct_assembly_auth_evidence.experimental_support   'gel filtration' 
_pdbx_struct_assembly_auth_evidence.details                ? 
# 
_pdbx_struct_oper_list.id                   1 
_pdbx_struct_oper_list.type                 'identity operation' 
_pdbx_struct_oper_list.name                 1_555 
_pdbx_struct_oper_list.symmetry_operation   x,y,z 
_pdbx_struct_oper_list.matrix[1][1]         1.0000000000 
_pdbx_struct_oper_list.matrix[1][2]         0.0000000000 
_pdbx_struct_oper_list.matrix[1][3]         0.0000000000 
_pdbx_struct_oper_list.vector[1]            0.0000000000 
_pdbx_struct_oper_list.matrix[2][1]         0.0000000000 
_pdbx_struct_oper_list.matrix[2][2]         1.0000000000 
_pdbx_struct_oper_list.matrix[2][3]         0.0000000000 
_pdbx_struct_oper_list.vector[2]            0.0000000000 
_pdbx_struct_oper_list.matrix[3][1]         0.0000000000 
_pdbx_struct_oper_list.matrix[3][2]         0.0000000000 
_pdbx_struct_oper_list.matrix[3][3]         1.0000000000 
_pdbx_struct_oper_list.vector[3]            0.0000000000 
# 
loop_
_struct_conf.conf_type_id 
_struct_conf.id 
_struct_conf.pdbx_PDB_helix_id 
_struct_conf.beg_label_comp_id 
_struct_conf.beg_label_asym_id 
_struct_conf.beg_label_seq_id 
_struct_conf.pdbx_beg_PDB_ins_code 
_struct_conf.end_label_comp_id 
_struct_conf.end_label_asym_id 
_struct_conf.end_label_seq_id 
_struct_conf.pdbx_end_PDB_ins_code 
_struct_conf.beg_auth_comp_id 
_struct_conf.beg_auth_asym_id 
_struct_conf.beg_auth_seq_id 
_struct_conf.end_auth_comp_id 
_struct_conf.end_auth_asym_id 
_struct_conf.end_auth_seq_id 
_struct_conf.pdbx_PDB_helix_class 
_struct_conf.details 
_struct_conf.pdbx_PDB_helix_length 
HELX_P HELX_P1 AA1 THR A 21  ? VAL A 30  ? THR AAA 60  VAL AAA 69  1 ? 10 
HELX_P HELX_P2 AA2 VAL A 30  ? LYS A 37  ? VAL AAA 69  LYS AAA 76  1 ? 8  
HELX_P HELX_P3 AA3 ALA A 41  ? GLN A 45  ? ALA AAA 80  GLN AAA 84  5 ? 5  
HELX_P HELX_P4 AA4 ASP A 57  ? ILE A 62  ? ASP AAA 96  ILE AAA 101 1 ? 6  
HELX_P HELX_P5 AA5 ASP A 67  ? ASN A 77  ? ASP AAA 106 ASN AAA 116 1 ? 11 
HELX_P HELX_P6 AA6 ASN A 82  ? ASN A 101 ? ASN AAA 121 ASN AAA 140 1 ? 20 
HELX_P HELX_P7 AA7 ASP A 105 ? GLU A 124 ? ASP AAA 144 GLU AAA 163 1 ? 20 
# 
_struct_conf_type.id          HELX_P 
_struct_conf_type.criteria    ? 
_struct_conf_type.reference   ? 
# 
loop_
_pdbx_validate_close_contact.id 
_pdbx_validate_close_contact.PDB_model_num 
_pdbx_validate_close_contact.auth_atom_id_1 
_pdbx_validate_close_contact.auth_asym_id_1 
_pdbx_validate_close_contact.auth_comp_id_1 
_pdbx_validate_close_contact.auth_seq_id_1 
_pdbx_validate_close_contact.PDB_ins_code_1 
_pdbx_validate_close_contact.label_alt_id_1 
_pdbx_validate_close_contact.auth_atom_id_2 
_pdbx_validate_close_contact.auth_asym_id_2 
_pdbx_validate_close_contact.auth_comp_id_2 
_pdbx_validate_close_contact.auth_seq_id_2 
_pdbx_validate_close_contact.PDB_ins_code_2 
_pdbx_validate_close_contact.label_alt_id_2 
_pdbx_validate_close_contact.dist 
1 1 O   AAA HOH 301 ? ? O AAA HOH 318 ? ? 2.01 
2 1 O   AAA HOH 379 ? ? O AAA HOH 433 ? ? 2.11 
3 1 O   AAA HOH 333 ? ? O AAA HOH 407 ? ? 2.11 
4 1 OD1 AAA ASN 135 ? ? O AAA HOH 301 ? ? 2.19 
# 
_pdbx_validate_rmsd_bond.id                        1 
_pdbx_validate_rmsd_bond.PDB_model_num             1 
_pdbx_validate_rmsd_bond.auth_atom_id_1            CD 
_pdbx_validate_rmsd_bond.auth_asym_id_1            AAA 
_pdbx_validate_rmsd_bond.auth_comp_id_1            GLU 
_pdbx_validate_rmsd_bond.auth_seq_id_1             124 
_pdbx_validate_rmsd_bond.PDB_ins_code_1            ? 
_pdbx_validate_rmsd_bond.label_alt_id_1            ? 
_pdbx_validate_rmsd_bond.auth_atom_id_2            OE2 
_pdbx_validate_rmsd_bond.auth_asym_id_2            AAA 
_pdbx_validate_rmsd_bond.auth_comp_id_2            GLU 
_pdbx_validate_rmsd_bond.auth_seq_id_2             124 
_pdbx_validate_rmsd_bond.PDB_ins_code_2            ? 
_pdbx_validate_rmsd_bond.label_alt_id_2            ? 
_pdbx_validate_rmsd_bond.bond_value                1.158 
_pdbx_validate_rmsd_bond.bond_target_value         1.252 
_pdbx_validate_rmsd_bond.bond_deviation            -0.094 
_pdbx_validate_rmsd_bond.bond_standard_deviation   0.011 
_pdbx_validate_rmsd_bond.linker_flag               N 
# 
_pdbx_validate_torsion.id              1 
_pdbx_validate_torsion.PDB_model_num   1 
_pdbx_validate_torsion.auth_comp_id    ASN 
_pdbx_validate_torsion.auth_asym_id    AAA 
_pdbx_validate_torsion.auth_seq_id     52 
_pdbx_validate_torsion.PDB_ins_code    ? 
_pdbx_validate_torsion.label_alt_id    ? 
_pdbx_validate_torsion.phi             -164.05 
_pdbx_validate_torsion.psi             106.23 
# 
_pdbx_validate_peptide_omega.id               1 
_pdbx_validate_peptide_omega.PDB_model_num    1 
_pdbx_validate_peptide_omega.auth_comp_id_1   GLY 
_pdbx_validate_peptide_omega.auth_asym_id_1   AAA 
_pdbx_validate_peptide_omega.auth_seq_id_1    143 
_pdbx_validate_peptide_omega.PDB_ins_code_1   ? 
_pdbx_validate_peptide_omega.label_alt_id_1   ? 
_pdbx_validate_peptide_omega.auth_comp_id_2   ASP 
_pdbx_validate_peptide_omega.auth_asym_id_2   AAA 
_pdbx_validate_peptide_omega.auth_seq_id_2    144 
_pdbx_validate_peptide_omega.PDB_ins_code_2   ? 
_pdbx_validate_peptide_omega.label_alt_id_2   ? 
_pdbx_validate_peptide_omega.omega            -147.57 
# 
_pdbx_entry_details.entry_id                 7ZFZ 
_pdbx_entry_details.has_ligand_of_interest   Y 
_pdbx_entry_details.compound_details         ? 
_pdbx_entry_details.source_details           ? 
_pdbx_entry_details.nonpolymer_details       ? 
_pdbx_entry_details.sequence_details         ? 
# 
loop_
_chem_comp_atom.comp_id 
_chem_comp_atom.atom_id 
_chem_comp_atom.type_symbol 
_chem_comp_atom.pdbx_aromatic_flag 
_chem_comp_atom.pdbx_stereo_config 
_chem_comp_atom.pdbx_ordinal 
ALA N    N  N N 1   
ALA CA   C  N S 2   
ALA C    C  N N 3   
ALA O    O  N N 4   
ALA CB   C  N N 5   
ALA OXT  O  N N 6   
ALA H    H  N N 7   
ALA H2   H  N N 8   
ALA HA   H  N N 9   
ALA HB1  H  N N 10  
ALA HB2  H  N N 11  
ALA HB3  H  N N 12  
ALA HXT  H  N N 13  
ARG N    N  N N 14  
ARG CA   C  N S 15  
ARG C    C  N N 16  
ARG O    O  N N 17  
ARG CB   C  N N 18  
ARG CG   C  N N 19  
ARG CD   C  N N 20  
ARG NE   N  N N 21  
ARG CZ   C  N N 22  
ARG NH1  N  N N 23  
ARG NH2  N  N N 24  
ARG OXT  O  N N 25  
ARG H    H  N N 26  
ARG H2   H  N N 27  
ARG HA   H  N N 28  
ARG HB2  H  N N 29  
ARG HB3  H  N N 30  
ARG HG2  H  N N 31  
ARG HG3  H  N N 32  
ARG HD2  H  N N 33  
ARG HD3  H  N N 34  
ARG HE   H  N N 35  
ARG HH11 H  N N 36  
ARG HH12 H  N N 37  
ARG HH21 H  N N 38  
ARG HH22 H  N N 39  
ARG HXT  H  N N 40  
ASN N    N  N N 41  
ASN CA   C  N S 42  
ASN C    C  N N 43  
ASN O    O  N N 44  
ASN CB   C  N N 45  
ASN CG   C  N N 46  
ASN OD1  O  N N 47  
ASN ND2  N  N N 48  
ASN OXT  O  N N 49  
ASN H    H  N N 50  
ASN H2   H  N N 51  
ASN HA   H  N N 52  
ASN HB2  H  N N 53  
ASN HB3  H  N N 54  
ASN HD21 H  N N 55  
ASN HD22 H  N N 56  
ASN HXT  H  N N 57  
ASP N    N  N N 58  
ASP CA   C  N S 59  
ASP C    C  N N 60  
ASP O    O  N N 61  
ASP CB   C  N N 62  
ASP CG   C  N N 63  
ASP OD1  O  N N 64  
ASP OD2  O  N N 65  
ASP OXT  O  N N 66  
ASP H    H  N N 67  
ASP H2   H  N N 68  
ASP HA   H  N N 69  
ASP HB2  H  N N 70  
ASP HB3  H  N N 71  
ASP HD2  H  N N 72  
ASP HXT  H  N N 73  
CYS N    N  N N 74  
CYS CA   C  N R 75  
CYS C    C  N N 76  
CYS O    O  N N 77  
CYS CB   C  N N 78  
CYS SG   S  N N 79  
CYS OXT  O  N N 80  
CYS H    H  N N 81  
CYS H2   H  N N 82  
CYS HA   H  N N 83  
CYS HB2  H  N N 84  
CYS HB3  H  N N 85  
CYS HG   H  N N 86  
CYS HXT  H  N N 87  
GLN N    N  N N 88  
GLN CA   C  N S 89  
GLN C    C  N N 90  
GLN O    O  N N 91  
GLN CB   C  N N 92  
GLN CG   C  N N 93  
GLN CD   C  N N 94  
GLN OE1  O  N N 95  
GLN NE2  N  N N 96  
GLN OXT  O  N N 97  
GLN H    H  N N 98  
GLN H2   H  N N 99  
GLN HA   H  N N 100 
GLN HB2  H  N N 101 
GLN HB3  H  N N 102 
GLN HG2  H  N N 103 
GLN HG3  H  N N 104 
GLN HE21 H  N N 105 
GLN HE22 H  N N 106 
GLN HXT  H  N N 107 
GLU N    N  N N 108 
GLU CA   C  N S 109 
GLU C    C  N N 110 
GLU O    O  N N 111 
GLU CB   C  N N 112 
GLU CG   C  N N 113 
GLU CD   C  N N 114 
GLU OE1  O  N N 115 
GLU OE2  O  N N 116 
GLU OXT  O  N N 117 
GLU H    H  N N 118 
GLU H2   H  N N 119 
GLU HA   H  N N 120 
GLU HB2  H  N N 121 
GLU HB3  H  N N 122 
GLU HG2  H  N N 123 
GLU HG3  H  N N 124 
GLU HE2  H  N N 125 
GLU HXT  H  N N 126 
GLY N    N  N N 127 
GLY CA   C  N N 128 
GLY C    C  N N 129 
GLY O    O  N N 130 
GLY OXT  O  N N 131 
GLY H    H  N N 132 
GLY H2   H  N N 133 
GLY HA2  H  N N 134 
GLY HA3  H  N N 135 
GLY HXT  H  N N 136 
GOL C1   C  N N 137 
GOL O1   O  N N 138 
GOL C2   C  N N 139 
GOL O2   O  N N 140 
GOL C3   C  N N 141 
GOL O3   O  N N 142 
GOL H11  H  N N 143 
GOL H12  H  N N 144 
GOL HO1  H  N N 145 
GOL H2   H  N N 146 
GOL HO2  H  N N 147 
GOL H31  H  N N 148 
GOL H32  H  N N 149 
GOL HO3  H  N N 150 
HIS N    N  N N 151 
HIS CA   C  N S 152 
HIS C    C  N N 153 
HIS O    O  N N 154 
HIS CB   C  N N 155 
HIS CG   C  Y N 156 
HIS ND1  N  Y N 157 
HIS CD2  C  Y N 158 
HIS CE1  C  Y N 159 
HIS NE2  N  Y N 160 
HIS OXT  O  N N 161 
HIS H    H  N N 162 
HIS H2   H  N N 163 
HIS HA   H  N N 164 
HIS HB2  H  N N 165 
HIS HB3  H  N N 166 
HIS HD1  H  N N 167 
HIS HD2  H  N N 168 
HIS HE1  H  N N 169 
HIS HE2  H  N N 170 
HIS HXT  H  N N 171 
HOH O    O  N N 172 
HOH H1   H  N N 173 
HOH H2   H  N N 174 
ILE N    N  N N 175 
ILE CA   C  N S 176 
ILE C    C  N N 177 
ILE O    O  N N 178 
ILE CB   C  N S 179 
ILE CG1  C  N N 180 
ILE CG2  C  N N 181 
ILE CD1  C  N N 182 
ILE OXT  O  N N 183 
ILE H    H  N N 184 
ILE H2   H  N N 185 
ILE HA   H  N N 186 
ILE HB   H  N N 187 
ILE HG12 H  N N 188 
ILE HG13 H  N N 189 
ILE HG21 H  N N 190 
ILE HG22 H  N N 191 
ILE HG23 H  N N 192 
ILE HD11 H  N N 193 
ILE HD12 H  N N 194 
ILE HD13 H  N N 195 
ILE HXT  H  N N 196 
IT8 C4   C  N N 197 
IT8 C5   C  N N 198 
IT8 C6   C  N N 199 
IT8 C7   C  N N 200 
IT8 C8   C  N N 201 
IT8 C9   C  N N 202 
IT8 C10  C  N N 203 
IT8 N1   N  N N 204 
IT8 N2   N  N N 205 
IT8 C3   C  N R 206 
IT8 C1   C  N N 207 
IT8 C2   C  N N 208 
IT8 O1   O  N N 209 
IT8 O2   O  N N 210 
IT8 BR1  BR N N 211 
IT8 H1   H  N N 212 
IT8 H2   H  N N 213 
IT8 H7   H  N N 214 
IT8 H8   H  N N 215 
IT8 H9   H  N N 216 
IT8 H10  H  N N 217 
IT8 H11  H  N N 218 
IT8 H12  H  N N 219 
IT8 H13  H  N N 220 
IT8 H14  H  N N 221 
IT8 H15  H  N N 222 
IT8 H16  H  N N 223 
IT8 H17  H  N N 224 
IT8 H18  H  N N 225 
IT8 H19  H  N N 226 
LEU N    N  N N 227 
LEU CA   C  N S 228 
LEU C    C  N N 229 
LEU O    O  N N 230 
LEU CB   C  N N 231 
LEU CG   C  N N 232 
LEU CD1  C  N N 233 
LEU CD2  C  N N 234 
LEU OXT  O  N N 235 
LEU H    H  N N 236 
LEU H2   H  N N 237 
LEU HA   H  N N 238 
LEU HB2  H  N N 239 
LEU HB3  H  N N 240 
LEU HG   H  N N 241 
LEU HD11 H  N N 242 
LEU HD12 H  N N 243 
LEU HD13 H  N N 244 
LEU HD21 H  N N 245 
LEU HD22 H  N N 246 
LEU HD23 H  N N 247 
LEU HXT  H  N N 248 
LYS N    N  N N 249 
LYS CA   C  N S 250 
LYS C    C  N N 251 
LYS O    O  N N 252 
LYS CB   C  N N 253 
LYS CG   C  N N 254 
LYS CD   C  N N 255 
LYS CE   C  N N 256 
LYS NZ   N  N N 257 
LYS OXT  O  N N 258 
LYS H    H  N N 259 
LYS H2   H  N N 260 
LYS HA   H  N N 261 
LYS HB2  H  N N 262 
LYS HB3  H  N N 263 
LYS HG2  H  N N 264 
LYS HG3  H  N N 265 
LYS HD2  H  N N 266 
LYS HD3  H  N N 267 
LYS HE2  H  N N 268 
LYS HE3  H  N N 269 
LYS HZ1  H  N N 270 
LYS HZ2  H  N N 271 
LYS HZ3  H  N N 272 
LYS HXT  H  N N 273 
MET N    N  N N 274 
MET CA   C  N S 275 
MET C    C  N N 276 
MET O    O  N N 277 
MET CB   C  N N 278 
MET CG   C  N N 279 
MET SD   S  N N 280 
MET CE   C  N N 281 
MET OXT  O  N N 282 
MET H    H  N N 283 
MET H2   H  N N 284 
MET HA   H  N N 285 
MET HB2  H  N N 286 
MET HB3  H  N N 287 
MET HG2  H  N N 288 
MET HG3  H  N N 289 
MET HE1  H  N N 290 
MET HE2  H  N N 291 
MET HE3  H  N N 292 
MET HXT  H  N N 293 
PHE N    N  N N 294 
PHE CA   C  N S 295 
PHE C    C  N N 296 
PHE O    O  N N 297 
PHE CB   C  N N 298 
PHE CG   C  Y N 299 
PHE CD1  C  Y N 300 
PHE CD2  C  Y N 301 
PHE CE1  C  Y N 302 
PHE CE2  C  Y N 303 
PHE CZ   C  Y N 304 
PHE OXT  O  N N 305 
PHE H    H  N N 306 
PHE H2   H  N N 307 
PHE HA   H  N N 308 
PHE HB2  H  N N 309 
PHE HB3  H  N N 310 
PHE HD1  H  N N 311 
PHE HD2  H  N N 312 
PHE HE1  H  N N 313 
PHE HE2  H  N N 314 
PHE HZ   H  N N 315 
PHE HXT  H  N N 316 
PRO N    N  N N 317 
PRO CA   C  N S 318 
PRO C    C  N N 319 
PRO O    O  N N 320 
PRO CB   C  N N 321 
PRO CG   C  N N 322 
PRO CD   C  N N 323 
PRO OXT  O  N N 324 
PRO H    H  N N 325 
PRO HA   H  N N 326 
PRO HB2  H  N N 327 
PRO HB3  H  N N 328 
PRO HG2  H  N N 329 
PRO HG3  H  N N 330 
PRO HD2  H  N N 331 
PRO HD3  H  N N 332 
PRO HXT  H  N N 333 
SER N    N  N N 334 
SER CA   C  N S 335 
SER C    C  N N 336 
SER O    O  N N 337 
SER CB   C  N N 338 
SER OG   O  N N 339 
SER OXT  O  N N 340 
SER H    H  N N 341 
SER H2   H  N N 342 
SER HA   H  N N 343 
SER HB2  H  N N 344 
SER HB3  H  N N 345 
SER HG   H  N N 346 
SER HXT  H  N N 347 
THR N    N  N N 348 
THR CA   C  N S 349 
THR C    C  N N 350 
THR O    O  N N 351 
THR CB   C  N R 352 
THR OG1  O  N N 353 
THR CG2  C  N N 354 
THR OXT  O  N N 355 
THR H    H  N N 356 
THR H2   H  N N 357 
THR HA   H  N N 358 
THR HB   H  N N 359 
THR HG1  H  N N 360 
THR HG21 H  N N 361 
THR HG22 H  N N 362 
THR HG23 H  N N 363 
THR HXT  H  N N 364 
TRP N    N  N N 365 
TRP CA   C  N S 366 
TRP C    C  N N 367 
TRP O    O  N N 368 
TRP CB   C  N N 369 
TRP CG   C  Y N 370 
TRP CD1  C  Y N 371 
TRP CD2  C  Y N 372 
TRP NE1  N  Y N 373 
TRP CE2  C  Y N 374 
TRP CE3  C  Y N 375 
TRP CZ2  C  Y N 376 
TRP CZ3  C  Y N 377 
TRP CH2  C  Y N 378 
TRP OXT  O  N N 379 
TRP H    H  N N 380 
TRP H2   H  N N 381 
TRP HA   H  N N 382 
TRP HB2  H  N N 383 
TRP HB3  H  N N 384 
TRP HD1  H  N N 385 
TRP HE1  H  N N 386 
TRP HE3  H  N N 387 
TRP HZ2  H  N N 388 
TRP HZ3  H  N N 389 
TRP HH2  H  N N 390 
TRP HXT  H  N N 391 
TYR N    N  N N 392 
TYR CA   C  N S 393 
TYR C    C  N N 394 
TYR O    O  N N 395 
TYR CB   C  N N 396 
TYR CG   C  Y N 397 
TYR CD1  C  Y N 398 
TYR CD2  C  Y N 399 
TYR CE1  C  Y N 400 
TYR CE2  C  Y N 401 
TYR CZ   C  Y N 402 
TYR OH   O  N N 403 
TYR OXT  O  N N 404 
TYR H    H  N N 405 
TYR H2   H  N N 406 
TYR HA   H  N N 407 
TYR HB2  H  N N 408 
TYR HB3  H  N N 409 
TYR HD1  H  N N 410 
TYR HD2  H  N N 411 
TYR HE1  H  N N 412 
TYR HE2  H  N N 413 
TYR HH   H  N N 414 
TYR HXT  H  N N 415 
VAL N    N  N N 416 
VAL CA   C  N S 417 
VAL C    C  N N 418 
VAL O    O  N N 419 
VAL CB   C  N N 420 
VAL CG1  C  N N 421 
VAL CG2  C  N N 422 
VAL OXT  O  N N 423 
VAL H    H  N N 424 
VAL H2   H  N N 425 
VAL HA   H  N N 426 
VAL HB   H  N N 427 
VAL HG11 H  N N 428 
VAL HG12 H  N N 429 
VAL HG13 H  N N 430 
VAL HG21 H  N N 431 
VAL HG22 H  N N 432 
VAL HG23 H  N N 433 
VAL HXT  H  N N 434 
# 
loop_
_chem_comp_bond.comp_id 
_chem_comp_bond.atom_id_1 
_chem_comp_bond.atom_id_2 
_chem_comp_bond.value_order 
_chem_comp_bond.pdbx_aromatic_flag 
_chem_comp_bond.pdbx_stereo_config 
_chem_comp_bond.pdbx_ordinal 
ALA N   CA   sing N N 1   
ALA N   H    sing N N 2   
ALA N   H2   sing N N 3   
ALA CA  C    sing N N 4   
ALA CA  CB   sing N N 5   
ALA CA  HA   sing N N 6   
ALA C   O    doub N N 7   
ALA C   OXT  sing N N 8   
ALA CB  HB1  sing N N 9   
ALA CB  HB2  sing N N 10  
ALA CB  HB3  sing N N 11  
ALA OXT HXT  sing N N 12  
ARG N   CA   sing N N 13  
ARG N   H    sing N N 14  
ARG N   H2   sing N N 15  
ARG CA  C    sing N N 16  
ARG CA  CB   sing N N 17  
ARG CA  HA   sing N N 18  
ARG C   O    doub N N 19  
ARG C   OXT  sing N N 20  
ARG CB  CG   sing N N 21  
ARG CB  HB2  sing N N 22  
ARG CB  HB3  sing N N 23  
ARG CG  CD   sing N N 24  
ARG CG  HG2  sing N N 25  
ARG CG  HG3  sing N N 26  
ARG CD  NE   sing N N 27  
ARG CD  HD2  sing N N 28  
ARG CD  HD3  sing N N 29  
ARG NE  CZ   sing N N 30  
ARG NE  HE   sing N N 31  
ARG CZ  NH1  sing N N 32  
ARG CZ  NH2  doub N N 33  
ARG NH1 HH11 sing N N 34  
ARG NH1 HH12 sing N N 35  
ARG NH2 HH21 sing N N 36  
ARG NH2 HH22 sing N N 37  
ARG OXT HXT  sing N N 38  
ASN N   CA   sing N N 39  
ASN N   H    sing N N 40  
ASN N   H2   sing N N 41  
ASN CA  C    sing N N 42  
ASN CA  CB   sing N N 43  
ASN CA  HA   sing N N 44  
ASN C   O    doub N N 45  
ASN C   OXT  sing N N 46  
ASN CB  CG   sing N N 47  
ASN CB  HB2  sing N N 48  
ASN CB  HB3  sing N N 49  
ASN CG  OD1  doub N N 50  
ASN CG  ND2  sing N N 51  
ASN ND2 HD21 sing N N 52  
ASN ND2 HD22 sing N N 53  
ASN OXT HXT  sing N N 54  
ASP N   CA   sing N N 55  
ASP N   H    sing N N 56  
ASP N   H2   sing N N 57  
ASP CA  C    sing N N 58  
ASP CA  CB   sing N N 59  
ASP CA  HA   sing N N 60  
ASP C   O    doub N N 61  
ASP C   OXT  sing N N 62  
ASP CB  CG   sing N N 63  
ASP CB  HB2  sing N N 64  
ASP CB  HB3  sing N N 65  
ASP CG  OD1  doub N N 66  
ASP CG  OD2  sing N N 67  
ASP OD2 HD2  sing N N 68  
ASP OXT HXT  sing N N 69  
CYS N   CA   sing N N 70  
CYS N   H    sing N N 71  
CYS N   H2   sing N N 72  
CYS CA  C    sing N N 73  
CYS CA  CB   sing N N 74  
CYS CA  HA   sing N N 75  
CYS C   O    doub N N 76  
CYS C   OXT  sing N N 77  
CYS CB  SG   sing N N 78  
CYS CB  HB2  sing N N 79  
CYS CB  HB3  sing N N 80  
CYS SG  HG   sing N N 81  
CYS OXT HXT  sing N N 82  
GLN N   CA   sing N N 83  
GLN N   H    sing N N 84  
GLN N   H2   sing N N 85  
GLN CA  C    sing N N 86  
GLN CA  CB   sing N N 87  
GLN CA  HA   sing N N 88  
GLN C   O    doub N N 89  
GLN C   OXT  sing N N 90  
GLN CB  CG   sing N N 91  
GLN CB  HB2  sing N N 92  
GLN CB  HB3  sing N N 93  
GLN CG  CD   sing N N 94  
GLN CG  HG2  sing N N 95  
GLN CG  HG3  sing N N 96  
GLN CD  OE1  doub N N 97  
GLN CD  NE2  sing N N 98  
GLN NE2 HE21 sing N N 99  
GLN NE2 HE22 sing N N 100 
GLN OXT HXT  sing N N 101 
GLU N   CA   sing N N 102 
GLU N   H    sing N N 103 
GLU N   H2   sing N N 104 
GLU CA  C    sing N N 105 
GLU CA  CB   sing N N 106 
GLU CA  HA   sing N N 107 
GLU C   O    doub N N 108 
GLU C   OXT  sing N N 109 
GLU CB  CG   sing N N 110 
GLU CB  HB2  sing N N 111 
GLU CB  HB3  sing N N 112 
GLU CG  CD   sing N N 113 
GLU CG  HG2  sing N N 114 
GLU CG  HG3  sing N N 115 
GLU CD  OE1  doub N N 116 
GLU CD  OE2  sing N N 117 
GLU OE2 HE2  sing N N 118 
GLU OXT HXT  sing N N 119 
GLY N   CA   sing N N 120 
GLY N   H    sing N N 121 
GLY N   H2   sing N N 122 
GLY CA  C    sing N N 123 
GLY CA  HA2  sing N N 124 
GLY CA  HA3  sing N N 125 
GLY C   O    doub N N 126 
GLY C   OXT  sing N N 127 
GLY OXT HXT  sing N N 128 
GOL C1  O1   sing N N 129 
GOL C1  C2   sing N N 130 
GOL C1  H11  sing N N 131 
GOL C1  H12  sing N N 132 
GOL O1  HO1  sing N N 133 
GOL C2  O2   sing N N 134 
GOL C2  C3   sing N N 135 
GOL C2  H2   sing N N 136 
GOL O2  HO2  sing N N 137 
GOL C3  O3   sing N N 138 
GOL C3  H31  sing N N 139 
GOL C3  H32  sing N N 140 
GOL O3  HO3  sing N N 141 
HIS N   CA   sing N N 142 
HIS N   H    sing N N 143 
HIS N   H2   sing N N 144 
HIS CA  C    sing N N 145 
HIS CA  CB   sing N N 146 
HIS CA  HA   sing N N 147 
HIS C   O    doub N N 148 
HIS C   OXT  sing N N 149 
HIS CB  CG   sing N N 150 
HIS CB  HB2  sing N N 151 
HIS CB  HB3  sing N N 152 
HIS CG  ND1  sing Y N 153 
HIS CG  CD2  doub Y N 154 
HIS ND1 CE1  doub Y N 155 
HIS ND1 HD1  sing N N 156 
HIS CD2 NE2  sing Y N 157 
HIS CD2 HD2  sing N N 158 
HIS CE1 NE2  sing Y N 159 
HIS CE1 HE1  sing N N 160 
HIS NE2 HE2  sing N N 161 
HIS OXT HXT  sing N N 162 
HOH O   H1   sing N N 163 
HOH O   H2   sing N N 164 
ILE N   CA   sing N N 165 
ILE N   H    sing N N 166 
ILE N   H2   sing N N 167 
ILE CA  C    sing N N 168 
ILE CA  CB   sing N N 169 
ILE CA  HA   sing N N 170 
ILE C   O    doub N N 171 
ILE C   OXT  sing N N 172 
ILE CB  CG1  sing N N 173 
ILE CB  CG2  sing N N 174 
ILE CB  HB   sing N N 175 
ILE CG1 CD1  sing N N 176 
ILE CG1 HG12 sing N N 177 
ILE CG1 HG13 sing N N 178 
ILE CG2 HG21 sing N N 179 
ILE CG2 HG22 sing N N 180 
ILE CG2 HG23 sing N N 181 
ILE CD1 HD11 sing N N 182 
ILE CD1 HD12 sing N N 183 
ILE CD1 HD13 sing N N 184 
ILE OXT HXT  sing N N 185 
IT8 O1  C2   doub N N 186 
IT8 C9  C8   sing N N 187 
IT8 C2  C1   sing N N 188 
IT8 C2  N1   sing N N 189 
IT8 C8  C10  sing N N 190 
IT8 C8  C3   sing N N 191 
IT8 N1  C3   sing N N 192 
IT8 O2  C4   doub N N 193 
IT8 C3  C4   sing N N 194 
IT8 C4  N2   sing N N 195 
IT8 N2  C5   sing N N 196 
IT8 C5  C6   sing N N 197 
IT8 C6  C7   trip N N 198 
IT8 C7  BR1  sing N N 199 
IT8 C5  H1   sing N N 200 
IT8 C5  H2   sing N N 201 
IT8 C8  H7   sing N N 202 
IT8 C9  H8   sing N N 203 
IT8 C9  H9   sing N N 204 
IT8 C9  H10  sing N N 205 
IT8 C10 H11  sing N N 206 
IT8 C10 H12  sing N N 207 
IT8 C10 H13  sing N N 208 
IT8 N1  H14  sing N N 209 
IT8 N2  H15  sing N N 210 
IT8 C3  H16  sing N N 211 
IT8 C1  H17  sing N N 212 
IT8 C1  H18  sing N N 213 
IT8 C1  H19  sing N N 214 
LEU N   CA   sing N N 215 
LEU N   H    sing N N 216 
LEU N   H2   sing N N 217 
LEU CA  C    sing N N 218 
LEU CA  CB   sing N N 219 
LEU CA  HA   sing N N 220 
LEU C   O    doub N N 221 
LEU C   OXT  sing N N 222 
LEU CB  CG   sing N N 223 
LEU CB  HB2  sing N N 224 
LEU CB  HB3  sing N N 225 
LEU CG  CD1  sing N N 226 
LEU CG  CD2  sing N N 227 
LEU CG  HG   sing N N 228 
LEU CD1 HD11 sing N N 229 
LEU CD1 HD12 sing N N 230 
LEU CD1 HD13 sing N N 231 
LEU CD2 HD21 sing N N 232 
LEU CD2 HD22 sing N N 233 
LEU CD2 HD23 sing N N 234 
LEU OXT HXT  sing N N 235 
LYS N   CA   sing N N 236 
LYS N   H    sing N N 237 
LYS N   H2   sing N N 238 
LYS CA  C    sing N N 239 
LYS CA  CB   sing N N 240 
LYS CA  HA   sing N N 241 
LYS C   O    doub N N 242 
LYS C   OXT  sing N N 243 
LYS CB  CG   sing N N 244 
LYS CB  HB2  sing N N 245 
LYS CB  HB3  sing N N 246 
LYS CG  CD   sing N N 247 
LYS CG  HG2  sing N N 248 
LYS CG  HG3  sing N N 249 
LYS CD  CE   sing N N 250 
LYS CD  HD2  sing N N 251 
LYS CD  HD3  sing N N 252 
LYS CE  NZ   sing N N 253 
LYS CE  HE2  sing N N 254 
LYS CE  HE3  sing N N 255 
LYS NZ  HZ1  sing N N 256 
LYS NZ  HZ2  sing N N 257 
LYS NZ  HZ3  sing N N 258 
LYS OXT HXT  sing N N 259 
MET N   CA   sing N N 260 
MET N   H    sing N N 261 
MET N   H2   sing N N 262 
MET CA  C    sing N N 263 
MET CA  CB   sing N N 264 
MET CA  HA   sing N N 265 
MET C   O    doub N N 266 
MET C   OXT  sing N N 267 
MET CB  CG   sing N N 268 
MET CB  HB2  sing N N 269 
MET CB  HB3  sing N N 270 
MET CG  SD   sing N N 271 
MET CG  HG2  sing N N 272 
MET CG  HG3  sing N N 273 
MET SD  CE   sing N N 274 
MET CE  HE1  sing N N 275 
MET CE  HE2  sing N N 276 
MET CE  HE3  sing N N 277 
MET OXT HXT  sing N N 278 
PHE N   CA   sing N N 279 
PHE N   H    sing N N 280 
PHE N   H2   sing N N 281 
PHE CA  C    sing N N 282 
PHE CA  CB   sing N N 283 
PHE CA  HA   sing N N 284 
PHE C   O    doub N N 285 
PHE C   OXT  sing N N 286 
PHE CB  CG   sing N N 287 
PHE CB  HB2  sing N N 288 
PHE CB  HB3  sing N N 289 
PHE CG  CD1  doub Y N 290 
PHE CG  CD2  sing Y N 291 
PHE CD1 CE1  sing Y N 292 
PHE CD1 HD1  sing N N 293 
PHE CD2 CE2  doub Y N 294 
PHE CD2 HD2  sing N N 295 
PHE CE1 CZ   doub Y N 296 
PHE CE1 HE1  sing N N 297 
PHE CE2 CZ   sing Y N 298 
PHE CE2 HE2  sing N N 299 
PHE CZ  HZ   sing N N 300 
PHE OXT HXT  sing N N 301 
PRO N   CA   sing N N 302 
PRO N   CD   sing N N 303 
PRO N   H    sing N N 304 
PRO CA  C    sing N N 305 
PRO CA  CB   sing N N 306 
PRO CA  HA   sing N N 307 
PRO C   O    doub N N 308 
PRO C   OXT  sing N N 309 
PRO CB  CG   sing N N 310 
PRO CB  HB2  sing N N 311 
PRO CB  HB3  sing N N 312 
PRO CG  CD   sing N N 313 
PRO CG  HG2  sing N N 314 
PRO CG  HG3  sing N N 315 
PRO CD  HD2  sing N N 316 
PRO CD  HD3  sing N N 317 
PRO OXT HXT  sing N N 318 
SER N   CA   sing N N 319 
SER N   H    sing N N 320 
SER N   H2   sing N N 321 
SER CA  C    sing N N 322 
SER CA  CB   sing N N 323 
SER CA  HA   sing N N 324 
SER C   O    doub N N 325 
SER C   OXT  sing N N 326 
SER CB  OG   sing N N 327 
SER CB  HB2  sing N N 328 
SER CB  HB3  sing N N 329 
SER OG  HG   sing N N 330 
SER OXT HXT  sing N N 331 
THR N   CA   sing N N 332 
THR N   H    sing N N 333 
THR N   H2   sing N N 334 
THR CA  C    sing N N 335 
THR CA  CB   sing N N 336 
THR CA  HA   sing N N 337 
THR C   O    doub N N 338 
THR C   OXT  sing N N 339 
THR CB  OG1  sing N N 340 
THR CB  CG2  sing N N 341 
THR CB  HB   sing N N 342 
THR OG1 HG1  sing N N 343 
THR CG2 HG21 sing N N 344 
THR CG2 HG22 sing N N 345 
THR CG2 HG23 sing N N 346 
THR OXT HXT  sing N N 347 
TRP N   CA   sing N N 348 
TRP N   H    sing N N 349 
TRP N   H2   sing N N 350 
TRP CA  C    sing N N 351 
TRP CA  CB   sing N N 352 
TRP CA  HA   sing N N 353 
TRP C   O    doub N N 354 
TRP C   OXT  sing N N 355 
TRP CB  CG   sing N N 356 
TRP CB  HB2  sing N N 357 
TRP CB  HB3  sing N N 358 
TRP CG  CD1  doub Y N 359 
TRP CG  CD2  sing Y N 360 
TRP CD1 NE1  sing Y N 361 
TRP CD1 HD1  sing N N 362 
TRP CD2 CE2  doub Y N 363 
TRP CD2 CE3  sing Y N 364 
TRP NE1 CE2  sing Y N 365 
TRP NE1 HE1  sing N N 366 
TRP CE2 CZ2  sing Y N 367 
TRP CE3 CZ3  doub Y N 368 
TRP CE3 HE3  sing N N 369 
TRP CZ2 CH2  doub Y N 370 
TRP CZ2 HZ2  sing N N 371 
TRP CZ3 CH2  sing Y N 372 
TRP CZ3 HZ3  sing N N 373 
TRP CH2 HH2  sing N N 374 
TRP OXT HXT  sing N N 375 
TYR N   CA   sing N N 376 
TYR N   H    sing N N 377 
TYR N   H2   sing N N 378 
TYR CA  C    sing N N 379 
TYR CA  CB   sing N N 380 
TYR CA  HA   sing N N 381 
TYR C   O    doub N N 382 
TYR C   OXT  sing N N 383 
TYR CB  CG   sing N N 384 
TYR CB  HB2  sing N N 385 
TYR CB  HB3  sing N N 386 
TYR CG  CD1  doub Y N 387 
TYR CG  CD2  sing Y N 388 
TYR CD1 CE1  sing Y N 389 
TYR CD1 HD1  sing N N 390 
TYR CD2 CE2  doub Y N 391 
TYR CD2 HD2  sing N N 392 
TYR CE1 CZ   doub Y N 393 
TYR CE1 HE1  sing N N 394 
TYR CE2 CZ   sing Y N 395 
TYR CE2 HE2  sing N N 396 
TYR CZ  OH   sing N N 397 
TYR OH  HH   sing N N 398 
TYR OXT HXT  sing N N 399 
VAL N   CA   sing N N 400 
VAL N   H    sing N N 401 
VAL N   H2   sing N N 402 
VAL CA  C    sing N N 403 
VAL CA  CB   sing N N 404 
VAL CA  HA   sing N N 405 
VAL C   O    doub N N 406 
VAL C   OXT  sing N N 407 
VAL CB  CG1  sing N N 408 
VAL CB  CG2  sing N N 409 
VAL CB  HB   sing N N 410 
VAL CG1 HG11 sing N N 411 
VAL CG1 HG12 sing N N 412 
VAL CG1 HG13 sing N N 413 
VAL CG2 HG21 sing N N 414 
VAL CG2 HG22 sing N N 415 
VAL CG2 HG23 sing N N 416 
VAL OXT HXT  sing N N 417 
# 
loop_
_pdbx_audit_support.funding_organization 
_pdbx_audit_support.country 
_pdbx_audit_support.grant_number 
_pdbx_audit_support.ordinal 
'Cancer Research UK' 'United Kingdom' C57659/A27310 1 
'Cancer Research UK' 'United Kingdom' C1362/A20263  2 
'Cancer Research UK' 'United Kingdom' C2215/A21421  3 
# 
_pdbx_entity_instance_feature.ordinal        1 
_pdbx_entity_instance_feature.comp_id        IT8 
_pdbx_entity_instance_feature.asym_id        ? 
_pdbx_entity_instance_feature.seq_num        ? 
_pdbx_entity_instance_feature.auth_comp_id   IT8 
_pdbx_entity_instance_feature.auth_asym_id   ? 
_pdbx_entity_instance_feature.auth_seq_num   ? 
_pdbx_entity_instance_feature.feature_type   'SUBJECT OF INVESTIGATION' 
_pdbx_entity_instance_feature.details        ? 
# 
_pdbx_initial_refinement_model.id               1 
_pdbx_initial_refinement_model.entity_id_list   ? 
_pdbx_initial_refinement_model.type             'experimental model' 
_pdbx_initial_refinement_model.source_name      PDB 
_pdbx_initial_refinement_model.accession_code   5LRQ 
_pdbx_initial_refinement_model.details          ? 
# 
_atom_sites.entry_id                    7ZFZ 
_atom_sites.Cartn_transf_matrix[1][1]   ? 
_atom_sites.Cartn_transf_matrix[1][2]   ? 
_atom_sites.Cartn_transf_matrix[1][3]   ? 
_atom_sites.Cartn_transf_matrix[2][1]   ? 
_atom_sites.Cartn_transf_matrix[2][2]   ? 
_atom_sites.Cartn_transf_matrix[2][3]   ? 
_atom_sites.Cartn_transf_matrix[3][1]   ? 
_atom_sites.Cartn_transf_matrix[3][2]   ? 
_atom_sites.Cartn_transf_matrix[3][3]   ? 
_atom_sites.Cartn_transf_vector[1]      ? 
_atom_sites.Cartn_transf_vector[2]      ? 
_atom_sites.Cartn_transf_vector[3]      ? 
_atom_sites.fract_transf_matrix[1][1]   -0.02070182 
_atom_sites.fract_transf_matrix[1][2]   0.00583341 
_atom_sites.fract_transf_matrix[1][3]   0.01539336 
_atom_sites.fract_transf_matrix[2][1]   -0.01172562 
_atom_sites.fract_transf_matrix[2][2]   0.00716394 
_atom_sites.fract_transf_matrix[2][3]   -0.01848407 
_atom_sites.fract_transf_matrix[3][1]   -0.00451153 
_atom_sites.fract_transf_matrix[3][2]   -0.01164900 
_atom_sites.fract_transf_matrix[3][3]   -0.00165289 
_atom_sites.fract_transf_vector[1]      -0.318443 
_atom_sites.fract_transf_vector[2]      0.065883 
_atom_sites.fract_transf_vector[3]      -0.116403 
_atom_sites.solution_primary            ? 
_atom_sites.solution_secondary          ? 
_atom_sites.solution_hydrogens          ? 
_atom_sites.special_details             ? 
# 
loop_
_atom_type.symbol 
_atom_type.pdbx_scat_Z 
_atom_type.pdbx_N_electrons 
_atom_type.scat_Cromer_Mann_a1 
_atom_type.scat_Cromer_Mann_b1 
_atom_type.scat_Cromer_Mann_a2 
_atom_type.scat_Cromer_Mann_b2 
_atom_type.scat_Cromer_Mann_a3 
_atom_type.scat_Cromer_Mann_b3 
_atom_type.scat_Cromer_Mann_a4 
_atom_type.scat_Cromer_Mann_b4 
_atom_type.scat_Cromer_Mann_c 
BR 35 35 17.182 2.172  5.237 16.580 5.639 0.261  3.986 41.433 0.001   
C  6  6  2.310  20.844 1.020 10.208 1.589 0.569  0.865 51.651 0.216   
N  7  7  12.222 0.006  3.135 9.893  2.014 28.997 1.167 0.583  -11.538 
O  8  8  3.049  13.277 2.287 5.701  1.546 0.324  0.867 32.909 0.251   
S  16 16 6.905  1.468  5.203 22.215 1.438 0.254  1.586 56.172 1.042   
# 
loop_
_atom_site.group_PDB 
_atom_site.id 
_atom_site.type_symbol 
_atom_site.label_atom_id 
_atom_site.label_alt_id 
_atom_site.label_comp_id 
_atom_site.label_asym_id 
_atom_site.label_entity_id 
_atom_site.label_seq_id 
_atom_site.pdbx_PDB_ins_code 
_atom_site.Cartn_x 
_atom_site.Cartn_y 
_atom_site.Cartn_z 
_atom_site.occupancy 
_atom_site.B_iso_or_equiv 
_atom_site.pdbx_formal_charge 
_atom_site.auth_seq_id 
_atom_site.auth_comp_id 
_atom_site.auth_asym_id 
_atom_site.auth_atom_id 
_atom_site.pdbx_PDB_model_num 
_atom_site.calc_flag 
ATOM   1    N  N   . GLY A 1 1   ? 8.132   -0.306  18.045  1.000 31.030  ? 40  GLY AAA N   1 ? 
ATOM   2    C  CA  . GLY A 1 1   ? 8.020   -1.764  18.026  1.000 23.065  ? 40  GLY AAA CA  1 ? 
ATOM   3    C  C   . GLY A 1 1   ? 9.405   -2.404  18.101  1.000 20.119  ? 40  GLY AAA C   1 ? 
ATOM   4    O  O   . GLY A 1 1   ? 10.365  -1.755  18.480  1.000 20.796  ? 40  GLY AAA O   1 ? 
ATOM   5    N  N   . SER A 1 2   ? 9.503   -3.626  17.601  1.000 18.108  ? 41  SER AAA N   1 ? 
ATOM   6    C  CA  . SER A 1 2   ? 10.697  -4.451  17.730  1.000 15.939  ? 41  SER AAA CA  1 ? 
ATOM   7    C  C   . SER A 1 2   ? 11.836  -3.910  16.881  1.000 15.048  ? 41  SER AAA C   1 ? 
ATOM   8    O  O   . SER A 1 2   ? 11.645  -3.597  15.693  1.000 15.012  ? 41  SER AAA O   1 ? 
ATOM   9    C  CB  . SER A 1 2   ? 10.390  -5.863  17.333  1.000 16.476  ? 41  SER AAA CB  1 ? 
ATOM   10   O  OG  . SER A 1 2   ? 11.600  -6.615  17.285  1.000 15.619  ? 41  SER AAA OG  1 ? 
ATOM   11   N  N   . HIS A 1 3   ? 13.059  -3.968  17.429  1.000 13.638  ? 42  HIS AAA N   1 ? 
ATOM   12   C  CA  . HIS A 1 3   ? 14.273  -3.706  16.695  1.000 14.175  ? 42  HIS AAA CA  1 ? 
ATOM   13   C  C   . HIS A 1 3   ? 14.487  -4.664  15.525  1.000 13.849  ? 42  HIS AAA C   1 ? 
ATOM   14   O  O   . HIS A 1 3   ? 15.303  -4.425  14.638  1.000 16.480  ? 42  HIS AAA O   1 ? 
ATOM   15   C  CB  . HIS A 1 3   ? 15.510  -3.682  17.620  1.000 16.238  ? 42  HIS AAA CB  1 ? 
ATOM   16   C  CG  . HIS A 1 3   ? 15.979  -5.048  17.992  1.000 16.040  ? 42  HIS AAA CG  1 ? 
ATOM   17   N  ND1 . HIS A 1 3   ? 15.257  -5.846  18.850  1.000 16.047  ? 42  HIS AAA ND1 1 ? 
ATOM   18   C  CD2 . HIS A 1 3   ? 17.077  -5.755  17.645  1.000 18.431  ? 42  HIS AAA CD2 1 ? 
ATOM   19   C  CE1 . HIS A 1 3   ? 15.912  -6.994  19.050  1.000 17.650  ? 42  HIS AAA CE1 1 ? 
ATOM   20   N  NE2 . HIS A 1 3   ? 17.001  -6.964  18.287  1.000 18.169  ? 42  HIS AAA NE2 1 ? 
ATOM   21   N  N   . MET A 1 4   ? 13.789  -5.808  15.508  1.000 12.342  ? 43  MET AAA N   1 ? 
ATOM   22   C  CA  . MET A 1 4   ? 13.938  -6.764  14.428  1.000 12.473  ? 43  MET AAA CA  1 ? 
ATOM   23   C  C   . MET A 1 4   ? 13.009  -6.480  13.250  1.000 12.190  ? 43  MET AAA C   1 ? 
ATOM   24   O  O   . MET A 1 4   ? 13.175  -7.134  12.215  1.000 15.196  ? 43  MET AAA O   1 ? 
ATOM   25   C  CB  . MET A 1 4   ? 13.708  -8.186  14.951  1.000 14.261  ? 43  MET AAA CB  1 ? 
ATOM   26   C  CG  . MET A 1 4   ? 14.684  -8.541  16.079  1.000 14.285  ? 43  MET AAA CG  1 ? 
ATOM   27   S  SD  . MET A 1 4   ? 14.757  -10.250 16.465  1.000 19.590  ? 43  MET AAA SD  1 ? 
ATOM   28   C  CE  . MET A 1 4   ? 13.096  -10.833 16.216  1.000 21.576  ? 43  MET AAA CE  1 ? 
ATOM   29   N  N   . ASN A 1 5   ? 12.110  -5.507  13.353  1.000 10.717  ? 44  ASN AAA N   1 ? 
ATOM   30   C  CA  . ASN A 1 5   ? 11.358  -5.035  12.189  1.000 11.202  ? 44  ASN AAA CA  1 ? 
ATOM   31   C  C   . ASN A 1 5   ? 12.049  -3.800  11.651  1.000 11.594  ? 44  ASN AAA C   1 ? 
ATOM   32   O  O   . ASN A 1 5   ? 12.602  -3.017  12.422  1.000 13.378  ? 44  ASN AAA O   1 ? 
ATOM   33   C  CB  . ASN A 1 5   ? 9.923   -4.689  12.559  1.000 11.502  ? 44  ASN AAA CB  1 ? 
ATOM   34   C  CG  . ASN A 1 5   ? 9.087   -5.921  12.808  1.000 12.433  ? 44  ASN AAA CG  1 ? 
ATOM   35   O  OD1 . ASN A 1 5   ? 9.144   -6.892  12.044  1.000 13.583  ? 44  ASN AAA OD1 1 ? 
ATOM   36   N  ND2 . ASN A 1 5   ? 8.280   -5.838  13.841  1.000 13.337  ? 44  ASN AAA ND2 1 ? 
ATOM   37   N  N   . PRO A 1 6   ? 12.047  -3.543  10.338  1.000 11.158  ? 45  PRO AAA N   1 ? 
ATOM   38   C  CA  . PRO A 1 6   ? 12.665  -2.337  9.820   1.000 11.663  ? 45  PRO AAA CA  1 ? 
ATOM   39   C  C   . PRO A 1 6   ? 11.824  -1.128  10.179  1.000 12.088  ? 45  PRO AAA C   1 ? 
ATOM   40   O  O   . PRO A 1 6   ? 10.632  -1.215  10.449  1.000 12.819  ? 45  PRO AAA O   1 ? 
ATOM   41   C  CB  . PRO A 1 6   ? 12.620  -2.566  8.297   1.000 12.228  ? 45  PRO AAA CB  1 ? 
ATOM   42   C  CG  . PRO A 1 6   ? 11.418  -3.451  8.092   1.000 13.542  ? 45  PRO AAA CG  1 ? 
ATOM   43   C  CD  . PRO A 1 6   ? 11.418  -4.370  9.296   1.000 11.986  ? 45  PRO AAA CD  1 ? 
ATOM   44   N  N   . PRO A 1 7   ? 12.423  0.086   10.111  1.000 12.612  ? 46  PRO AAA N   1 ? 
ATOM   45   C  CA  . PRO A 1 7   ? 11.612  1.296   10.198  1.000 13.671  ? 46  PRO AAA CA  1 ? 
ATOM   46   C  C   . PRO A 1 7   ? 10.623  1.303   9.042   1.000 13.907  ? 46  PRO AAA C   1 ? 
ATOM   47   O  O   . PRO A 1 7   ? 10.908  0.797   7.960   1.000 14.005  ? 46  PRO AAA O   1 ? 
ATOM   48   C  CB  . PRO A 1 7   ? 12.601  2.450   9.999   1.000 15.145  ? 46  PRO AAA CB  1 ? 
ATOM   49   C  CG  . PRO A 1 7   ? 13.781  1.815   9.356   1.000 17.878  ? 46  PRO AAA CG  1 ? 
ATOM   50   C  CD  . PRO A 1 7   ? 13.812  0.334   9.718   1.000 15.405  ? 46  PRO AAA CD  1 ? 
ATOM   51   N  N   . PRO A 1 8   ? 9.419   1.821   9.273   1.000 14.814  ? 47  PRO AAA N   1 ? 
ATOM   52   C  CA  . PRO A 1 8   ? 8.400   1.834   8.230   1.000 15.542  ? 47  PRO AAA CA  1 ? 
ATOM   53   C  C   . PRO A 1 8   ? 8.804   2.812   7.142   1.000 14.604  ? 47  PRO AAA C   1 ? 
ATOM   54   O  O   . PRO A 1 8   ? 9.679   3.647   7.334   1.000 16.123  ? 47  PRO AAA O   1 ? 
ATOM   55   C  CB  . PRO A 1 8   ? 7.173   2.279   9.028   1.000 19.010  ? 47  PRO AAA CB  1 ? 
ATOM   56   C  CG  . PRO A 1 8   ? 7.738   3.176   10.105  1.000 20.735  ? 47  PRO AAA CG  1 ? 
ATOM   57   C  CD  . PRO A 1 8   ? 8.984   2.442   10.533  1.000 18.824  ? 47  PRO AAA CD  1 ? 
ATOM   58   N  N   . PRO A 1 9   ? 8.175   2.767   5.955   1.000 13.137  ? 48  PRO AAA N   1 ? 
ATOM   59   C  CA  . PRO A 1 9   ? 8.473   3.740   4.911   1.000 12.913  ? 48  PRO AAA CA  1 ? 
ATOM   60   C  C   . PRO A 1 9   ? 8.168   5.162   5.400   1.000 12.468  ? 48  PRO AAA C   1 ? 
ATOM   61   O  O   . PRO A 1 9   ? 7.252   5.384   6.149   1.000 13.910  ? 48  PRO AAA O   1 ? 
ATOM   62   C  CB  . PRO A 1 9   ? 7.564   3.309   3.732   1.000 12.616  ? 48  PRO AAA CB  1 ? 
ATOM   63   C  CG  . PRO A 1 9   ? 7.231   1.862   4.041   1.000 13.514  ? 48  PRO AAA CG  1 ? 
ATOM   64   C  CD  . PRO A 1 9   ? 7.137   1.772   5.544   1.000 13.068  ? 48  PRO AAA CD  1 ? 
ATOM   65   N  N   . GLU A 1 10  ? 8.968   6.090   4.877   1.000 14.841  ? 49  GLU AAA N   1 ? 
ATOM   66   C  CA  . GLU A 1 10  ? 8.867   7.532   5.083   1.000 16.947  ? 49  GLU AAA CA  1 ? 
ATOM   67   C  C   . GLU A 1 10  ? 7.429   8.011   4.809   1.000 15.085  ? 49  GLU AAA C   1 ? 
ATOM   68   O  O   . GLU A 1 10  ? 6.898   7.695   3.740   1.000 14.224  ? 49  GLU AAA O   1 ? 
ATOM   69   C  CB  . GLU A 1 10  ? 9.792   8.210   4.046   1.000 18.773  ? 49  GLU AAA CB  1 ? 
ATOM   70   C  CG  . GLU A 1 10  ? 10.017  9.672   4.308   1.000 20.137  ? 49  GLU AAA CG  1 ? 
ATOM   71   C  CD  . GLU A 1 10  ? 11.076  10.236  3.424   1.000 20.204  ? 49  GLU AAA CD  1 ? 
ATOM   72   O  OE1 . GLU A 1 10  ? 12.177  10.553  3.935   1.000 26.204  ? 49  GLU AAA OE1 1 ? 
ATOM   73   O  OE2 . GLU A 1 10  ? 10.790  10.427  2.260   1.000 17.585  ? 49  GLU AAA OE2 1 ? 
ATOM   74   N  N   . THR A 1 11  ? 6.821   8.797   5.704   1.000 14.653  ? 50  THR AAA N   1 ? 
ATOM   75   C  CA  . THR A 1 11  ? 5.564   9.472   5.398   1.000 15.382  ? 50  THR AAA CA  1 ? 
ATOM   76   C  C   . THR A 1 11  ? 5.644   11.001  5.522   1.000 13.666  ? 50  THR AAA C   1 ? 
ATOM   77   O  O   . THR A 1 11  ? 4.641   11.652  5.245   1.000 15.852  ? 50  THR AAA O   1 ? 
ATOM   78   C  CB  . THR A 1 11  ? 4.389   8.946   6.221   1.000 15.926  ? 50  THR AAA CB  1 ? 
ATOM   79   O  OG1 . THR A 1 11  ? 4.673   9.218   7.595   1.000 21.359  ? 50  THR AAA OG1 1 ? 
ATOM   80   C  CG2 . THR A 1 11  ? 4.174   7.458   6.046   1.000 17.280  ? 50  THR AAA CG2 1 ? 
ATOM   81   N  N   . SER A 1 12  ? 6.814   11.501  5.892   1.000 14.424  ? 51  SER AAA N   1 ? 
ATOM   82   C  CA  . SER A 1 12  ? 7.036   12.916  6.152   1.000 15.550  ? 51  SER AAA CA  1 ? 
ATOM   83   C  C   . SER A 1 12  ? 8.468   13.178  5.720   1.000 15.870  ? 51  SER AAA C   1 ? 
ATOM   84   O  O   . SER A 1 12  ? 9.387   12.459  6.118   1.000 18.473  ? 51  SER AAA O   1 ? 
ATOM   85   C  CB  . SER A 1 12  ? 6.901   13.155  7.653   1.000 18.946  ? 51  SER AAA CB  1 ? 
ATOM   86   O  OG  . SER A 1 12  ? 7.355   14.459  7.975   1.000 23.419  ? 51  SER AAA OG  1 ? 
ATOM   87   N  N   . ASN A 1 13  ? 8.689   14.232  4.939   1.000 14.589  ? 52  ASN AAA N   1 ? 
ATOM   88   C  CA  . ASN A 1 13  ? 10.033  14.701  4.640   1.000 14.490  ? 52  ASN AAA CA  1 ? 
ATOM   89   C  C   . ASN A 1 13  ? 9.897   16.111  4.077   1.000 12.782  ? 52  ASN AAA C   1 ? 
ATOM   90   O  O   . ASN A 1 13  ? 9.518   16.283  2.901   1.000 12.285  ? 52  ASN AAA O   1 ? 
ATOM   91   C  CB  . ASN A 1 13  ? 10.791  13.863  3.609   1.000 17.821  ? 52  ASN AAA CB  1 ? 
ATOM   92   C  CG  . ASN A 1 13  ? 12.222  14.347  3.423   1.000 17.269  ? 52  ASN AAA CG  1 ? 
ATOM   93   O  OD1 . ASN A 1 13  ? 12.587  15.455  3.771   1.000 19.503  ? 52  ASN AAA OD1 1 ? 
ATOM   94   N  ND2 . ASN A 1 13  ? 13.052  13.480  2.855   1.000 26.127  ? 52  ASN AAA ND2 1 ? 
ATOM   95   N  N   . PRO A 1 14  ? 10.242  17.172  4.823   1.000 12.693  ? 53  PRO AAA N   1 ? 
ATOM   96   C  CA  . PRO A 1 14  ? 10.149  18.508  4.276   1.000 13.184  ? 53  PRO AAA CA  1 ? 
ATOM   97   C  C   . PRO A 1 14  ? 10.949  18.813  3.032   1.000 14.200  ? 53  PRO AAA C   1 ? 
ATOM   98   O  O   . PRO A 1 14  ? 10.629  19.792  2.377   1.000 17.348  ? 53  PRO AAA O   1 ? 
ATOM   99   C  CB  . PRO A 1 14  ? 10.598  19.447  5.395   1.000 15.121  ? 53  PRO AAA CB  1 ? 
ATOM   100  C  CG  . PRO A 1 14  ? 10.213  18.656  6.596   1.000 15.897  ? 53  PRO AAA CG  1 ? 
ATOM   101  C  CD  . PRO A 1 14  ? 10.531  17.202  6.264   1.000 13.961  ? 53  PRO AAA CD  1 ? 
ATOM   102  N  N   . ASN A 1 15  ? 11.965  18.019  2.754   1.000 14.183  ? 54  ASN AAA N   1 ? 
ATOM   103  C  CA  . ASN A 1 15  ? 12.781  18.336  1.591   1.000 15.843  ? 54  ASN AAA CA  1 ? 
ATOM   104  C  C   . ASN A 1 15  ? 12.123  17.857  0.301   1.000 15.183  ? 54  ASN AAA C   1 ? 
ATOM   105  O  O   . ASN A 1 15  ? 12.588  18.219  -0.786  1.000 17.077  ? 54  ASN AAA O   1 ? 
ATOM   106  C  CB  . ASN A 1 15  ? 14.179  17.774  1.747   1.000 17.237  ? 54  ASN AAA CB  1 ? 
ATOM   107  C  CG  . ASN A 1 15  ? 14.937  18.460  2.864   1.000 16.485  ? 54  ASN AAA CG  1 ? 
ATOM   108  O  OD1 . ASN A 1 15  ? 14.915  19.689  3.006   1.000 18.703  ? 54  ASN AAA OD1 1 ? 
ATOM   109  N  ND2 . ASN A 1 15  ? 15.618  17.668  3.658   1.000 19.751  ? 54  ASN AAA ND2 1 ? 
ATOM   110  N  N   . LYS A 1 16  ? 11.112  16.979  0.393   1.000 14.284  ? 55  LYS AAA N   1 ? 
ATOM   111  C  CA  . LYS A 1 16  ? 10.508  16.399  -0.804  1.000 14.061  ? 55  LYS AAA CA  1 ? 
ATOM   112  C  C   . LYS A 1 16  ? 9.403   17.323  -1.283  1.000 14.592  ? 55  LYS AAA C   1 ? 
ATOM   113  O  O   . LYS A 1 16  ? 8.507   17.652  -0.536  1.000 14.120  ? 55  LYS AAA O   1 ? 
ATOM   114  C  CB  . LYS A 1 16  ? 9.903   15.048  -0.439  1.000 13.365  ? 55  LYS AAA CB  1 ? 
ATOM   115  C  CG  . LYS A 1 16  ? 9.304   14.290  -1.628  1.000 14.044  ? 55  LYS AAA CG  1 ? 
ATOM   116  C  CD  . LYS A 1 16  ? 8.551   13.017  -1.253  1.000 13.090  ? 55  LYS AAA CD  1 ? 
ATOM   117  C  CE  . LYS A 1 16  ? 8.075   12.177  -2.431  1.000 14.214  ? 55  LYS AAA CE  1 ? 
ATOM   118  N  NZ  . LYS A 1 16  ? 6.992   12.859  -3.197  1.000 12.174  ? 55  LYS AAA NZ  1 ? 
ATOM   119  N  N   . PRO A 1 17  ? 9.408   17.823  -2.552  1.000 16.442  ? 56  PRO AAA N   1 ? 
ATOM   120  C  CA  . PRO A 1 17  ? 8.323   18.714  -3.000  1.000 16.135  ? 56  PRO AAA CA  1 ? 
ATOM   121  C  C   . PRO A 1 17  ? 6.973   17.984  -3.078  1.000 15.061  ? 56  PRO AAA C   1 ? 
ATOM   122  O  O   . PRO A 1 17  ? 6.953   16.810  -3.340  1.000 15.186  ? 56  PRO AAA O   1 ? 
ATOM   123  C  CB  . PRO A 1 17  ? 8.832   19.160  -4.379  1.000 16.823  ? 56  PRO AAA CB  1 ? 
ATOM   124  C  CG  . PRO A 1 17  ? 9.629   17.967  -4.811  1.000 20.928  ? 56  PRO AAA CG  1 ? 
ATOM   125  C  CD  . PRO A 1 17  ? 10.453  17.618  -3.573  1.000 16.359  ? 56  PRO AAA CD  1 ? 
ATOM   126  N  N   . LYS A 1 18  ? 5.903   18.706  -2.773  1.000 16.557  ? 57  LYS AAA N   1 ? 
ATOM   127  C  CA  . LYS A 1 18  ? 4.606   18.074  -2.547  1.000 16.345  ? 57  LYS AAA CA  1 ? 
ATOM   128  C  C   . LYS A 1 18  ? 3.624   18.807  -3.419  1.000 14.594  ? 57  LYS AAA C   1 ? 
ATOM   129  O  O   . LYS A 1 18  ? 3.799   20.001  -3.609  1.000 14.738  ? 57  LYS AAA O   1 ? 
ATOM   130  C  CB  . LYS A 1 18  ? 4.128   18.377  -1.110  1.000 15.956  ? 57  LYS AAA CB  1 ? 
ATOM   131  C  CG  . LYS A 1 18  ? 5.171   18.096  -0.070  1.000 14.964  ? 57  LYS AAA CG  1 ? 
ATOM   132  C  CD  . LYS A 1 18  ? 5.546   16.624  -0.123  1.000 16.261  ? 57  LYS AAA CD  1 ? 
ATOM   133  C  CE  . LYS A 1 18  ? 6.047   16.122  1.212   1.000 16.712  ? 57  LYS AAA CE  1 ? 
ATOM   134  N  NZ  . LYS A 1 18  ? 7.144   16.975  1.732   1.000 14.134  ? 57  LYS AAA NZ  1 ? 
ATOM   135  N  N   . ARG A 1 19  ? 2.561   18.137  -3.820  1.000 13.418  ? 58  ARG AAA N   1 ? 
ATOM   136  C  CA  . ARG A 1 19  ? 1.520   18.869  -4.504  1.000 14.825  ? 58  ARG AAA CA  1 ? 
ATOM   137  C  C   . ARG A 1 19  ? 0.212   18.147  -4.247  1.000 15.863  ? 58  ARG AAA C   1 ? 
ATOM   138  O  O   . ARG A 1 19  ? 0.214   16.954  -4.025  1.000 20.824  ? 58  ARG AAA O   1 ? 
ATOM   139  C  CB  . ARG A 1 19  ? 1.946   18.895  -5.987  1.000 18.162  ? 58  ARG AAA CB  1 ? 
ATOM   140  C  CG  . ARG A 1 19  ? 0.978   19.453  -7.010  1.000 20.699  ? 58  ARG AAA CG  1 ? 
ATOM   141  C  CD  . ARG A 1 19  ? 1.842   19.278  -8.258  1.000 15.041  ? 58  ARG AAA CD  1 ? 
ATOM   142  N  NE  . ARG A 1 19  ? 1.934   17.959  -8.876  1.000 13.692  ? 58  ARG AAA NE  1 ? 
ATOM   143  C  CZ  . ARG A 1 19  ? 1.906   17.744  -10.170 1.000 12.869  ? 58  ARG AAA CZ  1 ? 
ATOM   144  N  NH1 . ARG A 1 19  ? 1.852   18.743  -11.047 1.000 15.965  ? 58  ARG AAA NH1 1 ? 
ATOM   145  N  NH2 . ARG A 1 19  ? 1.917   16.487  -10.598 1.000 15.698  ? 58  ARG AAA NH2 1 ? 
ATOM   146  N  N   . GLN A 1 20  ? -0.871  18.913  -4.207  1.000 15.865  ? 59  GLN AAA N   1 ? 
ATOM   147  C  CA  . GLN A 1 20  ? -2.202  18.349  -4.328  1.000 19.424  ? 59  GLN AAA CA  1 ? 
ATOM   148  C  C   . GLN A 1 20  ? -2.580  18.344  -5.807  1.000 17.714  ? 59  GLN AAA C   1 ? 
ATOM   149  O  O   . GLN A 1 20  ? -2.365  19.326  -6.539  1.000 21.829  ? 59  GLN AAA O   1 ? 
ATOM   150  C  CB  . GLN A 1 20  ? -3.180  19.244  -3.567  1.000 24.773  ? 59  GLN AAA CB  1 ? 
ATOM   151  C  CG  . GLN A 1 20  ? -2.978  19.202  -2.062  1.000 30.092  ? 59  GLN AAA CG  1 ? 
ATOM   152  C  CD  . GLN A 1 20  ? -4.249  19.446  -1.287  1.000 39.992  ? 59  GLN AAA CD  1 ? 
ATOM   153  O  OE1 . GLN A 1 20  ? -5.335  19.045  -1.708  1.000 46.161  ? 59  GLN AAA OE1 1 ? 
ATOM   154  N  NE2 . GLN A 1 20  ? -4.118  20.078  -0.130  1.000 42.018  ? 59  GLN AAA NE2 1 ? 
ATOM   155  N  N   . THR A 1 21  ? -3.081  17.199  -6.281  1.000 16.589  ? 60  THR AAA N   1 ? 
ATOM   156  C  CA  . THR A 1 21  ? -3.699  17.174  -7.594  1.000 14.472  ? 60  THR AAA CA  1 ? 
ATOM   157  C  C   . THR A 1 21  ? -5.087  16.567  -7.453  1.000 13.425  ? 60  THR AAA C   1 ? 
ATOM   158  O  O   . THR A 1 21  ? -5.382  15.873  -6.482  1.000 12.990  ? 60  THR AAA O   1 ? 
ATOM   159  C  CB  . THR A 1 21  ? -2.895  16.439  -8.677  1.000 14.721  ? 60  THR AAA CB  1 ? 
ATOM   160  O  OG1 . THR A 1 21  ? -2.989  15.025  -8.456  1.000 14.431  ? 60  THR AAA OG1 1 ? 
ATOM   161  C  CG2 . THR A 1 21  ? -1.421  16.814  -8.721  1.000 16.328  ? 60  THR AAA CG2 1 ? 
ATOM   162  N  N   . ASN A 1 22  ? -5.937  16.826  -8.451  1.000 13.621  ? 61  ASN AAA N   1 ? 
ATOM   163  C  CA  . ASN A 1 22  ? -7.249  16.199  -8.467  1.000 13.114  ? 61  ASN AAA CA  1 ? 
ATOM   164  C  C   . ASN A 1 22  ? -7.147  14.670  -8.487  1.000 11.987  ? 61  ASN AAA C   1 ? 
ATOM   165  O  O   . ASN A 1 22  ? -7.999  13.991  -7.927  1.000 12.759  ? 61  ASN AAA O   1 ? 
ATOM   166  C  CB  . ASN A 1 22  ? -8.142  16.726  -9.606  1.000 14.479  ? 61  ASN AAA CB  1 ? 
ATOM   167  C  CG  . ASN A 1 22  ? -7.645  16.298  -10.968 1.000 14.739  ? 61  ASN AAA CG  1 ? 
ATOM   168  O  OD1 . ASN A 1 22  ? -6.472  16.443  -11.286 1.000 16.836  ? 61  ASN AAA OD1 1 ? 
ATOM   169  N  ND2 . ASN A 1 22  ? -8.527  15.735  -11.786 1.000 16.184  ? 61  ASN AAA ND2 1 ? 
ATOM   170  N  N   . GLN A 1 23  ? -6.114  14.146  -9.167  1.000 11.153  ? 62  GLN AAA N   1 ? 
ATOM   171  C  CA  . GLN A 1 23  ? -5.928  12.697  -9.176  1.000 11.729  ? 62  GLN AAA CA  1 ? 
ATOM   172  C  C   . GLN A 1 23  ? -5.574  12.160  -7.780  1.000 10.705  ? 62  GLN AAA C   1 ? 
ATOM   173  O  O   . GLN A 1 23  ? -6.045  11.093  -7.390  1.000 11.357  ? 62  GLN AAA O   1 ? 
ATOM   174  C  CB  . GLN A 1 23  ? -4.847  12.300  -10.169 1.000 12.023  ? 62  GLN AAA CB  1 ? 
ATOM   175  C  CG  . GLN A 1 23  ? -5.227  12.718  -11.599 1.000 13.769  ? 62  GLN AAA CG  1 ? 
ATOM   176  C  CD  . GLN A 1 23  ? -4.194  12.220  -12.576 1.000 14.053  ? 62  GLN AAA CD  1 ? 
ATOM   177  O  OE1 . GLN A 1 23  ? -2.992  12.170  -12.273 1.000 14.898  ? 62  GLN AAA OE1 1 ? 
ATOM   178  N  NE2 . GLN A 1 23  ? -4.655  11.858  -13.778 1.000 14.785  ? 62  GLN AAA NE2 1 ? 
ATOM   179  N  N   . LEU A 1 24  ? -4.677  12.870  -7.073  1.000 11.391  ? 63  LEU AAA N   1 ? 
ATOM   180  C  CA  . LEU A 1 24  ? -4.350  12.479  -5.705  1.000 10.627  ? 63  LEU AAA CA  1 ? 
ATOM   181  C  C   . LEU A 1 24  ? -5.556  12.570  -4.774  1.000 11.003  ? 63  LEU AAA C   1 ? 
ATOM   182  O  O   . LEU A 1 24  ? -5.749  11.730  -3.894  1.000 11.932  ? 63  LEU AAA O   1 ? 
ATOM   183  C  CB  . LEU A 1 24  ? -3.145  13.260  -5.177  1.000 11.257  ? 63  LEU AAA CB  1 ? 
ATOM   184  C  CG  . LEU A 1 24  ? -1.827  12.772  -5.773  1.000 11.092  ? 63  LEU AAA CG  1 ? 
ATOM   185  C  CD1 . LEU A 1 24  ? -0.741  13.816  -5.563  1.000 12.920  ? 63  LEU AAA CD1 1 ? 
ATOM   186  C  CD2 . LEU A 1 24  ? -1.408  11.457  -5.110  1.000 12.211  ? 63  LEU AAA CD2 1 ? 
ATOM   187  N  N   . GLN A 1 25  ? -6.418  13.586  -4.967  1.000 11.827  ? 64  GLN AAA N   1 ? 
ATOM   188  C  CA  . GLN A 1 25  ? -7.630  13.704  -4.162  1.000 13.123  ? 64  GLN AAA CA  1 ? 
ATOM   189  C  C   . GLN A 1 25  ? -8.538  12.500  -4.417  1.000 12.432  ? 64  GLN AAA C   1 ? 
ATOM   190  O  O   . GLN A 1 25  ? -9.058  11.930  -3.467  1.000 13.225  ? 64  GLN AAA O   1 ? 
ATOM   191  C  CB  . GLN A 1 25  ? -8.339  15.001  -4.546  1.000 15.761  ? 64  GLN AAA CB  1 ? 
ATOM   192  C  CG  . GLN A 1 25  ? -7.674  16.224  -3.931  1.000 20.242  ? 64  GLN AAA CG  1 ? 
ATOM   193  C  CD  . GLN A 1 25  ? -8.362  17.487  -4.385  0.500 22.219  ? 64  GLN AAA CD  1 ? 
ATOM   194  O  OE1 . GLN A 1 25  ? -8.416  17.799  -5.573  0.500 25.607  ? 64  GLN AAA OE1 1 ? 
ATOM   195  N  NE2 . GLN A 1 25  ? -8.923  18.207  -3.430  0.500 24.814  ? 64  GLN AAA NE2 1 ? 
ATOM   196  N  N   . TYR A 1 26  ? -8.649  12.075  -5.683  1.000 11.579  ? 65  TYR AAA N   1 ? 
ATOM   197  C  CA  . TYR A 1 26  ? -9.433  10.890  -6.019  1.000 12.421  ? 65  TYR AAA CA  1 ? 
ATOM   198  C  C   . TYR A 1 26  ? -8.828  9.618   -5.395  1.000 12.723  ? 65  TYR AAA C   1 ? 
ATOM   199  O  O   . TYR A 1 26  ? -9.542  8.740   -4.884  1.000 12.338  ? 65  TYR AAA O   1 ? 
ATOM   200  C  CB  . TYR A 1 26  ? -9.515  10.784  -7.543  1.000 12.690  ? 65  TYR AAA CB  1 ? 
ATOM   201  C  CG  . TYR A 1 26  ? -10.204 9.541   -8.072  1.000 12.247  ? 65  TYR AAA CG  1 ? 
ATOM   202  C  CD1 . TYR A 1 26  ? -9.473  8.389   -8.348  1.000 13.295  ? 65  TYR AAA CD1 1 ? 
ATOM   203  C  CD2 . TYR A 1 26  ? -11.560 9.534   -8.396  1.000 13.824  ? 65  TYR AAA CD2 1 ? 
ATOM   204  C  CE1 . TYR A 1 26  ? -10.057 7.252   -8.872  1.000 13.491  ? 65  TYR AAA CE1 1 ? 
ATOM   205  C  CE2 . TYR A 1 26  ? -12.148 8.404   -8.950  1.000 13.722  ? 65  TYR AAA CE2 1 ? 
ATOM   206  C  CZ  . TYR A 1 26  ? -11.403 7.257   -9.185  1.000 13.091  ? 65  TYR AAA CZ  1 ? 
ATOM   207  O  OH  . TYR A 1 26  ? -12.009 6.151   -9.729  1.000 15.954  ? 65  TYR AAA OH  1 ? 
ATOM   208  N  N   . LEU A 1 27  ? -7.494  9.519   -5.396  1.000 10.738  ? 66  LEU AAA N   1 ? 
ATOM   209  C  CA  . LEU A 1 27  ? -6.859  8.353   -4.784  1.000 11.293  ? 66  LEU AAA CA  1 ? 
ATOM   210  C  C   . LEU A 1 27  ? -7.170  8.272   -3.293  1.000 11.711  ? 66  LEU AAA C   1 ? 
ATOM   211  O  O   . LEU A 1 27  ? -7.283  7.158   -2.767  1.000 13.614  ? 66  LEU AAA O   1 ? 
ATOM   212  C  CB  . LEU A 1 27  ? -5.361  8.412   -5.036  1.000 11.177  ? 66  LEU AAA CB  1 ? 
ATOM   213  C  CG  . LEU A 1 27  ? -4.970  7.924   -6.420  1.000 12.085  ? 66  LEU AAA CG  1 ? 
ATOM   214  C  CD1 . LEU A 1 27  ? -3.596  8.438   -6.799  1.000 14.613  ? 66  LEU AAA CD1 1 ? 
ATOM   215  C  CD2 . LEU A 1 27  ? -4.989  6.415   -6.527  1.000 16.474  ? 66  LEU AAA CD2 1 ? 
ATOM   216  N  N   . LEU A 1 28  ? -7.296  9.398   -2.590  1.000 11.540  ? 67  LEU AAA N   1 ? 
ATOM   217  C  CA  . LEU A 1 28  ? -7.662  9.348   -1.177  1.000 12.563  ? 67  LEU AAA CA  1 ? 
ATOM   218  C  C   . LEU A 1 28  ? -9.164  9.097   -0.974  1.000 13.487  ? 67  LEU AAA C   1 ? 
ATOM   219  O  O   . LEU A 1 28  ? -9.569  8.207   -0.196  1.000 14.816  ? 67  LEU AAA O   1 ? 
ATOM   220  C  CB  . LEU A 1 28  ? -7.215  10.636  -0.492  1.000 14.046  ? 67  LEU AAA CB  1 ? 
ATOM   221  C  CG  . LEU A 1 28  ? -7.598  10.730  0.991   1.000 14.870  ? 67  LEU AAA CG  1 ? 
ATOM   222  C  CD1 . LEU A 1 28  ? -7.109  9.519   1.768   1.000 16.376  ? 67  LEU AAA CD1 1 ? 
ATOM   223  C  CD2 . LEU A 1 28  ? -7.064  12.022  1.586   1.000 18.490  ? 67  LEU AAA CD2 1 ? 
ATOM   224  N  N   . ARG A 1 29  ? -10.001 9.925   -1.630  1.000 13.967  ? 68  ARG AAA N   1 ? 
ATOM   225  C  CA  . ARG A 1 29  ? -11.431 9.994   -1.344  1.000 14.883  ? 68  ARG AAA CA  1 ? 
ATOM   226  C  C   . ARG A 1 29  ? -12.185 8.843   -1.991  1.000 16.045  ? 68  ARG AAA C   1 ? 
ATOM   227  O  O   . ARG A 1 29  ? -13.277 8.515   -1.515  1.000 19.271  ? 68  ARG AAA O   1 ? 
ATOM   228  C  CB  . ARG A 1 29  ? -11.995 11.338  -1.831  1.000 18.041  ? 68  ARG AAA CB  1 ? 
ATOM   229  C  CG  . ARG A 1 29  ? -11.448 12.569  -1.123  1.000 20.958  ? 68  ARG AAA CG  1 ? 
ATOM   230  C  CD  . ARG A 1 29  ? -12.053 13.857  -1.651  1.000 26.031  ? 68  ARG AAA CD  1 ? 
ATOM   231  N  NE  . ARG A 1 29  ? -11.361 15.071  -1.245  0.500 27.210  ? 68  ARG AAA NE  1 ? 
ATOM   232  C  CZ  . ARG A 1 29  ? -11.777 15.908  -0.300  0.500 28.705  ? 68  ARG AAA CZ  1 ? 
ATOM   233  N  NH1 . ARG A 1 29  ? -12.897 15.670  0.363   0.500 30.977  ? 68  ARG AAA NH1 1 ? 
ATOM   234  N  NH2 . ARG A 1 29  ? -11.064 16.986  -0.023  0.500 30.272  ? 68  ARG AAA NH2 1 ? 
ATOM   235  N  N   . VAL A 1 30  ? -11.676 8.284   -3.087  1.000 13.646  ? 69  VAL AAA N   1 ? 
ATOM   236  C  CA  . VAL A 1 30  ? -12.356 7.175   -3.741  1.000 14.976  ? 69  VAL AAA CA  1 ? 
ATOM   237  C  C   . VAL A 1 30  ? -11.574 5.866   -3.584  1.000 15.145  ? 69  VAL AAA C   1 ? 
ATOM   238  O  O   . VAL A 1 30  ? -12.118 4.838   -3.137  1.000 17.520  ? 69  VAL AAA O   1 ? 
ATOM   239  C  CB  . VAL A 1 30  ? -12.658 7.470   -5.220  1.000 15.115  ? 69  VAL AAA CB  1 ? 
ATOM   240  C  CG1 . VAL A 1 30  ? -13.355 6.275   -5.873  1.000 16.338  ? 69  VAL AAA CG1 1 ? 
ATOM   241  C  CG2 . VAL A 1 30  ? -13.523 8.722   -5.380  1.000 15.779  ? 69  VAL AAA CG2 1 ? 
ATOM   242  N  N   . VAL A 1 31  ? -10.308 5.839   -3.992  1.000 14.507  ? 70  VAL AAA N   1 ? 
ATOM   243  C  CA  . VAL A 1 31  ? -9.568  4.594   -4.062  1.000 13.612  ? 70  VAL AAA CA  1 ? 
ATOM   244  C  C   . VAL A 1 31  ? -9.255  4.058   -2.661  1.000 13.019  ? 70  VAL AAA C   1 ? 
ATOM   245  O  O   . VAL A 1 31  ? -9.646  2.938   -2.306  1.000 14.756  ? 70  VAL AAA O   1 ? 
ATOM   246  C  CB  . VAL A 1 31  ? -8.320  4.699   -4.956  1.000 13.392  ? 70  VAL AAA CB  1 ? 
ATOM   247  C  CG1 . VAL A 1 31  ? -7.589  3.355   -5.055  1.000 14.826  ? 70  VAL AAA CG1 1 ? 
ATOM   248  C  CG2 . VAL A 1 31  ? -8.687  5.230   -6.337  1.000 15.233  ? 70  VAL AAA CG2 1 ? 
ATOM   249  N  N   . LEU A 1 32  ? -8.510  4.846   -1.876  1.000 13.907  ? 71  LEU AAA N   1 ? 
ATOM   250  C  CA  . LEU A 1 32  ? -8.112  4.389   -0.553  1.000 14.509  ? 71  LEU AAA CA  1 ? 
ATOM   251  C  C   . LEU A 1 32  ? -9.359  4.137   0.296   1.000 15.407  ? 71  LEU AAA C   1 ? 
ATOM   252  O  O   . LEU A 1 32  ? -9.442  3.092   0.961   1.000 14.715  ? 71  LEU AAA O   1 ? 
ATOM   253  C  CB  . LEU A 1 32  ? -7.175  5.417   0.085   1.000 15.435  ? 71  LEU AAA CB  1 ? 
ATOM   254  C  CG  . LEU A 1 32  ? -6.547  5.016   1.430   1.000 17.348  ? 71  LEU AAA CG  1 ? 
ATOM   255  C  CD1 . LEU A 1 32  ? -7.473  5.250   2.596   1.000 21.305  ? 71  LEU AAA CD1 1 ? 
ATOM   256  C  CD2 . LEU A 1 32  ? -5.869  3.662   1.449   1.000 17.688  ? 71  LEU AAA CD2 1 ? 
ATOM   257  N  N   . LYS A 1 33  ? -10.335 5.050   0.252   1.000 16.145  ? 72  LYS AAA N   1 ? 
ATOM   258  C  CA  . LYS A 1 33  ? -11.577 4.915   1.009   1.000 18.771  ? 72  LYS AAA CA  1 ? 
ATOM   259  C  C   . LYS A 1 33  ? -12.217 3.556   0.728   1.000 18.137  ? 72  LYS AAA C   1 ? 
ATOM   260  O  O   . LYS A 1 33  ? -12.667 2.887   1.665   1.000 20.553  ? 72  LYS AAA O   1 ? 
ATOM   261  C  CB  . LYS A 1 33  ? -12.561 6.039   0.639   1.000 20.674  ? 72  LYS AAA CB  1 ? 
ATOM   262  C  CG  . LYS A 1 33  ? -13.844 6.055   1.472   0.500 20.166  ? 72  LYS AAA CG  1 ? 
ATOM   263  C  CD  . LYS A 1 33  ? -14.908 7.043   1.007   0.500 23.786  ? 72  LYS AAA CD  1 ? 
ATOM   264  C  CE  . LYS A 1 33  ? -15.489 6.754   -0.362  0.500 23.423  ? 72  LYS AAA CE  1 ? 
ATOM   265  N  NZ  . LYS A 1 33  ? -16.783 6.026   -0.309  0.500 24.445  ? 72  LYS AAA NZ  1 ? 
ATOM   266  N  N   . THR A 1 34  ? -12.326 3.182   -0.553  1.000 16.108  ? 73  THR AAA N   1 ? 
ATOM   267  C  CA  . THR A 1 34  ? -13.016 1.972   -0.980  1.000 17.639  ? 73  THR AAA CA  1 ? 
ATOM   268  C  C   . THR A 1 34  ? -12.254 0.763   -0.432  1.000 15.721  ? 73  THR AAA C   1 ? 
ATOM   269  O  O   . THR A 1 34  ? -12.832 -0.195  0.090   1.000 17.975  ? 73  THR AAA O   1 ? 
ATOM   270  C  CB  . THR A 1 34  ? -13.082 1.895   -2.512  1.000 19.548  ? 73  THR AAA CB  1 ? 
ATOM   271  O  OG1 . THR A 1 34  ? -13.955 2.938   -2.969  1.000 23.118  ? 73  THR AAA OG1 1 ? 
ATOM   272  C  CG2 . THR A 1 34  ? -13.596 0.570   -3.047  1.000 22.711  ? 73  THR AAA CG2 1 ? 
ATOM   273  N  N   . LEU A 1 35  ? -10.926 0.763   -0.597  1.000 14.150  ? 74  LEU AAA N   1 ? 
ATOM   274  C  CA  . LEU A 1 35  ? -10.144 -0.406  -0.224  1.000 13.946  ? 74  LEU AAA CA  1 ? 
ATOM   275  C  C   . LEU A 1 35  ? -10.012 -0.530  1.297   1.000 12.667  ? 74  LEU AAA C   1 ? 
ATOM   276  O  O   . LEU A 1 35  ? -10.037 -1.646  1.802   1.000 14.332  ? 74  LEU AAA O   1 ? 
ATOM   277  C  CB  . LEU A 1 35  ? -8.744  -0.330  -0.868  1.000 13.453  ? 74  LEU AAA CB  1 ? 
ATOM   278  C  CG  . LEU A 1 35  ? -8.592  -1.002  -2.236  1.000 17.954  ? 74  LEU AAA CG  1 ? 
ATOM   279  C  CD1 . LEU A 1 35  ? -9.469  -0.405  -3.324  1.000 22.343  ? 74  LEU AAA CD1 1 ? 
ATOM   280  C  CD2 . LEU A 1 35  ? -7.122  -1.042  -2.676  1.000 19.168  ? 74  LEU AAA CD2 1 ? 
ATOM   281  N  N   . TRP A 1 36  ? -9.935  0.578   2.014   1.000 13.032  ? 75  TRP AAA N   1 ? 
ATOM   282  C  CA  . TRP A 1 36  ? -9.696  0.575   3.447   1.000 13.554  ? 75  TRP AAA CA  1 ? 
ATOM   283  C  C   . TRP A 1 36  ? -10.814 -0.127  4.201   1.000 14.349  ? 75  TRP AAA C   1 ? 
ATOM   284  O  O   . TRP A 1 36  ? -10.563 -0.810  5.192   1.000 16.226  ? 75  TRP AAA O   1 ? 
ATOM   285  C  CB  . TRP A 1 36  ? -9.512  1.998   3.958   1.000 14.409  ? 75  TRP AAA CB  1 ? 
ATOM   286  C  CG  . TRP A 1 36  ? -9.064  2.084   5.387   1.000 14.775  ? 75  TRP AAA CG  1 ? 
ATOM   287  C  CD1 . TRP A 1 36  ? -9.847  2.253   6.495   1.000 16.333  ? 75  TRP AAA CD1 1 ? 
ATOM   288  C  CD2 . TRP A 1 36  ? -7.710  1.994   5.870   1.000 13.287  ? 75  TRP AAA CD2 1 ? 
ATOM   289  N  NE1 . TRP A 1 36  ? -9.069  2.283   7.619   1.000 17.937  ? 75  TRP AAA NE1 1 ? 
ATOM   290  C  CE2 . TRP A 1 36  ? -7.743  2.127   7.268   1.000 13.716  ? 75  TRP AAA CE2 1 ? 
ATOM   291  C  CE3 . TRP A 1 36  ? -6.465  1.841   5.248   1.000 12.732  ? 75  TRP AAA CE3 1 ? 
ATOM   292  C  CZ2 . TRP A 1 36  ? -6.599  2.109   8.054   1.000 15.487  ? 75  TRP AAA CZ2 1 ? 
ATOM   293  C  CZ3 . TRP A 1 36  ? -5.322  1.812   6.024   1.000 13.918  ? 75  TRP AAA CZ3 1 ? 
ATOM   294  C  CH2 . TRP A 1 36  ? -5.393  1.960   7.408   1.000 14.972  ? 75  TRP AAA CH2 1 ? 
ATOM   295  N  N   . LYS A 1 37  ? -12.053 0.046   3.727   1.000 14.825  ? 76  LYS AAA N   1 ? 
ATOM   296  C  CA  . LYS A 1 37  ? -13.230 -0.444  4.448   1.000 15.739  ? 76  LYS AAA CA  1 ? 
ATOM   297  C  C   . LYS A 1 37  ? -13.609 -1.844  3.993   1.000 16.955  ? 76  LYS AAA C   1 ? 
ATOM   298  O  O   . LYS A 1 37  ? -14.571 -2.428  4.525   1.000 18.287  ? 76  LYS AAA O   1 ? 
ATOM   299  C  CB  . LYS A 1 37  ? -14.411 0.528   4.296   1.000 19.237  ? 76  LYS AAA CB  1 ? 
ATOM   300  C  CG  . LYS A 1 37  ? -15.001 0.657   2.896   1.000 21.000  ? 76  LYS AAA CG  1 ? 
ATOM   301  C  CD  . LYS A 1 37  ? -16.132 1.717   2.830   1.000 24.696  ? 76  LYS AAA CD  1 ? 
ATOM   302  C  CE  . LYS A 1 37  ? -16.423 2.243   1.438   1.000 30.819  ? 76  LYS AAA CE  1 ? 
ATOM   303  N  NZ  . LYS A 1 37  ? -17.460 1.469   0.722   1.000 33.947  ? 76  LYS AAA NZ  1 ? 
ATOM   304  N  N   . HIS A 1 38  ? -12.878 -2.411  3.039   1.000 15.088  ? 77  HIS AAA N   1 ? 
ATOM   305  C  CA  . HIS A 1 38  ? -13.183 -3.732  2.531   1.000 14.564  ? 77  HIS AAA CA  1 ? 
ATOM   306  C  C   . HIS A 1 38  ? -12.957 -4.802  3.603   1.000 13.204  ? 77  HIS AAA C   1 ? 
ATOM   307  O  O   . HIS A 1 38  ? -12.073 -4.681  4.429   1.000 13.430  ? 77  HIS AAA O   1 ? 
ATOM   308  C  CB  . HIS A 1 38  ? -12.315 -4.007  1.292   1.000 14.280  ? 77  HIS AAA CB  1 ? 
ATOM   309  C  CG  . HIS A 1 38  ? -12.714 -5.185  0.485   1.000 15.072  ? 77  HIS AAA CG  1 ? 
ATOM   310  N  ND1 . HIS A 1 38  ? -12.415 -6.500  0.842   1.000 14.832  ? 77  HIS AAA ND1 1 ? 
ATOM   311  C  CD2 . HIS A 1 38  ? -13.363 -5.242  -0.696  1.000 18.393  ? 77  HIS AAA CD2 1 ? 
ATOM   312  C  CE1 . HIS A 1 38  ? -12.901 -7.316  -0.057  1.000 17.102  ? 77  HIS AAA CE1 1 ? 
ATOM   313  N  NE2 . HIS A 1 38  ? -13.468 -6.543  -1.043  1.000 16.485  ? 77  HIS AAA NE2 1 ? 
ATOM   314  N  N   . GLN A 1 39  ? -13.779 -5.871  3.538   1.000 12.943  ? 78  GLN AAA N   1 ? 
ATOM   315  C  CA  . GLN A 1 39  ? -13.685 -6.976  4.478   1.000 13.826  ? 78  GLN AAA CA  1 ? 
ATOM   316  C  C   . GLN A 1 39  ? -12.262 -7.524  4.568   1.000 12.808  ? 78  GLN AAA C   1 ? 
ATOM   317  O  O   . GLN A 1 39  ? -11.836 -7.988  5.616   1.000 13.801  ? 78  GLN AAA O   1 ? 
ATOM   318  C  CB  . GLN A 1 39  ? -14.670 -8.100  4.128   1.000 14.771  ? 78  GLN AAA CB  1 ? 
ATOM   319  C  CG  . GLN A 1 39  ? -14.689 -9.288  5.089   1.000 17.840  ? 78  GLN AAA CG  1 ? 
ATOM   320  C  CD  . GLN A 1 39  ? -15.699 -10.326 4.660   1.000 20.107  ? 78  GLN AAA CD  1 ? 
ATOM   321  O  OE1 . GLN A 1 39  ? -16.623 -10.665 5.414   1.000 23.655  ? 78  GLN AAA OE1 1 ? 
ATOM   322  N  NE2 . GLN A 1 39  ? -15.548 -10.844 3.450   1.000 17.656  ? 78  GLN AAA NE2 1 ? 
ATOM   323  N  N   . PHE A 1 40  ? -11.529 -7.480  3.461   1.000 12.060  ? 79  PHE AAA N   1 ? 
ATOM   324  C  CA  . PHE A 1 40  ? -10.220 -8.101  3.375   1.000 12.369  ? 79  PHE AAA CA  1 ? 
ATOM   325  C  C   . PHE A 1 40  ? -9.074  -7.108  3.570   1.000 11.644  ? 79  PHE AAA C   1 ? 
ATOM   326  O  O   . PHE A 1 40  ? -7.922  -7.485  3.330   1.000 11.955  ? 79  PHE AAA O   1 ? 
ATOM   327  C  CB  . PHE A 1 40  ? -10.067 -8.761  2.008   1.000 12.774  ? 79  PHE AAA CB  1 ? 
ATOM   328  C  CG  . PHE A 1 40  ? -10.895 -9.998  1.775   1.000 12.998  ? 79  PHE AAA CG  1 ? 
ATOM   329  C  CD1 . PHE A 1 40  ? -11.515 -10.685 2.810   1.000 13.009  ? 79  PHE AAA CD1 1 ? 
ATOM   330  C  CD2 . PHE A 1 40  ? -11.071 -10.470 0.475   1.000 14.396  ? 79  PHE AAA CD2 1 ? 
ATOM   331  C  CE1 . PHE A 1 40  ? -12.238 -11.843 2.548   1.000 15.350  ? 79  PHE AAA CE1 1 ? 
ATOM   332  C  CE2 . PHE A 1 40  ? -11.780 -11.635 0.218   1.000 16.434  ? 79  PHE AAA CE2 1 ? 
ATOM   333  C  CZ  . PHE A 1 40  ? -12.366 -12.334 1.256   1.000 16.237  ? 79  PHE AAA CZ  1 ? 
ATOM   334  N  N   . ALA A 1 41  ? -9.361  -5.873  4.009   1.000 11.297  ? 80  ALA AAA N   1 ? 
ATOM   335  C  CA  . ALA A 1 41  ? -8.319  -4.870  4.124   1.000 11.822  ? 80  ALA AAA CA  1 ? 
ATOM   336  C  C   . ALA A 1 41  ? -7.345  -5.150  5.251   1.000 11.309  ? 80  ALA AAA C   1 ? 
ATOM   337  O  O   . ALA A 1 41  ? -6.212  -4.646  5.211   1.000 11.175  ? 80  ALA AAA O   1 ? 
ATOM   338  C  CB  . ALA A 1 41  ? -8.931  -3.499  4.289   1.000 14.124  ? 80  ALA AAA CB  1 ? 
ATOM   339  N  N   . TRP A 1 42  ? -7.804  -5.779  6.355   1.000 11.629  ? 81  TRP AAA N   1 ? 
ATOM   340  C  CA  . TRP A 1 42  ? -7.088  -5.730  7.614   1.000 11.430  ? 81  TRP AAA CA  1 ? 
ATOM   341  C  C   . TRP A 1 42  ? -5.621  -6.167  7.508   1.000 11.473  ? 81  TRP AAA C   1 ? 
ATOM   342  O  O   . TRP A 1 42  ? -4.773  -5.565  8.185   1.000 12.243  ? 81  TRP AAA O   1 ? 
ATOM   343  C  CB  . TRP A 1 42  ? -7.832  -6.442  8.767   1.000 11.820  ? 81  TRP AAA CB  1 ? 
ATOM   344  C  CG  . TRP A 1 42  ? -8.040  -7.906  8.546   1.000 12.288  ? 81  TRP AAA CG  1 ? 
ATOM   345  C  CD1 . TRP A 1 42  ? -9.147  -8.466  7.963   1.000 12.273  ? 81  TRP AAA CD1 1 ? 
ATOM   346  C  CD2 . TRP A 1 42  ? -7.159  -9.000  8.863   1.000 12.792  ? 81  TRP AAA CD2 1 ? 
ATOM   347  N  NE1 . TRP A 1 42  ? -9.030  -9.823  7.906   1.000 13.832  ? 81  TRP AAA NE1 1 ? 
ATOM   348  C  CE2 . TRP A 1 42  ? -7.826  -10.186 8.447   1.000 13.382  ? 81  TRP AAA CE2 1 ? 
ATOM   349  C  CE3 . TRP A 1 42  ? -5.903  -9.120  9.499   1.000 14.265  ? 81  TRP AAA CE3 1 ? 
ATOM   350  C  CZ2 . TRP A 1 42  ? -7.268  -11.458 8.607   1.000 15.166  ? 81  TRP AAA CZ2 1 ? 
ATOM   351  C  CZ3 . TRP A 1 42  ? -5.357  -10.382 9.631   1.000 15.503  ? 81  TRP AAA CZ3 1 ? 
ATOM   352  C  CH2 . TRP A 1 42  ? -6.030  -11.524 9.198   1.000 15.629  ? 81  TRP AAA CH2 1 ? 
ATOM   353  N  N   . PRO A 1 43  ? -5.216  -7.200  6.741   1.000 10.924  ? 82  PRO AAA N   1 ? 
ATOM   354  C  CA  . PRO A 1 43  ? -3.791  -7.573  6.736   1.000 11.068  ? 82  PRO AAA CA  1 ? 
ATOM   355  C  C   . PRO A 1 43  ? -2.924  -6.490  6.074   1.000 10.945  ? 82  PRO AAA C   1 ? 
ATOM   356  O  O   . PRO A 1 43  ? -1.709  -6.550  6.218   1.000 11.983  ? 82  PRO AAA O   1 ? 
ATOM   357  C  CB  . PRO A 1 43  ? -3.709  -8.826  5.851   1.000 11.220  ? 82  PRO AAA CB  1 ? 
ATOM   358  C  CG  . PRO A 1 43  ? -5.156  -9.375  5.850   1.000 11.728  ? 82  PRO AAA CG  1 ? 
ATOM   359  C  CD  . PRO A 1 43  ? -6.017  -8.131  5.921   1.000 10.944  ? 82  PRO AAA CD  1 ? 
ATOM   360  N  N   . PHE A 1 44  ? -3.558  -5.538  5.386   1.000 10.189  ? 83  PHE AAA N   1 ? 
ATOM   361  C  CA  . PHE A 1 44  ? -2.826  -4.562  4.587   1.000 9.508   ? 83  PHE AAA CA  1 ? 
ATOM   362  C  C   . PHE A 1 44  ? -2.868  -3.187  5.226   1.000 10.742  ? 83  PHE AAA C   1 ? 
ATOM   363  O  O   . PHE A 1 44  ? -2.336  -2.225  4.657   1.000 12.067  ? 83  PHE AAA O   1 ? 
ATOM   364  C  CB  . PHE A 1 44  ? -3.421  -4.502  3.172   1.000 10.526  ? 83  PHE AAA CB  1 ? 
ATOM   365  C  CG  . PHE A 1 44  ? -3.451  -5.862  2.528   1.000 10.644  ? 83  PHE AAA CG  1 ? 
ATOM   366  C  CD1 . PHE A 1 44  ? -2.286  -6.400  1.993   1.000 11.979  ? 83  PHE AAA CD1 1 ? 
ATOM   367  C  CD2 . PHE A 1 44  ? -4.615  -6.614  2.498   1.000 10.553  ? 83  PHE AAA CD2 1 ? 
ATOM   368  C  CE1 . PHE A 1 44  ? -2.295  -7.683  1.457   1.000 14.458  ? 83  PHE AAA CE1 1 ? 
ATOM   369  C  CE2 . PHE A 1 44  ? -4.618  -7.899  1.961   1.000 12.423  ? 83  PHE AAA CE2 1 ? 
ATOM   370  C  CZ  . PHE A 1 44  ? -3.456  -8.415  1.433   1.000 13.126  ? 83  PHE AAA CZ  1 ? 
ATOM   371  N  N   . GLN A 1 45  ? -3.452  -3.028  6.412   1.000 10.640  ? 84  GLN AAA N   1 ? 
ATOM   372  C  CA  . GLN A 1 45  ? -3.682  -1.711  6.987   1.000 10.758  ? 84  GLN AAA CA  1 ? 
ATOM   373  C  C   . GLN A 1 45  ? -2.516  -1.170  7.802   1.000 10.364  ? 84  GLN AAA C   1 ? 
ATOM   374  O  O   . GLN A 1 45  ? -2.579  -0.041  8.277   1.000 12.233  ? 84  GLN AAA O   1 ? 
ATOM   375  C  CB  . GLN A 1 45  ? -4.953  -1.698  7.850   1.000 11.120  ? 84  GLN AAA CB  1 ? 
ATOM   376  C  CG  . GLN A 1 45  ? -6.222  -1.694  7.022   1.000 12.846  ? 84  GLN AAA CG  1 ? 
ATOM   377  C  CD  . GLN A 1 45  ? -7.470  -1.839  7.874   1.000 13.738  ? 84  GLN AAA CD  1 ? 
ATOM   378  O  OE1 . GLN A 1 45  ? -7.435  -2.400  8.958   1.000 16.287  ? 84  GLN AAA OE1 1 ? 
ATOM   379  N  NE2 . GLN A 1 45  ? -8.586  -1.330  7.376   1.000 15.099  ? 84  GLN AAA NE2 1 ? 
ATOM   380  N  N   . GLN A 1 46  ? -1.458  -1.962  7.914   1.000 10.754  ? 85  GLN AAA N   1 ? 
ATOM   381  C  CA  . GLN A 1 46  ? -0.265  -1.572  8.651   1.000 10.902  ? 85  GLN AAA CA  1 ? 
ATOM   382  C  C   . GLN A 1 46  ? 0.918   -2.367  8.126   1.000 10.693  ? 85  GLN AAA C   1 ? 
ATOM   383  O  O   . GLN A 1 46  ? 0.723   -3.393  7.496   1.000 10.622  ? 85  GLN AAA O   1 ? 
ATOM   384  C  CB  . GLN A 1 46  ? -0.447  -1.840  10.152  1.000 12.398  ? 85  GLN AAA CB  1 ? 
ATOM   385  C  CG  . GLN A 1 46  ? -0.736  -3.302  10.508  1.000 12.581  ? 85  GLN AAA CG  1 ? 
ATOM   386  C  CD  . GLN A 1 46  ? -2.129  -3.774  10.136  1.000 13.395  ? 85  GLN AAA CD  1 ? 
ATOM   387  O  OE1 . GLN A 1 46  ? -3.120  -3.136  10.494  1.000 15.500  ? 85  GLN AAA OE1 1 ? 
ATOM   388  N  NE2 . GLN A 1 46  ? -2.230  -4.854  9.354   1.000 12.815  ? 85  GLN AAA NE2 1 ? 
ATOM   389  N  N   . PRO A 1 47  ? 2.162   -1.934  8.404   1.000 10.977  ? 86  PRO AAA N   1 ? 
ATOM   390  C  CA  . PRO A 1 47  ? 3.339   -2.707  8.011   1.000 11.716  ? 86  PRO AAA CA  1 ? 
ATOM   391  C  C   . PRO A 1 47  ? 3.262   -4.125  8.567   1.000 12.016  ? 86  PRO AAA C   1 ? 
ATOM   392  O  O   . PRO A 1 47  ? 2.743   -4.379  9.662   1.000 12.371  ? 86  PRO AAA O   1 ? 
ATOM   393  C  CB  . PRO A 1 47  ? 4.507   -1.917  8.622   1.000 13.065  ? 86  PRO AAA CB  1 ? 
ATOM   394  C  CG  . PRO A 1 47  ? 3.982   -0.507  8.685   1.000 13.730  ? 86  PRO AAA CG  1 ? 
ATOM   395  C  CD  . PRO A 1 47  ? 2.516   -0.644  9.041   1.000 13.387  ? 86  PRO AAA CD  1 ? 
ATOM   396  N  N   . VAL A 1 48  ? 3.819   -5.059  7.825   1.000 11.331  ? 87  VAL AAA N   1 ? 
ATOM   397  C  CA  . VAL A 1 48  ? 3.945   -6.433  8.275   1.000 12.455  ? 87  VAL AAA CA  1 ? 
ATOM   398  C  C   . VAL A 1 48  ? 4.834   -6.463  9.519   1.000 11.671  ? 87  VAL AAA C   1 ? 
ATOM   399  O  O   . VAL A 1 48  ? 6.012   -6.080  9.480   1.000 12.207  ? 87  VAL AAA O   1 ? 
ATOM   400  C  CB  . VAL A 1 48  ? 4.470   -7.345  7.164   1.000 13.001  ? 87  VAL AAA CB  1 ? 
ATOM   401  C  CG1 . VAL A 1 48  ? 4.814   -8.722  7.693   1.000 14.012  ? 87  VAL AAA CG1 1 ? 
ATOM   402  C  CG2 . VAL A 1 48  ? 3.443   -7.458  6.057   1.000 13.274  ? 87  VAL AAA CG2 1 ? 
ATOM   403  N  N   . ASP A 1 49  ? 4.279   -6.999  10.621  1.000 12.773  ? 88  ASP AAA N   1 ? 
ATOM   404  C  CA  . ASP A 1 49  ? 5.045   -7.178  11.847  1.000 13.079  ? 88  ASP AAA CA  1 ? 
ATOM   405  C  C   . ASP A 1 49  ? 5.589   -8.606  11.828  1.000 12.493  ? 88  ASP AAA C   1 ? 
ATOM   406  O  O   . ASP A 1 49  ? 4.906   -9.557  12.208  1.000 12.536  ? 88  ASP AAA O   1 ? 
ATOM   407  C  CB  . ASP A 1 49  ? 4.258   -6.818  13.111  1.000 15.135  ? 88  ASP AAA CB  1 ? 
ATOM   408  C  CG  . ASP A 1 49  ? 5.044   -7.006  14.406  1.000 15.065  ? 88  ASP AAA CG  1 ? 
ATOM   409  O  OD1 . ASP A 1 49  ? 6.066   -7.698  14.408  1.000 14.682  ? 88  ASP AAA OD1 1 ? 
ATOM   410  O  OD2 . ASP A 1 49  ? 4.523   -6.550  15.467  1.000 21.343  ? 88  ASP AAA OD2 1 ? 
ATOM   411  N  N   . ALA A 1 50  ? 6.772   -8.765  11.243  1.000 12.366  ? 89  ALA AAA N   1 ? 
ATOM   412  C  CA  . ALA A 1 50  ? 7.345   -10.075 11.005  1.000 13.428  ? 89  ALA AAA CA  1 ? 
ATOM   413  C  C   . ALA A 1 50  ? 7.665   -10.782 12.326  1.000 13.317  ? 89  ALA AAA C   1 ? 
ATOM   414  O  O   . ALA A 1 50  ? 7.746   -12.012 12.348  1.000 14.108  ? 89  ALA AAA O   1 ? 
ATOM   415  C  CB  . ALA A 1 50  ? 8.557   -9.935  10.120  1.000 15.133  ? 89  ALA AAA CB  1 ? 
ATOM   416  N  N   . VAL A 1 51  ? 7.886   -10.041 13.412  1.000 12.558  ? 90  VAL AAA N   1 ? 
ATOM   417  C  CA  . VAL A 1 51  ? 8.165   -10.675 14.690  1.000 14.098  ? 90  VAL AAA CA  1 ? 
ATOM   418  C  C   . VAL A 1 51  ? 6.888   -11.309 15.232  1.000 13.265  ? 90  VAL AAA C   1 ? 
ATOM   419  O  O   . VAL A 1 51  ? 6.866   -12.497 15.539  1.000 14.333  ? 90  VAL AAA O   1 ? 
ATOM   420  C  CB  . VAL A 1 51  ? 8.782   -9.675  15.692  1.000 14.190  ? 90  VAL AAA CB  1 ? 
ATOM   421  C  CG1 . VAL A 1 51  ? 8.997   -10.322 17.063  1.000 15.282  ? 90  VAL AAA CG1 1 ? 
ATOM   422  C  CG2 . VAL A 1 51  ? 10.084  -9.079  15.178  1.000 15.096  ? 90  VAL AAA CG2 1 ? 
ATOM   423  N  N   . LYS A 1 52  ? 5.807   -10.531 15.241  1.000 13.198  ? 91  LYS AAA N   1 ? 
ATOM   424  C  CA  . LYS A 1 52  ? 4.553   -11.045 15.791  1.000 13.553  ? 91  LYS AAA CA  1 ? 
ATOM   425  C  C   . LYS A 1 52  ? 4.037   -12.218 14.948  1.000 13.474  ? 91  LYS AAA C   1 ? 
ATOM   426  O  O   . LYS A 1 52  ? 3.440   -13.170 15.472  1.000 13.913  ? 91  LYS AAA O   1 ? 
ATOM   427  C  CB  . LYS A 1 52  ? 3.501   -9.944  15.875  1.000 15.968  ? 91  LYS AAA CB  1 ? 
ATOM   428  C  CG  . LYS A 1 52  ? 2.290   -10.342 16.723  1.000 17.743  ? 91  LYS AAA CG  1 ? 
ATOM   429  C  CD  . LYS A 1 52  ? 1.427   -9.193  17.167  1.000 19.656  ? 91  LYS AAA CD  1 ? 
ATOM   430  C  CE  . LYS A 1 52  ? 0.461   -9.566  18.285  1.000 19.637  ? 91  LYS AAA CE  1 ? 
ATOM   431  N  NZ  . LYS A 1 52  ? -0.536  -8.489  18.470  1.000 21.680  ? 91  LYS AAA NZ  1 ? 
ATOM   432  N  N   . LEU A 1 53  ? 4.228   -12.178 13.629  1.000 12.510  ? 92  LEU AAA N   1 ? 
ATOM   433  C  CA  . LEU A 1 53  ? 3.781   -13.247 12.745  1.000 13.298  ? 92  LEU AAA CA  1 ? 
ATOM   434  C  C   . LEU A 1 53  ? 4.744   -14.426 12.659  1.000 14.012  ? 92  LEU AAA C   1 ? 
ATOM   435  O  O   . LEU A 1 53  ? 4.462   -15.378 11.924  1.000 14.900  ? 92  LEU AAA O   1 ? 
ATOM   436  C  CB  . LEU A 1 53  ? 3.544   -12.692 11.336  1.000 13.725  ? 92  LEU AAA CB  1 ? 
ATOM   437  C  CG  . LEU A 1 53  ? 2.389   -11.708 11.228  1.000 14.883  ? 92  LEU AAA CG  1 ? 
ATOM   438  C  CD1 . LEU A 1 53  ? 2.358   -11.079 9.844   1.000 18.230  ? 92  LEU AAA CD1 1 ? 
ATOM   439  C  CD2 . LEU A 1 53  ? 1.042   -12.354 11.525  1.000 19.019  ? 92  LEU AAA CD2 1 ? 
ATOM   440  N  N   . ASN A 1 54  ? 5.904   -14.328 13.303  1.000 14.016  ? 93  ASN AAA N   1 ? 
ATOM   441  C  CA  . ASN A 1 54  ? 6.899   -15.382 13.274  1.000 15.886  ? 93  ASN AAA CA  1 ? 
ATOM   442  C  C   . ASN A 1 54  ? 7.349   -15.663 11.841  1.000 14.228  ? 93  ASN AAA C   1 ? 
ATOM   443  O  O   . ASN A 1 54  ? 7.429   -16.816 11.411  1.000 16.349  ? 93  ASN AAA O   1 ? 
ATOM   444  C  CB  . ASN A 1 54  ? 6.414   -16.662 13.970  1.000 17.829  ? 93  ASN AAA CB  1 ? 
ATOM   445  C  CG  . ASN A 1 54  ? 7.534   -17.672 14.078  1.000 21.846  ? 93  ASN AAA CG  1 ? 
ATOM   446  O  OD1 . ASN A 1 54  ? 8.709   -17.302 14.191  1.000 25.828  ? 93  ASN AAA OD1 1 ? 
ATOM   447  N  ND2 . ASN A 1 54  ? 7.188   -18.948 14.002  1.000 27.592  ? 93  ASN AAA ND2 1 ? 
ATOM   448  N  N   . LEU A 1 55  ? 7.694   -14.596 11.102  1.000 12.724  ? 94  LEU AAA N   1 ? 
ATOM   449  C  CA  . LEU A 1 55  ? 8.146   -14.689 9.719   1.000 11.968  ? 94  LEU AAA CA  1 ? 
ATOM   450  C  C   . LEU A 1 55  ? 9.519   -14.050 9.655   1.000 11.956  ? 94  LEU AAA C   1 ? 
ATOM   451  O  O   . LEU A 1 55  ? 9.676   -12.965 9.073   1.000 11.266  ? 94  LEU AAA O   1 ? 
ATOM   452  C  CB  . LEU A 1 55  ? 7.162   -13.924 8.832   1.000 13.847  ? 94  LEU AAA CB  1 ? 
ATOM   453  C  CG  . LEU A 1 55  ? 5.738   -14.480 8.764   1.000 16.163  ? 94  LEU AAA CG  1 ? 
ATOM   454  C  CD1 . LEU A 1 55  ? 4.854   -13.590 7.873   1.000 17.894  ? 94  LEU AAA CD1 1 ? 
ATOM   455  C  CD2 . LEU A 1 55  ? 5.741   -15.910 8.269   1.000 18.899  ? 94  LEU AAA CD2 1 ? 
ATOM   456  N  N   . PRO A 1 56  ? 10.562  -14.655 10.273  1.000 11.733  ? 95  PRO AAA N   1 ? 
ATOM   457  C  CA  . PRO A 1 56  ? 11.847  -13.978 10.335  1.000 11.959  ? 95  PRO AAA CA  1 ? 
ATOM   458  C  C   . PRO A 1 56  ? 12.474  -13.709 8.985   1.000 11.406  ? 95  PRO AAA C   1 ? 
ATOM   459  O  O   . PRO A 1 56  ? 13.292  -12.807 8.884   1.000 13.926  ? 95  PRO AAA O   1 ? 
ATOM   460  C  CB  . PRO A 1 56  ? 12.709  -14.915 11.207  1.000 12.307  ? 95  PRO AAA CB  1 ? 
ATOM   461  C  CG  . PRO A 1 56  ? 12.061  -16.227 11.017  1.000 13.707  ? 95  PRO AAA CG  1 ? 
ATOM   462  C  CD  . PRO A 1 56  ? 10.569  -15.930 11.017  1.000 13.570  ? 95  PRO AAA CD  1 ? 
ATOM   463  N  N   . ASP A 1 57  ? 12.071  -14.439 7.942   1.000 10.878  ? 96  ASP AAA N   1 ? 
ATOM   464  C  CA  . ASP A 1 57  ? 12.590  -14.198 6.607   1.000 11.597  ? 96  ASP AAA CA  1 ? 
ATOM   465  C  C   . ASP A 1 57  ? 11.814  -13.127 5.834   1.000 11.109  ? 96  ASP AAA C   1 ? 
ATOM   466  O  O   . ASP A 1 57  ? 12.216  -12.846 4.730   1.000 11.812  ? 96  ASP AAA O   1 ? 
ATOM   467  C  CB  . ASP A 1 57  ? 12.669  -15.475 5.755   1.000 13.307  ? 96  ASP AAA CB  1 ? 
ATOM   468  C  CG  . ASP A 1 57  ? 11.328  -16.012 5.319   1.000 16.011  ? 96  ASP AAA CG  1 ? 
ATOM   469  O  OD1 . ASP A 1 57  ? 10.307  -15.627 5.918   1.000 15.208  ? 96  ASP AAA OD1 1 ? 
ATOM   470  O  OD2 . ASP A 1 57  ? 11.312  -16.861 4.385   1.000 20.189  ? 96  ASP AAA OD2 1 ? 
ATOM   471  N  N   . TYR A 1 58  ? 10.744  -12.539 6.381   1.000 10.742  ? 97  TYR AAA N   1 ? 
ATOM   472  C  CA  . TYR A 1 58  ? 9.910   -11.645 5.571   1.000 10.000  ? 97  TYR AAA CA  1 ? 
ATOM   473  C  C   . TYR A 1 58  ? 10.724  -10.519 4.939   1.000 10.456  ? 97  TYR AAA C   1 ? 
ATOM   474  O  O   . TYR A 1 58  ? 10.674  -10.299 3.719   1.000 10.222  ? 97  TYR AAA O   1 ? 
ATOM   475  C  CB  . TYR A 1 58  ? 8.722   -11.113 6.387   1.000 10.657  ? 97  TYR AAA CB  1 ? 
ATOM   476  C  CG  . TYR A 1 58  ? 7.775   -10.317 5.520   1.000 10.227  ? 97  TYR AAA CG  1 ? 
ATOM   477  C  CD1 . TYR A 1 58  ? 6.847   -10.976 4.718   1.000 11.097  ? 97  TYR AAA CD1 1 ? 
ATOM   478  C  CD2 . TYR A 1 58  ? 7.906   -8.944  5.425   1.000 11.085  ? 97  TYR AAA CD2 1 ? 
ATOM   479  C  CE1 . TYR A 1 58  ? 6.046   -10.254 3.842   1.000 11.396  ? 97  TYR AAA CE1 1 ? 
ATOM   480  C  CE2 . TYR A 1 58  ? 7.075   -8.212  4.583   1.000 11.068  ? 97  TYR AAA CE2 1 ? 
ATOM   481  C  CZ  . TYR A 1 58  ? 6.155   -8.871  3.783   1.000 11.753  ? 97  TYR AAA CZ  1 ? 
ATOM   482  O  OH  . TYR A 1 58  ? 5.380   -8.107  2.906   1.000 13.552  ? 97  TYR AAA OH  1 ? 
ATOM   483  N  N   . TYR A 1 59  ? 11.504  -9.818  5.794   1.000 9.839   ? 98  TYR AAA N   1 ? 
ATOM   484  C  CA  . TYR A 1 59  ? 12.256  -8.653  5.327   1.000 10.986  ? 98  TYR AAA CA  1 ? 
ATOM   485  C  C   . TYR A 1 59  ? 13.614  -9.084  4.754   1.000 12.722  ? 98  TYR AAA C   1 ? 
ATOM   486  O  O   . TYR A 1 59  ? 14.371  -8.237  4.303   1.000 14.210  ? 98  TYR AAA O   1 ? 
ATOM   487  C  CB  . TYR A 1 59  ? 12.340  -7.572  6.404   1.000 10.428  ? 98  TYR AAA CB  1 ? 
ATOM   488  C  CG  . TYR A 1 59  ? 11.002  -6.947  6.695   1.000 10.429  ? 98  TYR AAA CG  1 ? 
ATOM   489  C  CD1 . TYR A 1 59  ? 10.409  -6.120  5.754   1.000 11.146  ? 98  TYR AAA CD1 1 ? 
ATOM   490  C  CD2 . TYR A 1 59  ? 10.321  -7.168  7.889   1.000 10.018  ? 98  TYR AAA CD2 1 ? 
ATOM   491  C  CE1 . TYR A 1 59  ? 9.181   -5.535  5.996   1.000 10.855  ? 98  TYR AAA CE1 1 ? 
ATOM   492  C  CE2 . TYR A 1 59  ? 9.088   -6.590  8.145   1.000 10.348  ? 98  TYR AAA CE2 1 ? 
ATOM   493  C  CZ  . TYR A 1 59  ? 8.526   -5.762  7.183   1.000 10.673  ? 98  TYR AAA CZ  1 ? 
ATOM   494  O  OH  . TYR A 1 59  ? 7.335   -5.124  7.396   1.000 11.479  ? 98  TYR AAA OH  1 ? 
ATOM   495  N  N   . LYS A 1 60  ? 13.892  -10.388 4.704   1.000 12.498  ? 99  LYS AAA N   1 ? 
ATOM   496  C  CA  . LYS A 1 60  ? 14.964  -10.928 3.876   1.000 13.561  ? 99  LYS AAA CA  1 ? 
ATOM   497  C  C   . LYS A 1 60  ? 14.507  -10.990 2.413   1.000 13.481  ? 99  LYS AAA C   1 ? 
ATOM   498  O  O   . LYS A 1 60  ? 15.308  -10.770 1.515   1.000 16.972  ? 99  LYS AAA O   1 ? 
ATOM   499  C  CB  . LYS A 1 60  ? 15.401  -12.318 4.373   1.000 15.948  ? 99  LYS AAA CB  1 ? 
ATOM   500  C  CG  . LYS A 1 60  ? 16.563  -12.970 3.633   1.000 20.320  ? 99  LYS AAA CG  1 ? 
ATOM   501  C  CD  . LYS A 1 60  ? 17.912  -12.321 3.918   1.000 26.253  ? 99  LYS AAA CD  1 ? 
ATOM   502  C  CE  . LYS A 1 60  ? 19.055  -13.032 3.212   1.000 30.117  ? 99  LYS AAA CE  1 ? 
ATOM   503  N  NZ  . LYS A 1 60  ? 20.140  -12.110 2.786   1.000 32.261  ? 99  LYS AAA NZ  1 ? 
ATOM   504  N  N   A ILE A 1 61  ? 13.223  -11.325 2.195   0.500 12.478  ? 100 ILE AAA N   1 ? 
ATOM   505  N  N   B ILE A 1 61  ? 13.209  -11.238 2.174   0.500 12.765  ? 100 ILE AAA N   1 ? 
ATOM   506  C  CA  A ILE A 1 61  ? 12.652  -11.479 0.865   0.500 12.519  ? 100 ILE AAA CA  1 ? 
ATOM   507  C  CA  B ILE A 1 61  ? 12.671  -11.456 0.837   0.500 12.779  ? 100 ILE AAA CA  1 ? 
ATOM   508  C  C   A ILE A 1 61  ? 12.145  -10.124 0.353   0.500 11.636  ? 100 ILE AAA C   1 ? 
ATOM   509  C  C   B ILE A 1 61  ? 12.003  -10.192 0.295   0.500 11.994  ? 100 ILE AAA C   1 ? 
ATOM   510  O  O   A ILE A 1 61  ? 12.442  -9.728  -0.778  0.500 12.775  ? 100 ILE AAA O   1 ? 
ATOM   511  O  O   B ILE A 1 61  ? 12.019  -9.954  -0.918  0.500 12.424  ? 100 ILE AAA O   1 ? 
ATOM   512  C  CB  A ILE A 1 61  ? 11.544  -12.559 0.908   0.500 12.652  ? 100 ILE AAA CB  1 ? 
ATOM   513  C  CB  B ILE A 1 61  ? 11.697  -12.645 0.920   0.500 13.203  ? 100 ILE AAA CB  1 ? 
ATOM   514  C  CG1 A ILE A 1 61  ? 12.028  -13.894 1.491   0.500 13.477  ? 100 ILE AAA CG1 1 ? 
ATOM   515  C  CG1 B ILE A 1 61  ? 12.482  -13.936 1.147   0.500 14.243  ? 100 ILE AAA CG1 1 ? 
ATOM   516  C  CG2 A ILE A 1 61  ? 10.974  -12.752 -0.488  0.500 13.246  ? 100 ILE AAA CG2 1 ? 
ATOM   517  C  CG2 B ILE A 1 61  ? 10.807  -12.734 -0.312  0.500 14.148  ? 100 ILE AAA CG2 1 ? 
ATOM   518  C  CD1 A ILE A 1 61  ? 13.288  -14.420 0.838   0.500 14.978  ? 100 ILE AAA CD1 1 ? 
ATOM   519  C  CD1 B ILE A 1 61  ? 11.655  -15.068 1.675   0.500 15.897  ? 100 ILE AAA CD1 1 ? 
ATOM   520  N  N   . ILE A 1 62  ? 11.357  -9.447  1.188   1.000 11.048  ? 101 ILE AAA N   1 ? 
ATOM   521  C  CA  . ILE A 1 62  ? 10.678  -8.227  0.773   1.000 11.082  ? 101 ILE AAA CA  1 ? 
ATOM   522  C  C   . ILE A 1 62  ? 11.548  -7.048  1.184   1.000 10.717  ? 101 ILE AAA C   1 ? 
ATOM   523  O  O   . ILE A 1 62  ? 11.601  -6.657  2.357   1.000 12.295  ? 101 ILE AAA O   1 ? 
ATOM   524  C  CB  . ILE A 1 62  ? 9.282   -8.178  1.411   1.000 10.233  ? 101 ILE AAA CB  1 ? 
ATOM   525  C  CG1 . ILE A 1 62  ? 8.403   -9.360  0.958   1.000 11.006  ? 101 ILE AAA CG1 1 ? 
ATOM   526  C  CG2 . ILE A 1 62  ? 8.591   -6.839  1.096   1.000 10.899  ? 101 ILE AAA CG2 1 ? 
ATOM   527  C  CD1 . ILE A 1 62  ? 8.306   -9.525  -0.538  1.000 12.515  ? 101 ILE AAA CD1 1 ? 
ATOM   528  N  N   . LYS A 1 63  ? 12.204  -6.481  0.183   1.000 10.588  ? 102 LYS AAA N   1 ? 
ATOM   529  C  CA  . LYS A 1 63  ? 13.101  -5.353  0.410   1.000 11.193  ? 102 LYS AAA CA  1 ? 
ATOM   530  C  C   . LYS A 1 63  ? 12.442  -4.025  0.088   1.000 12.992  ? 102 LYS AAA C   1 ? 
ATOM   531  O  O   . LYS A 1 63  ? 13.073  -2.987  0.325   1.000 14.279  ? 102 LYS AAA O   1 ? 
ATOM   532  C  CB  . LYS A 1 63  ? 14.380  -5.469  -0.417  1.000 13.332  ? 102 LYS AAA CB  1 ? 
ATOM   533  C  CG  . LYS A 1 63  ? 15.223  -6.680  -0.111  1.000 15.092  ? 102 LYS AAA CG  1 ? 
ATOM   534  C  CD  . LYS A 1 63  ? 15.606  -6.680  1.354   1.000 17.541  ? 102 LYS AAA CD  1 ? 
ATOM   535  C  CE  . LYS A 1 63  ? 16.607  -7.755  1.706   1.000 20.079  ? 102 LYS AAA CE  1 ? 
ATOM   536  N  NZ  . LYS A 1 63  ? 16.857  -7.699  3.155   1.000 17.328  ? 102 LYS AAA NZ  1 ? 
ATOM   537  N  N   . THR A 1 64  ? 11.228  -4.025  -0.467  1.000 13.042  ? 103 THR AAA N   1 ? 
ATOM   538  C  CA  . THR A 1 64  ? 10.516  -2.790  -0.752  1.000 13.884  ? 103 THR AAA CA  1 ? 
ATOM   539  C  C   . THR A 1 64  ? 9.126   -2.881  -0.143  1.000 11.817  ? 103 THR AAA C   1 ? 
ATOM   540  O  O   . THR A 1 64  ? 8.097   -2.973  -0.825  1.000 12.996  ? 103 THR AAA O   1 ? 
ATOM   541  C  CB  . THR A 1 64  ? 10.448  -2.449  -2.244  1.000 17.861  ? 103 THR AAA CB  1 ? 
ATOM   542  O  OG1 . THR A 1 64  ? 9.662   -3.462  -2.863  1.000 27.694  ? 103 THR AAA OG1 1 ? 
ATOM   543  C  CG2 . THR A 1 64  ? 11.818  -2.385  -2.876  1.000 18.980  ? 103 THR AAA CG2 1 ? 
ATOM   544  N  N   . PRO A 1 65  ? 9.028   -2.888  1.198   1.000 11.050  ? 104 PRO AAA N   1 ? 
ATOM   545  C  CA  . PRO A 1 65  ? 7.729   -3.076  1.833   1.000 11.449  ? 104 PRO AAA CA  1 ? 
ATOM   546  C  C   . PRO A 1 65  ? 6.820   -1.877  1.610   1.000 10.313  ? 104 PRO AAA C   1 ? 
ATOM   547  O  O   . PRO A 1 65  ? 7.253   -0.736  1.515   1.000 10.779  ? 104 PRO AAA O   1 ? 
ATOM   548  C  CB  . PRO A 1 65  ? 8.019   -3.263  3.310   1.000 13.324  ? 104 PRO AAA CB  1 ? 
ATOM   549  C  CG  . PRO A 1 65  ? 9.449   -2.797  3.490   1.000 13.112  ? 104 PRO AAA CG  1 ? 
ATOM   550  C  CD  . PRO A 1 65  ? 10.151  -2.759  2.160   1.000 12.697  ? 104 PRO AAA CD  1 ? 
ATOM   551  N  N   . MET A 1 66  ? 5.516   -2.142  1.550   1.000 9.845   ? 105 MET AAA N   1 ? 
ATOM   552  C  CA  . MET A 1 66  ? 4.530   -1.066  1.477   1.000 9.005   ? 105 MET AAA CA  1 ? 
ATOM   553  C  C   . MET A 1 66  ? 3.217   -1.611  2.009   1.000 10.034  ? 105 MET AAA C   1 ? 
ATOM   554  O  O   . MET A 1 66  ? 2.940   -2.818  1.848   1.000 11.429  ? 105 MET AAA O   1 ? 
ATOM   555  C  CB  . MET A 1 66  ? 4.354   -0.598  0.030   1.000 9.179   ? 105 MET AAA CB  1 ? 
ATOM   556  C  CG  . MET A 1 66  ? 3.498   0.661   -0.143  1.000 10.451  ? 105 MET AAA CG  1 ? 
ATOM   557  S  SD  . MET A 1 66  ? 3.843   2.049   0.945   1.000 10.115  ? 105 MET AAA SD  1 ? 
ATOM   558  C  CE  . MET A 1 66  ? 5.549   2.403   0.531   1.000 12.305  ? 105 MET AAA CE  1 ? 
ATOM   559  N  N   . ASP A 1 67  ? 2.409   -0.755  2.590   1.000 10.361  ? 106 ASP AAA N   1 ? 
ATOM   560  C  CA  . ASP A 1 67  ? 1.132   -1.155  3.172   1.000 9.439   ? 106 ASP AAA CA  1 ? 
ATOM   561  C  C   . ASP A 1 67  ? 0.184   0.025   3.046   1.000 9.998   ? 106 ASP AAA C   1 ? 
ATOM   562  O  O   . ASP A 1 67  ? 0.617   1.169   2.797   1.000 8.952   ? 106 ASP AAA O   1 ? 
ATOM   563  C  CB  . ASP A 1 67  ? 1.304   -1.535  4.653   1.000 10.787  ? 106 ASP AAA CB  1 ? 
ATOM   564  C  CG  . ASP A 1 67  ? 1.713   -0.326  5.472   1.000 10.869  ? 106 ASP AAA CG  1 ? 
ATOM   565  O  OD1 . ASP A 1 67  ? 2.944   0.016   5.427   1.000 11.725  ? 106 ASP AAA OD1 1 ? 
ATOM   566  O  OD2 . ASP A 1 67  ? 0.849   0.295   6.087   1.000 11.460  ? 106 ASP AAA OD2 1 ? 
ATOM   567  N  N   . MET A 1 68  ? -1.133  -0.225  3.179   1.000 10.340  ? 107 MET AAA N   1 ? 
ATOM   568  C  CA  . MET A 1 68  ? -2.129  0.817   3.032   1.000 10.105  ? 107 MET AAA CA  1 ? 
ATOM   569  C  C   . MET A 1 68  ? -2.124  1.793   4.189   1.000 10.483  ? 107 MET AAA C   1 ? 
ATOM   570  O  O   . MET A 1 68  ? -2.603  2.909   3.989   1.000 11.310  ? 107 MET AAA O   1 ? 
ATOM   571  C  CB  . MET A 1 68  ? -3.549  0.268   2.921   1.000 12.548  ? 107 MET AAA CB  1 ? 
ATOM   572  C  CG  . MET A 1 68  ? -3.810  -0.441  1.648   1.000 15.032  ? 107 MET AAA CG  1 ? 
ATOM   573  S  SD  . MET A 1 68  ? -5.547  -0.484  1.181   1.000 15.505  ? 107 MET AAA SD  1 ? 
ATOM   574  C  CE  . MET A 1 68  ? -6.247  -1.428  2.529   1.000 13.747  ? 107 MET AAA CE  1 ? 
ATOM   575  N  N   . GLY A 1 69  ? -1.648  1.419   5.387   1.000 10.343  ? 108 GLY AAA N   1 ? 
ATOM   576  C  CA  . GLY A 1 69  ? -1.515  2.407   6.439   1.000 11.845  ? 108 GLY AAA CA  1 ? 
ATOM   577  C  C   . GLY A 1 69  ? -0.515  3.497   6.068   1.000 10.743  ? 108 GLY AAA C   1 ? 
ATOM   578  O  O   . GLY A 1 69  ? -0.785  4.695   6.227   1.000 12.086  ? 108 GLY AAA O   1 ? 
ATOM   579  N  N   . THR A 1 70  ? 0.616   3.087   5.486   1.000 10.621  ? 109 THR AAA N   1 ? 
ATOM   580  C  CA  . THR A 1 70  ? 1.598   4.027   4.971   1.000 10.310  ? 109 THR AAA CA  1 ? 
ATOM   581  C  C   . THR A 1 70  ? 1.019   4.860   3.825   1.000 9.830   ? 109 THR AAA C   1 ? 
ATOM   582  O  O   . THR A 1 70  ? 1.189   6.076   3.802   1.000 10.101  ? 109 THR AAA O   1 ? 
ATOM   583  C  CB  . THR A 1 70  ? 2.832   3.271   4.476   1.000 10.870  ? 109 THR AAA CB  1 ? 
ATOM   584  O  OG1 . THR A 1 70  ? 3.399   2.608   5.621   1.000 11.804  ? 109 THR AAA OG1 1 ? 
ATOM   585  C  CG2 . THR A 1 70  ? 3.855   4.226   3.883   1.000 11.418  ? 109 THR AAA CG2 1 ? 
ATOM   586  N  N   . ILE A 1 71  ? 0.284   4.238   2.905   1.000 9.788   ? 110 ILE AAA N   1 ? 
ATOM   587  C  CA  . ILE A 1 71  ? -0.289  4.998   1.792   1.000 9.786   ? 110 ILE AAA CA  1 ? 
ATOM   588  C  C   . ILE A 1 71  ? -1.313  6.008   2.310   1.000 9.990   ? 110 ILE AAA C   1 ? 
ATOM   589  O  O   . ILE A 1 71  ? -1.352  7.156   1.859   1.000 10.350  ? 110 ILE AAA O   1 ? 
ATOM   590  C  CB  . ILE A 1 71  ? -0.934  4.040   0.767   1.000 9.094   ? 110 ILE AAA CB  1 ? 
ATOM   591  C  CG1 . ILE A 1 71  ? 0.137   3.185   0.095   1.000 9.833   ? 110 ILE AAA CG1 1 ? 
ATOM   592  C  CG2 . ILE A 1 71  ? -1.757  4.822   -0.275  1.000 10.448  ? 110 ILE AAA CG2 1 ? 
ATOM   593  C  CD1 . ILE A 1 71  ? -0.373  2.016   -0.714  1.000 10.145  ? 110 ILE AAA CD1 1 ? 
ATOM   594  N  N   . LYS A 1 72  ? -2.144  5.605   3.273   1.000 10.590  ? 111 LYS AAA N   1 ? 
ATOM   595  C  CA  . LYS A 1 72  ? -3.134  6.498   3.843   1.000 12.206  ? 111 LYS AAA CA  1 ? 
ATOM   596  C  C   . LYS A 1 72  ? -2.453  7.713   4.463   1.000 12.789  ? 111 LYS AAA C   1 ? 
ATOM   597  O  O   . LYS A 1 72  ? -2.910  8.846   4.240   1.000 13.648  ? 111 LYS AAA O   1 ? 
ATOM   598  C  CB  . LYS A 1 72  ? -3.958  5.737   4.874   1.000 13.305  ? 111 LYS AAA CB  1 ? 
ATOM   599  C  CG  . LYS A 1 72  ? -5.026  6.582   5.562   1.000 15.322  ? 111 LYS AAA CG  1 ? 
ATOM   600  C  CD  . LYS A 1 72  ? -5.865  5.654   6.416   1.000 17.698  ? 111 LYS AAA CD  1 ? 
ATOM   601  C  CE  . LYS A 1 72  ? -7.037  6.347   7.085   1.000 24.334  ? 111 LYS AAA CE  1 ? 
ATOM   602  N  NZ  . LYS A 1 72  ? -6.528  7.192   8.181   1.000 25.844  ? 111 LYS AAA NZ  1 ? 
ATOM   603  N  N   . LYS A 1 73  ? -1.371  7.498   5.206   1.000 11.886  ? 112 LYS AAA N   1 ? 
ATOM   604  C  CA  . LYS A 1 73  ? -0.661  8.602   5.832   1.000 13.552  ? 112 LYS AAA CA  1 ? 
ATOM   605  C  C   . LYS A 1 73  ? -0.006  9.479   4.766   1.000 12.271  ? 112 LYS AAA C   1 ? 
ATOM   606  O  O   . LYS A 1 73  ? -0.033  10.708  4.857   1.000 13.357  ? 112 LYS AAA O   1 ? 
ATOM   607  C  CB  . LYS A 1 73  ? 0.423   8.061   6.768   1.000 16.076  ? 112 LYS AAA CB  1 ? 
ATOM   608  C  CG  . LYS A 1 73  ? -0.032  7.574   8.141   1.000 22.731  ? 112 LYS AAA CG  1 ? 
ATOM   609  C  CD  . LYS A 1 73  ? 1.179   7.249   9.029   1.000 29.080  ? 112 LYS AAA CD  1 ? 
ATOM   610  C  CE  . LYS A 1 73  ? 0.866   6.503   10.312  1.000 35.038  ? 112 LYS AAA CE  1 ? 
ATOM   611  N  NZ  . LYS A 1 73  ? 0.977   5.028   10.166  1.000 40.712  ? 112 LYS AAA NZ  1 ? 
ATOM   612  N  N   . ARG A 1 74  ? 0.573   8.865   3.726   1.000 11.331  ? 113 ARG AAA N   1 ? 
ATOM   613  C  CA  . ARG A 1 74  ? 1.169   9.646   2.647   1.000 10.683  ? 113 ARG AAA CA  1 ? 
ATOM   614  C  C   . ARG A 1 74  ? 0.102   10.523  1.993   1.000 11.189  ? 113 ARG AAA C   1 ? 
ATOM   615  O  O   . ARG A 1 74  ? 0.379   11.695  1.689   1.000 12.274  ? 113 ARG AAA O   1 ? 
ATOM   616  C  CB  . ARG A 1 74  ? 1.871   8.739   1.634   1.000 10.085  ? 113 ARG AAA CB  1 ? 
ATOM   617  C  CG  . ARG A 1 74  ? 3.196   8.179   2.134   1.000 10.010  ? 113 ARG AAA CG  1 ? 
ATOM   618  C  CD  . ARG A 1 74  ? 3.833   7.244   1.134   1.000 10.270  ? 113 ARG AAA CD  1 ? 
ATOM   619  N  NE  . ARG A 1 74  ? 5.166   6.908   1.615   1.000 9.874   ? 113 ARG AAA NE  1 ? 
ATOM   620  C  CZ  . ARG A 1 74  ? 6.110   6.356   0.877   1.000 10.047  ? 113 ARG AAA CZ  1 ? 
ATOM   621  N  NH1 . ARG A 1 74  ? 5.862   5.951   -0.353  1.000 11.573  ? 113 ARG AAA NH1 1 ? 
ATOM   622  N  NH2 . ARG A 1 74  ? 7.315   6.206   1.402   1.000 11.690  ? 113 ARG AAA NH2 1 ? 
ATOM   623  N  N   . LEU A 1 75  ? -1.096  9.993   1.717   1.000 10.705  ? 114 LEU AAA N   1 ? 
ATOM   624  C  CA  . LEU A 1 75  ? -2.141  10.794  1.110   1.000 11.092  ? 114 LEU AAA CA  1 ? 
ATOM   625  C  C   . LEU A 1 75  ? -2.620  11.896  2.042   1.000 12.660  ? 114 LEU AAA C   1 ? 
ATOM   626  O  O   . LEU A 1 75  ? -2.753  13.055  1.594   1.000 14.069  ? 114 LEU AAA O   1 ? 
ATOM   627  C  CB  . LEU A 1 75  ? -3.283  9.877   0.689   1.000 10.838  ? 114 LEU AAA CB  1 ? 
ATOM   628  C  CG  . LEU A 1 75  ? -3.007  9.038   -0.551  1.000 10.892  ? 114 LEU AAA CG  1 ? 
ATOM   629  C  CD1 . LEU A 1 75  ? -4.038  7.926   -0.695  1.000 11.611  ? 114 LEU AAA CD1 1 ? 
ATOM   630  C  CD2 . LEU A 1 75  ? -2.993  9.879   -1.808  1.000 11.768  ? 114 LEU AAA CD2 1 ? 
ATOM   631  N  N   . GLU A 1 76  ? -2.872  11.556  3.302   1.000 13.572  ? 115 GLU AAA N   1 ? 
ATOM   632  C  CA  . GLU A 1 76  ? -3.411  12.520  4.264   1.000 15.901  ? 115 GLU AAA CA  1 ? 
ATOM   633  C  C   . GLU A 1 76  ? -2.397  13.616  4.534   1.000 16.781  ? 115 GLU AAA C   1 ? 
ATOM   634  O  O   . GLU A 1 76  ? -2.782  14.771  4.744   1.000 20.530  ? 115 GLU AAA O   1 ? 
ATOM   635  C  CB  . GLU A 1 76  ? -3.865  11.830  5.547   1.000 17.535  ? 115 GLU AAA CB  1 ? 
ATOM   636  C  CG  . GLU A 1 76  ? -5.091  10.958  5.333   1.000 20.274  ? 115 GLU AAA CG  1 ? 
ATOM   637  C  CD  . GLU A 1 76  ? -5.453  10.135  6.556   1.000 22.474  ? 115 GLU AAA CD  1 ? 
ATOM   638  O  OE1 . GLU A 1 76  ? -4.632  10.029  7.463   1.000 27.697  ? 115 GLU AAA OE1 1 ? 
ATOM   639  O  OE2 . GLU A 1 76  ? -6.544  9.554   6.553   1.000 27.965  ? 115 GLU AAA OE2 1 ? 
ATOM   640  N  N   . ASN A 1 77  ? -1.116  13.264  4.501   1.000 16.254  ? 116 ASN AAA N   1 ? 
ATOM   641  C  CA  . ASN A 1 77  ? -0.070  14.219  4.822   1.000 17.901  ? 116 ASN AAA CA  1 ? 
ATOM   642  C  C   . ASN A 1 77  ? 0.504   14.869  3.567   1.000 17.354  ? 116 ASN AAA C   1 ? 
ATOM   643  O  O   . ASN A 1 77  ? 1.547   15.523  3.671   1.000 20.246  ? 116 ASN AAA O   1 ? 
ATOM   644  C  CB  . ASN A 1 77  ? 0.952   13.576  5.756   1.000 22.640  ? 116 ASN AAA CB  1 ? 
ATOM   645  C  CG  . ASN A 1 77  ? 0.361   13.484  7.146   1.000 27.764  ? 116 ASN AAA CG  1 ? 
ATOM   646  O  OD1 . ASN A 1 77  ? 0.378   14.458  7.890   1.000 37.806  ? 116 ASN AAA OD1 1 ? 
ATOM   647  N  ND2 . ASN A 1 77  ? -0.209  12.346  7.500   1.000 29.230  ? 116 ASN AAA ND2 1 ? 
ATOM   648  N  N   . ASN A 1 78  ? -0.149  14.734  2.405   1.000 15.831  ? 117 ASN AAA N   1 ? 
ATOM   649  C  CA  . ASN A 1 78  ? 0.285   15.269  1.112   1.000 16.478  ? 117 ASN AAA CA  1 ? 
ATOM   650  C  C   . ASN A 1 78  ? 1.781   15.027  0.906   1.000 16.581  ? 117 ASN AAA C   1 ? 
ATOM   651  O  O   . ASN A 1 78  ? 2.605   15.963  0.843   1.000 21.402  ? 117 ASN AAA O   1 ? 
ATOM   652  C  CB  . ASN A 1 78  ? -0.063  16.758  0.967   1.000 21.931  ? 117 ASN AAA CB  1 ? 
ATOM   653  C  CG  . ASN A 1 78  ? -1.525  17.039  1.239   1.000 23.632  ? 117 ASN AAA CG  1 ? 
ATOM   654  O  OD1 . ASN A 1 78  ? -2.380  16.736  0.414   1.000 27.693  ? 117 ASN AAA OD1 1 ? 
ATOM   655  N  ND2 . ASN A 1 78  ? -1.806  17.597  2.408   1.000 28.556  ? 117 ASN AAA ND2 1 ? 
ATOM   656  N  N   . TYR A 1 79  ? 2.176   13.758  0.875   1.000 12.776  ? 118 TYR AAA N   1 ? 
ATOM   657  C  CA  . TYR A 1 79  ? 3.569   13.395  0.694   1.000 12.087  ? 118 TYR AAA CA  1 ? 
ATOM   658  C  C   . TYR A 1 79  ? 3.918   13.329  -0.784  1.000 10.608  ? 118 TYR AAA C   1 ? 
ATOM   659  O  O   . TYR A 1 79  ? 5.083   13.412  -1.140  1.000 11.066  ? 118 TYR AAA O   1 ? 
ATOM   660  C  CB  . TYR A 1 79  ? 3.764   12.048  1.381   1.000 11.239  ? 118 TYR AAA CB  1 ? 
ATOM   661  C  CG  . TYR A 1 79  ? 5.111   11.434  1.166   1.000 10.853  ? 118 TYR AAA CG  1 ? 
ATOM   662  C  CD1 . TYR A 1 79  ? 6.163   11.797  1.994   1.000 11.147  ? 118 TYR AAA CD1 1 ? 
ATOM   663  C  CD2 . TYR A 1 79  ? 5.322   10.443  0.210   1.000 11.623  ? 118 TYR AAA CD2 1 ? 
ATOM   664  C  CE1 . TYR A 1 79  ? 7.417   11.234  1.853   1.000 12.071  ? 118 TYR AAA CE1 1 ? 
ATOM   665  C  CE2 . TYR A 1 79  ? 6.564   9.866   0.065   1.000 12.396  ? 118 TYR AAA CE2 1 ? 
ATOM   666  C  CZ  . TYR A 1 79  ? 7.604   10.236  0.893   1.000 12.531  ? 118 TYR AAA CZ  1 ? 
ATOM   667  O  OH  . TYR A 1 79  ? 8.846   9.670   0.732   1.000 15.108  ? 118 TYR AAA OH  1 ? 
ATOM   668  N  N   . TYR A 1 80  ? 2.914   13.095  -1.645  1.000 10.770  ? 119 TYR AAA N   1 ? 
ATOM   669  C  CA  . TYR A 1 80  ? 3.175   12.810  -3.037  1.000 10.842  ? 119 TYR AAA CA  1 ? 
ATOM   670  C  C   . TYR A 1 80  ? 3.238   14.069  -3.908  1.000 10.874  ? 119 TYR AAA C   1 ? 
ATOM   671  O  O   . TYR A 1 80  ? 2.663   15.092  -3.546  1.000 13.293  ? 119 TYR AAA O   1 ? 
ATOM   672  C  CB  . TYR A 1 80  ? 2.066   11.908  -3.568  1.000 10.804  ? 119 TYR AAA CB  1 ? 
ATOM   673  C  CG  . TYR A 1 80  ? 1.967   10.534  -2.950  1.000 10.177  ? 119 TYR AAA CG  1 ? 
ATOM   674  C  CD1 . TYR A 1 80  ? 2.973   9.600   -3.089  1.000 9.253   ? 119 TYR AAA CD1 1 ? 
ATOM   675  C  CD2 . TYR A 1 80  ? 0.852   10.204  -2.191  1.000 10.389  ? 119 TYR AAA CD2 1 ? 
ATOM   676  C  CE1 . TYR A 1 80  ? 2.833   8.316   -2.562  1.000 10.107  ? 119 TYR AAA CE1 1 ? 
ATOM   677  C  CE2 . TYR A 1 80  ? 0.690   8.932   -1.684  1.000 10.740  ? 119 TYR AAA CE2 1 ? 
ATOM   678  C  CZ  . TYR A 1 80  ? 1.687   7.997   -1.850  1.000 9.746   ? 119 TYR AAA CZ  1 ? 
ATOM   679  O  OH  . TYR A 1 80  ? 1.497   6.730   -1.371  1.000 11.074  ? 119 TYR AAA OH  1 ? 
ATOM   680  N  N   . TRP A 1 81  ? 3.950   13.928  -5.027  1.000 10.862  ? 120 TRP AAA N   1 ? 
ATOM   681  C  CA  . TRP A 1 81  ? 3.922   14.917  -6.104  1.000 10.778  ? 120 TRP AAA CA  1 ? 
ATOM   682  C  C   . TRP A 1 81  ? 2.878   14.534  -7.152  1.000 10.667  ? 120 TRP AAA C   1 ? 
ATOM   683  O  O   . TRP A 1 81  ? 2.225   15.414  -7.698  1.000 11.551  ? 120 TRP AAA O   1 ? 
ATOM   684  C  CB  . TRP A 1 81  ? 5.296   15.065  -6.767  1.000 11.725  ? 120 TRP AAA CB  1 ? 
ATOM   685  C  CG  . TRP A 1 81  ? 5.341   16.156  -7.813  1.000 11.711  ? 120 TRP AAA CG  1 ? 
ATOM   686  C  CD1 . TRP A 1 81  ? 5.256   16.007  -9.184  1.000 12.564  ? 120 TRP AAA CD1 1 ? 
ATOM   687  C  CD2 . TRP A 1 81  ? 5.452   17.569  -7.565  1.000 10.726  ? 120 TRP AAA CD2 1 ? 
ATOM   688  N  NE1 . TRP A 1 81  ? 5.334   17.247  -9.770  1.000 12.550  ? 120 TRP AAA NE1 1 ? 
ATOM   689  C  CE2 . TRP A 1 81  ? 5.428   18.225  -8.823  1.000 11.436  ? 120 TRP AAA CE2 1 ? 
ATOM   690  C  CE3 . TRP A 1 81  ? 5.592   18.358  -6.418  1.000 11.230  ? 120 TRP AAA CE3 1 ? 
ATOM   691  C  CZ2 . TRP A 1 81  ? 5.543   19.608  -8.928  1.000 11.823  ? 120 TRP AAA CZ2 1 ? 
ATOM   692  C  CZ3 . TRP A 1 81  ? 5.700   19.729  -6.528  1.000 11.677  ? 120 TRP AAA CZ3 1 ? 
ATOM   693  C  CH2 . TRP A 1 81  ? 5.648   20.341  -7.785  1.000 12.802  ? 120 TRP AAA CH2 1 ? 
ATOM   694  N  N   . ASN A 1 82  ? 2.679   13.251  -7.425  1.000 11.010  ? 121 ASN AAA N   1 ? 
ATOM   695  C  CA  . ASN A 1 82  ? 1.748   12.884  -8.479  1.000 11.346  ? 121 ASN AAA CA  1 ? 
ATOM   696  C  C   . ASN A 1 82  ? 1.099   11.538  -8.178  1.000 11.186  ? 121 ASN AAA C   1 ? 
ATOM   697  O  O   . ASN A 1 82  ? 1.454   10.809  -7.224  1.000 11.519  ? 121 ASN AAA O   1 ? 
ATOM   698  C  CB  . ASN A 1 82  ? 2.416   12.921  -9.857  1.000 12.222  ? 121 ASN AAA CB  1 ? 
ATOM   699  C  CG  . ASN A 1 82  ? 3.504   11.893  -10.025 1.000 11.915  ? 121 ASN AAA CG  1 ? 
ATOM   700  O  OD1 . ASN A 1 82  ? 3.431   10.806  -9.434  1.000 13.136  ? 121 ASN AAA OD1 1 ? 
ATOM   701  N  ND2 . ASN A 1 82  ? 4.509   12.133  -10.859 1.000 13.273  ? 121 ASN AAA ND2 1 ? 
ATOM   702  N  N   . ALA A 1 83  ? 0.068   11.247  -8.951  1.000 10.695  ? 122 ALA AAA N   1 ? 
ATOM   703  C  CA  . ALA A 1 83  ? -0.705  10.032  -8.761  1.000 11.318  ? 122 ALA AAA CA  1 ? 
ATOM   704  C  C   . ALA A 1 83  ? 0.157   8.821   -9.020  1.000 10.469  ? 122 ALA AAA C   1 ? 
ATOM   705  O  O   . ALA A 1 83  ? -0.090  7.785   -8.389  1.000 11.265  ? 122 ALA AAA O   1 ? 
ATOM   706  C  CB  . ALA A 1 83  ? -1.890  10.019  -9.712  1.000 13.540  ? 122 ALA AAA CB  1 ? 
ATOM   707  N  N   . GLN A 1 84  ? 1.057   8.858   -9.981  1.000 10.494  ? 123 GLN AAA N   1 ? 
ATOM   708  C  CA  . GLN A 1 84  ? 1.856   7.698   -10.295 1.000 11.641  ? 123 GLN AAA CA  1 ? 
ATOM   709  C  C   . GLN A 1 84  ? 2.621   7.220   -9.070  1.000 9.660   ? 123 GLN AAA C   1 ? 
ATOM   710  O  O   . GLN A 1 84  ? 2.775   6.003   -8.893  1.000 10.639  ? 123 GLN AAA O   1 ? 
ATOM   711  C  CB  . GLN A 1 84  ? 2.804   7.938   -11.464 1.000 13.981  ? 123 GLN AAA CB  1 ? 
ATOM   712  C  CG  . GLN A 1 84  ? 3.523   6.666   -11.926 1.000 17.749  ? 123 GLN AAA CG  1 ? 
ATOM   713  C  CD  . GLN A 1 84  ? 2.615   5.488   -12.228 0.500 19.143  ? 123 GLN AAA CD  1 ? 
ATOM   714  O  OE1 . GLN A 1 84  ? 2.952   4.334   -11.948 0.500 24.565  ? 123 GLN AAA OE1 1 ? 
ATOM   715  N  NE2 . GLN A 1 84  ? 1.431   5.764   -12.745 0.500 20.115  ? 123 GLN AAA NE2 1 ? 
ATOM   716  N  N   . GLU A 1 85  ? 3.148   8.132   -8.249  1.000 9.910   ? 124 GLU AAA N   1 ? 
ATOM   717  C  CA  . GLU A 1 85  ? 3.884   7.683   -7.054  1.000 10.337  ? 124 GLU AAA CA  1 ? 
ATOM   718  C  C   . GLU A 1 85  ? 2.980   6.854   -6.141  1.000 9.926   ? 124 GLU AAA C   1 ? 
ATOM   719  O  O   . GLU A 1 85  ? 3.416   5.861   -5.547  1.000 10.742  ? 124 GLU AAA O   1 ? 
ATOM   720  C  CB  . GLU A 1 85  ? 4.386   8.884   -6.231  1.000 10.586  ? 124 GLU AAA CB  1 ? 
ATOM   721  C  CG  . GLU A 1 85  ? 5.545   9.697   -6.848  1.000 13.150  ? 124 GLU AAA CG  1 ? 
ATOM   722  C  CD  . GLU A 1 85  ? 5.805   10.829  -5.841  1.000 15.677  ? 124 GLU AAA CD  1 ? 
ATOM   723  O  OE1 . GLU A 1 85  ? 6.614   10.667  -4.914  1.000 22.047  ? 124 GLU AAA OE1 1 ? 
ATOM   724  O  OE2 . GLU A 1 85  ? 5.115   11.758  -5.861  1.000 19.495  ? 124 GLU AAA OE2 1 ? 
ATOM   725  N  N   . CYS A 1 86  ? 1.745   7.270   -5.986  1.000 8.992   ? 125 CYS AAA N   1 ? 
ATOM   726  C  CA  . CYS A 1 86  ? 0.830   6.574   -5.093  1.000 9.430   ? 125 CYS AAA CA  1 ? 
ATOM   727  C  C   . CYS A 1 86  ? 0.381   5.258   -5.713  1.000 9.520   ? 125 CYS AAA C   1 ? 
ATOM   728  O  O   . CYS A 1 86  ? 0.327   4.231   -5.021  1.000 9.237   ? 125 CYS AAA O   1 ? 
ATOM   729  C  CB  . CYS A 1 86  ? -0.324  7.518   -4.809  1.000 10.245  ? 125 CYS AAA CB  1 ? 
ATOM   730  S  SG  . CYS A 1 86  ? -1.642  6.752   -3.826  1.000 12.063  ? 125 CYS AAA SG  1 ? 
ATOM   731  N  N   . ILE A 1 87  ? 0.045   5.258   -7.006  1.000 8.943   ? 126 ILE AAA N   1 ? 
ATOM   732  C  CA  . ILE A 1 87  ? -0.329  4.021   -7.675  1.000 9.946   ? 126 ILE AAA CA  1 ? 
ATOM   733  C  C   . ILE A 1 87  ? 0.827   3.032   -7.542  1.000 9.558   ? 126 ILE AAA C   1 ? 
ATOM   734  O  O   . ILE A 1 87  ? 0.609   1.822   -7.334  1.000 10.133  ? 126 ILE AAA O   1 ? 
ATOM   735  C  CB  . ILE A 1 87  ? -0.662  4.346   -9.135  1.000 11.165  ? 126 ILE AAA CB  1 ? 
ATOM   736  C  CG1 . ILE A 1 87  ? -1.969  5.126   -9.208  1.000 12.117  ? 126 ILE AAA CG1 1 ? 
ATOM   737  C  CG2 . ILE A 1 87  ? -0.736  3.070   -9.972  1.000 12.030  ? 126 ILE AAA CG2 1 ? 
ATOM   738  C  CD1 . ILE A 1 87  ? -2.225  5.787   -10.592 1.000 13.493  ? 126 ILE AAA CD1 1 ? 
ATOM   739  N  N   . GLN A 1 88  ? 2.072   3.478   -7.686  1.000 9.910   ? 127 GLN AAA N   1 ? 
ATOM   740  C  CA  . GLN A 1 88  ? 3.215   2.585   -7.548  1.000 10.567  ? 127 GLN AAA CA  1 ? 
ATOM   741  C  C   . GLN A 1 88  ? 3.241   1.979   -6.151  1.000 8.921   ? 127 GLN AAA C   1 ? 
ATOM   742  O  O   . GLN A 1 88  ? 3.575   0.805   -6.021  1.000 9.688   ? 127 GLN AAA O   1 ? 
ATOM   743  C  CB  . GLN A 1 88  ? 4.537   3.300   -7.831  1.000 12.033  ? 127 GLN AAA CB  1 ? 
ATOM   744  C  CG  . GLN A 1 88  ? 5.778   2.425   -7.616  1.000 17.523  ? 127 GLN AAA CG  1 ? 
ATOM   745  C  CD  . GLN A 1 88  ? 5.774   1.199   -8.498  1.000 23.592  ? 127 GLN AAA CD  1 ? 
ATOM   746  O  OE1 . GLN A 1 88  ? 5.677   0.050   -8.047  1.000 28.764  ? 127 GLN AAA OE1 1 ? 
ATOM   747  N  NE2 . GLN A 1 88  ? 5.805   1.441   -9.797  1.000 27.029  ? 127 GLN AAA NE2 1 ? 
ATOM   748  N  N   . ASP A 1 89  ? 2.960   2.764   -5.118  1.000 8.577   ? 128 ASP AAA N   1 ? 
ATOM   749  C  CA  . ASP A 1 89  ? 2.889   2.196   -3.767  1.000 8.665   ? 128 ASP AAA CA  1 ? 
ATOM   750  C  C   . ASP A 1 89  ? 1.847   1.093   -3.669  1.000 8.493   ? 128 ASP AAA C   1 ? 
ATOM   751  O  O   . ASP A 1 89  ? 2.124   0.043   -3.077  1.000 8.940   ? 128 ASP AAA O   1 ? 
ATOM   752  C  CB  . ASP A 1 89  ? 2.635   3.285   -2.737  1.000 9.202   ? 128 ASP AAA CB  1 ? 
ATOM   753  C  CG  . ASP A 1 89  ? 3.838   4.180   -2.450  1.000 9.532   ? 128 ASP AAA CG  1 ? 
ATOM   754  O  OD1 . ASP A 1 89  ? 4.971   3.806   -2.818  1.000 11.801  ? 128 ASP AAA OD1 1 ? 
ATOM   755  O  OD2 . ASP A 1 89  ? 3.602   5.259   -1.843  1.000 11.574  ? 128 ASP AAA OD2 1 ? 
ATOM   756  N  N   . PHE A 1 90  ? 0.643   1.307   -4.197  1.000 8.256   ? 129 PHE AAA N   1 ? 
ATOM   757  C  CA  . PHE A 1 90  ? -0.333  0.225   -4.208  1.000 8.976   ? 129 PHE AAA CA  1 ? 
ATOM   758  C  C   . PHE A 1 90  ? 0.192   -1.015  -4.937  1.000 9.270   ? 129 PHE AAA C   1 ? 
ATOM   759  O  O   . PHE A 1 90  ? 0.060   -2.144  -4.439  1.000 9.498   ? 129 PHE AAA O   1 ? 
ATOM   760  C  CB  . PHE A 1 90  ? -1.660  0.672   -4.816  1.000 10.081  ? 129 PHE AAA CB  1 ? 
ATOM   761  C  CG  . PHE A 1 90  ? -2.577  1.432   -3.905  1.000 9.728   ? 129 PHE AAA CG  1 ? 
ATOM   762  C  CD1 . PHE A 1 90  ? -3.375  0.765   -2.986  1.000 11.773  ? 129 PHE AAA CD1 1 ? 
ATOM   763  C  CD2 . PHE A 1 90  ? -2.674  2.816   -4.006  1.000 10.626  ? 129 PHE AAA CD2 1 ? 
ATOM   764  C  CE1 . PHE A 1 90  ? -4.248  1.469   -2.169  1.000 12.436  ? 129 PHE AAA CE1 1 ? 
ATOM   765  C  CE2 . PHE A 1 90  ? -3.574  3.511   -3.196  1.000 11.427  ? 129 PHE AAA CE2 1 ? 
ATOM   766  C  CZ  . PHE A 1 90  ? -4.356  2.829   -2.291  1.000 13.164  ? 129 PHE AAA CZ  1 ? 
ATOM   767  N  N   . ASN A 1 91  ? 0.773   -0.823  -6.097  1.000 9.704   ? 130 ASN AAA N   1 ? 
ATOM   768  C  CA  . ASN A 1 91  ? 1.275   -1.962  -6.856  1.000 11.270  ? 130 ASN AAA CA  1 ? 
ATOM   769  C  C   . ASN A 1 91  ? 2.385   -2.681  -6.104  1.000 10.797  ? 130 ASN AAA C   1 ? 
ATOM   770  O  O   . ASN A 1 91  ? 2.461   -3.916  -6.155  1.000 10.722  ? 130 ASN AAA O   1 ? 
ATOM   771  C  CB  . ASN A 1 91  ? 1.692   -1.528  -8.261  1.000 13.349  ? 130 ASN AAA CB  1 ? 
ATOM   772  C  CG  . ASN A 1 91  ? 0.472   -1.214  -9.127  1.000 17.159  ? 130 ASN AAA CG  1 ? 
ATOM   773  O  OD1 . ASN A 1 91  ? -0.577  -1.843  -8.992  1.000 24.492  ? 130 ASN AAA OD1 1 ? 
ATOM   774  N  ND2 . ASN A 1 91  ? 0.617   -0.274  -10.037 1.000 22.684  ? 130 ASN AAA ND2 1 ? 
ATOM   775  N  N   . THR A 1 92  ? 3.233   -1.931  -5.418  1.000 9.785   ? 131 THR AAA N   1 ? 
ATOM   776  C  CA  . THR A 1 92  ? 4.284   -2.557  -4.620  1.000 10.356  ? 131 THR AAA CA  1 ? 
ATOM   777  C  C   . THR A 1 92  ? 3.651   -3.426  -3.527  1.000 9.040   ? 131 THR AAA C   1 ? 
ATOM   778  O  O   . THR A 1 92  ? 4.112   -4.558  -3.294  1.000 9.708   ? 131 THR AAA O   1 ? 
ATOM   779  C  CB  . THR A 1 92  ? 5.178   -1.497  -3.993  1.000 10.071  ? 131 THR AAA CB  1 ? 
ATOM   780  O  OG1 . THR A 1 92  ? 5.818   -0.830  -5.087  1.000 12.734  ? 131 THR AAA OG1 1 ? 
ATOM   781  C  CG2 . THR A 1 92  ? 6.208   -2.075  -3.052  1.000 11.458  ? 131 THR AAA CG2 1 ? 
ATOM   782  N  N   . MET A 1 93  ? 2.658   -2.898  -2.813  1.000 8.777   ? 132 MET AAA N   1 ? 
ATOM   783  C  CA  . MET A 1 93  ? 1.995   -3.657  -1.765  1.000 9.235   ? 132 MET AAA CA  1 ? 
ATOM   784  C  C   . MET A 1 93  ? 1.434   -4.974  -2.306  1.000 9.249   ? 132 MET AAA C   1 ? 
ATOM   785  O  O   . MET A 1 93  ? 1.645   -6.049  -1.733  1.000 9.479   ? 132 MET AAA O   1 ? 
ATOM   786  C  CB  . MET A 1 93  ? 0.867   -2.805  -1.204  1.000 9.190   ? 132 MET AAA CB  1 ? 
ATOM   787  C  CG  . MET A 1 93  ? 0.046   -3.537  -0.146  1.000 11.226  ? 132 MET AAA CG  1 ? 
ATOM   788  S  SD  . MET A 1 93  ? -1.296  -2.529  0.457   1.000 11.880  ? 132 MET AAA SD  1 ? 
ATOM   789  C  CE  . MET A 1 93  ? -2.493  -2.799  -0.858  1.000 15.472  ? 132 MET AAA CE  1 ? 
ATOM   790  N  N   . PHE A 1 94  ? 0.732   -4.927  -3.441  1.000 8.967   ? 133 PHE AAA N   1 ? 
ATOM   791  C  CA  . PHE A 1 94  ? 0.172   -6.162  -3.984  1.000 10.156  ? 133 PHE AAA CA  1 ? 
ATOM   792  C  C   . PHE A 1 94  ? 1.294   -7.112  -4.374  1.000 9.993   ? 133 PHE AAA C   1 ? 
ATOM   793  O  O   . PHE A 1 94  ? 1.222   -8.323  -4.090  1.000 10.702  ? 133 PHE AAA O   1 ? 
ATOM   794  C  CB  . PHE A 1 94  ? -0.713  -5.869  -5.210  1.000 10.623  ? 133 PHE AAA CB  1 ? 
ATOM   795  C  CG  . PHE A 1 94  ? -1.972  -5.117  -4.871  1.000 11.193  ? 133 PHE AAA CG  1 ? 
ATOM   796  C  CD1 . PHE A 1 94  ? -2.786  -5.579  -3.860  1.000 13.368  ? 133 PHE AAA CD1 1 ? 
ATOM   797  C  CD2 . PHE A 1 94  ? -2.312  -3.922  -5.489  1.000 12.213  ? 133 PHE AAA CD2 1 ? 
ATOM   798  C  CE1 . PHE A 1 94  ? -3.948  -4.904  -3.512  1.000 15.846  ? 133 PHE AAA CE1 1 ? 
ATOM   799  C  CE2 . PHE A 1 94  ? -3.474  -3.245  -5.135  1.000 13.676  ? 133 PHE AAA CE2 1 ? 
ATOM   800  C  CZ  . PHE A 1 94  ? -4.287  -3.752  -4.164  1.000 14.582  ? 133 PHE AAA CZ  1 ? 
ATOM   801  N  N   . THR A 1 95  ? 2.312   -6.597  -5.078  1.000 10.664  ? 134 THR AAA N   1 ? 
ATOM   802  C  CA  A THR A 1 95  ? 3.349   -7.488  -5.553  0.500 12.291  ? 134 THR AAA CA  1 ? 
ATOM   803  C  CA  B THR A 1 95  ? 3.421   -7.412  -5.546  0.500 10.738  ? 134 THR AAA CA  1 ? 
ATOM   804  C  C   . THR A 1 95  ? 4.112   -8.104  -4.383  1.000 10.987  ? 134 THR AAA C   1 ? 
ATOM   805  O  O   . THR A 1 95  ? 4.489   -9.282  -4.480  1.000 12.178  ? 134 THR AAA O   1 ? 
ATOM   806  C  CB  A THR A 1 95  ? 4.171   -6.862  -6.684  0.500 14.302  ? 134 THR AAA CB  1 ? 
ATOM   807  C  CB  B THR A 1 95  ? 4.479   -6.574  -6.266  0.500 10.357  ? 134 THR AAA CB  1 ? 
ATOM   808  O  OG1 A THR A 1 95  ? 4.803   -5.710  -6.136  0.500 19.270  ? 134 THR AAA OG1 1 ? 
ATOM   809  O  OG1 B THR A 1 95  ? 3.820   -6.037  -7.408  0.500 11.420  ? 134 THR AAA OG1 1 ? 
ATOM   810  C  CG2 A THR A 1 95  ? 3.342   -6.514  -7.902  0.500 14.939  ? 134 THR AAA CG2 1 ? 
ATOM   811  C  CG2 B THR A 1 95  ? 5.635   -7.404  -6.770  0.500 10.321  ? 134 THR AAA CG2 1 ? 
ATOM   812  N  N   . ASN A 1 96  ? 4.328   -7.387  -3.287  1.000 10.767  ? 135 ASN AAA N   1 ? 
ATOM   813  C  CA  . ASN A 1 96  ? 5.006   -8.007  -2.159  1.000 10.870  ? 135 ASN AAA CA  1 ? 
ATOM   814  C  C   . ASN A 1 96  ? 4.234   -9.230  -1.686  1.000 10.260  ? 135 ASN AAA C   1 ? 
ATOM   815  O  O   . ASN A 1 96  ? 4.814   -10.249 -1.338  1.000 10.607  ? 135 ASN AAA O   1 ? 
ATOM   816  C  CB  . ASN A 1 96  ? 5.110   -7.026  -1.005  1.000 11.963  ? 135 ASN AAA CB  1 ? 
ATOM   817  C  CG  . ASN A 1 96  ? 6.071   -5.878  -1.276  1.000 13.046  ? 135 ASN AAA CG  1 ? 
ATOM   818  O  OD1 . ASN A 1 96  ? 6.904   -5.974  -2.149  1.000 15.654  ? 135 ASN AAA OD1 1 ? 
ATOM   819  N  ND2 . ASN A 1 96  ? 5.927   -4.853  -0.480  1.000 17.140  ? 135 ASN AAA ND2 1 ? 
ATOM   820  N  N   . CYS A 1 97  ? 2.917   -9.105  -1.651  1.000 9.702   ? 136 CYS AAA N   1 ? 
ATOM   821  C  CA  . CYS A 1 97  ? 2.094   -10.212 -1.184  1.000 10.211  ? 136 CYS AAA CA  1 ? 
ATOM   822  C  C   . CYS A 1 97  ? 2.225   -11.427 -2.110  1.000 9.605   ? 136 CYS AAA C   1 ? 
ATOM   823  O  O   . CYS A 1 97  ? 2.399   -12.555 -1.647  1.000 10.578  ? 136 CYS AAA O   1 ? 
ATOM   824  C  CB  . CYS A 1 97  ? 0.656   -9.723  -1.155  1.000 10.711  ? 136 CYS AAA CB  1 ? 
ATOM   825  S  SG  . CYS A 1 97  ? -0.493  -10.921 -0.453  1.000 14.163  ? 136 CYS AAA SG  1 ? 
ATOM   826  N  N   . TYR A 1 98  ? 2.183   -11.152 -3.426  1.000 9.709   ? 137 TYR AAA N   1 ? 
ATOM   827  C  CA  . TYR A 1 98  ? 2.287   -12.207 -4.413  1.000 11.175  ? 137 TYR AAA CA  1 ? 
ATOM   828  C  C   . TYR A 1 98  ? 3.665   -12.846 -4.423  1.000 11.755  ? 137 TYR AAA C   1 ? 
ATOM   829  O  O   . TYR A 1 98  ? 3.765   -14.047 -4.703  1.000 14.602  ? 137 TYR AAA O   1 ? 
ATOM   830  C  CB  . TYR A 1 98  ? 1.917   -11.687 -5.801  1.000 10.778  ? 137 TYR AAA CB  1 ? 
ATOM   831  C  CG  . TYR A 1 98  ? 0.550   -11.071 -5.870  1.000 11.328  ? 137 TYR AAA CG  1 ? 
ATOM   832  C  CD1 . TYR A 1 98  ? -0.495  -11.490 -5.052  1.000 12.029  ? 137 TYR AAA CD1 1 ? 
ATOM   833  C  CD2 . TYR A 1 98  ? 0.309   -10.027 -6.736  1.000 11.017  ? 137 TYR AAA CD2 1 ? 
ATOM   834  C  CE1 . TYR A 1 98  ? -1.760  -10.939 -5.121  1.000 12.932  ? 137 TYR AAA CE1 1 ? 
ATOM   835  C  CE2 . TYR A 1 98  ? -0.954  -9.469  -6.845  1.000 11.846  ? 137 TYR AAA CE2 1 ? 
ATOM   836  C  CZ  . TYR A 1 98  ? -1.981  -9.905  -6.016  1.000 12.075  ? 137 TYR AAA CZ  1 ? 
ATOM   837  O  OH  . TYR A 1 98  ? -3.226  -9.318  -6.094  1.000 14.894  ? 137 TYR AAA OH  1 ? 
ATOM   838  N  N   . ILE A 1 99  ? 4.723   -12.095 -4.110  1.000 11.093  ? 138 ILE AAA N   1 ? 
ATOM   839  C  CA  . ILE A 1 99  ? 6.071   -12.645 -4.099  1.000 11.796  ? 138 ILE AAA CA  1 ? 
ATOM   840  C  C   . ILE A 1 99  ? 6.253   -13.514 -2.860  1.000 12.148  ? 138 ILE AAA C   1 ? 
ATOM   841  O  O   . ILE A 1 99  ? 6.845   -14.602 -2.950  1.000 14.492  ? 138 ILE AAA O   1 ? 
ATOM   842  C  CB  . ILE A 1 99  ? 7.121   -11.512 -4.101  1.000 13.261  ? 138 ILE AAA CB  1 ? 
ATOM   843  C  CG1 . ILE A 1 99  ? 7.174   -10.829 -5.463  1.000 15.728  ? 138 ILE AAA CG1 1 ? 
ATOM   844  C  CG2 . ILE A 1 99  ? 8.507   -11.993 -3.653  1.000 14.549  ? 138 ILE AAA CG2 1 ? 
ATOM   845  C  CD1 . ILE A 1 99  ? 8.080   -9.632  -5.445  1.000 20.597  ? 138 ILE AAA CD1 1 ? 
ATOM   846  N  N   . TYR A 1 100 ? 5.825   -13.051 -1.695  1.000 11.056  ? 139 TYR AAA N   1 ? 
ATOM   847  C  CA  . TYR A 1 100 ? 6.139   -13.757 -0.461  1.000 11.290  ? 139 TYR AAA CA  1 ? 
ATOM   848  C  C   . TYR A 1 100 ? 5.293   -15.016 -0.282  1.000 12.276  ? 139 TYR AAA C   1 ? 
ATOM   849  O  O   . TYR A 1 100 ? 5.747   -16.011 0.275   1.000 12.451  ? 139 TYR AAA O   1 ? 
ATOM   850  C  CB  . TYR A 1 100 ? 5.990   -12.837 0.752   1.000 11.475  ? 139 TYR AAA CB  1 ? 
ATOM   851  C  CG  . TYR A 1 100 ? 6.467   -13.505 2.008   1.000 11.226  ? 139 TYR AAA CG  1 ? 
ATOM   852  C  CD1 . TYR A 1 100 ? 7.824   -13.628 2.255   1.000 11.892  ? 139 TYR AAA CD1 1 ? 
ATOM   853  C  CD2 . TYR A 1 100 ? 5.577   -14.054 2.910   1.000 11.645  ? 139 TYR AAA CD2 1 ? 
ATOM   854  C  CE1 . TYR A 1 100 ? 8.272   -14.313 3.373   1.000 12.671  ? 139 TYR AAA CE1 1 ? 
ATOM   855  C  CE2 . TYR A 1 100 ? 6.006   -14.740 4.041   1.000 12.613  ? 139 TYR AAA CE2 1 ? 
ATOM   856  C  CZ  . TYR A 1 100 ? 7.363   -14.860 4.257   1.000 12.732  ? 139 TYR AAA CZ  1 ? 
ATOM   857  O  OH  . TYR A 1 100 ? 7.768   -15.533 5.383   1.000 15.397  ? 139 TYR AAA OH  1 ? 
ATOM   858  N  N   . ASN A 1 101 ? 4.032   -14.953 -0.691  1.000 11.831  ? 140 ASN AAA N   1 ? 
ATOM   859  C  CA  . ASN A 1 101 ? 3.068   -15.998 -0.383  1.000 11.973  ? 140 ASN AAA CA  1 ? 
ATOM   860  C  C   . ASN A 1 101 ? 2.840   -16.896 -1.594  1.000 13.349  ? 140 ASN AAA C   1 ? 
ATOM   861  O  O   . ASN A 1 101 ? 3.210   -16.581 -2.718  1.000 17.360  ? 140 ASN AAA O   1 ? 
ATOM   862  C  CB  . ASN A 1 101 ? 1.770   -15.369 0.097   1.000 11.163  ? 140 ASN AAA CB  1 ? 
ATOM   863  C  CG  . ASN A 1 101 ? 2.008   -14.552 1.332   1.000 11.180  ? 140 ASN AAA CG  1 ? 
ATOM   864  O  OD1 . ASN A 1 101 ? 2.136   -15.103 2.424   1.000 13.387  ? 140 ASN AAA OD1 1 ? 
ATOM   865  N  ND2 . ASN A 1 101 ? 2.015   -13.234 1.172   1.000 12.576  ? 140 ASN AAA ND2 1 ? 
ATOM   866  N  N   . LYS A 1 102 ? 2.153   -18.015 -1.371  1.000 15.909  ? 141 LYS AAA N   1 ? 
ATOM   867  C  CA  . LYS A 1 102 ? 1.916   -19.009 -2.413  1.000 16.705  ? 141 LYS AAA CA  1 ? 
ATOM   868  C  C   . LYS A 1 102 ? 0.593   -18.693 -3.106  1.000 15.711  ? 141 LYS AAA C   1 ? 
ATOM   869  O  O   . LYS A 1 102 ? -0.348  -18.184 -2.507  1.000 15.087  ? 141 LYS AAA O   1 ? 
ATOM   870  C  CB  . LYS A 1 102 ? 1.828   -20.412 -1.798  1.000 19.533  ? 141 LYS AAA CB  1 ? 
ATOM   871  C  CG  . LYS A 1 102 ? 3.146   -21.014 -1.315  1.000 26.273  ? 141 LYS AAA CG  1 ? 
ATOM   872  C  CD  . LYS A 1 102 ? 2.972   -22.364 -0.647  0.500 25.278  ? 141 LYS AAA CD  1 ? 
ATOM   873  C  CE  . LYS A 1 102 ? 4.154   -22.792 0.192   0.500 29.352  ? 141 LYS AAA CE  1 ? 
ATOM   874  N  NZ  . LYS A 1 102 ? 3.818   -23.969 1.026   1.000 37.185  ? 141 LYS AAA NZ  1 ? 
ATOM   875  N  N   . PRO A 1 103 ? 0.422   -19.007 -4.405  1.000 17.092  ? 142 PRO AAA N   1 ? 
ATOM   876  C  CA  . PRO A 1 103 ? -0.839  -18.764 -5.097  1.000 18.846  ? 142 PRO AAA CA  1 ? 
ATOM   877  C  C   . PRO A 1 103 ? -2.108  -19.226 -4.384  1.000 21.209  ? 142 PRO AAA C   1 ? 
ATOM   878  O  O   . PRO A 1 103 ? -3.110  -18.515 -4.434  1.000 25.536  ? 142 PRO AAA O   1 ? 
ATOM   879  C  CB  . PRO A 1 103 ? -0.675  -19.535 -6.422  1.000 21.448  ? 142 PRO AAA CB  1 ? 
ATOM   880  C  CG  . PRO A 1 103 ? 0.812   -19.518 -6.666  1.000 22.132  ? 142 PRO AAA CG  1 ? 
ATOM   881  C  CD  . PRO A 1 103 ? 1.464   -19.528 -5.297  1.000 19.202  ? 142 PRO AAA CD  1 ? 
ATOM   882  N  N   . GLY A 1 104 ? -2.082  -20.361 -3.689  1.000 21.874  ? 143 GLY AAA N   1 ? 
ATOM   883  C  CA  . GLY A 1 104 ? -3.338  -20.748 -3.022  1.000 24.139  ? 143 GLY AAA CA  1 ? 
ATOM   884  C  C   . GLY A 1 104 ? -3.843  -19.850 -1.870  1.000 22.321  ? 143 GLY AAA C   1 ? 
ATOM   885  O  O   . GLY A 1 104 ? -5.008  -19.911 -1.437  1.000 22.705  ? 143 GLY AAA O   1 ? 
ATOM   886  N  N   . ASP A 1 105 ? -2.940  -19.056 -1.305  1.000 16.633  ? 144 ASP AAA N   1 ? 
ATOM   887  C  CA  . ASP A 1 105 ? -3.006  -18.710 0.100   1.000 15.188  ? 144 ASP AAA CA  1 ? 
ATOM   888  C  C   . ASP A 1 105 ? -4.112  -17.694 0.361   1.000 13.251  ? 144 ASP AAA C   1 ? 
ATOM   889  O  O   . ASP A 1 105 ? -4.402  -16.837 -0.468  1.000 13.133  ? 144 ASP AAA O   1 ? 
ATOM   890  C  CB  . ASP A 1 105 ? -1.683  -18.111 0.566   1.000 16.089  ? 144 ASP AAA CB  1 ? 
ATOM   891  C  CG  . ASP A 1 105 ? -0.553  -19.098 0.747   1.000 20.296  ? 144 ASP AAA CG  1 ? 
ATOM   892  O  OD1 . ASP A 1 105 ? -0.807  -20.318 0.638   1.000 23.426  ? 144 ASP AAA OD1 1 ? 
ATOM   893  O  OD2 . ASP A 1 105 ? 0.557   -18.643 1.061   1.000 21.490  ? 144 ASP AAA OD2 1 ? 
ATOM   894  N  N   . ASP A 1 106 ? -4.698  -17.748 1.561   1.000 12.554  ? 145 ASP AAA N   1 ? 
ATOM   895  C  CA  . ASP A 1 106 ? -5.734  -16.802 1.901   1.000 12.148  ? 145 ASP AAA CA  1 ? 
ATOM   896  C  C   . ASP A 1 106 ? -5.326  -15.351 1.659   1.000 11.102  ? 145 ASP AAA C   1 ? 
ATOM   897  O  O   . ASP A 1 106 ? -6.142  -14.579 1.138   1.000 11.995  ? 145 ASP AAA O   1 ? 
ATOM   898  C  CB  . ASP A 1 106 ? -6.140  -16.969 3.357   1.000 12.703  ? 145 ASP AAA CB  1 ? 
ATOM   899  C  CG  . ASP A 1 106 ? -7.050  -18.170 3.581   1.000 15.072  ? 145 ASP AAA CG  1 ? 
ATOM   900  O  OD1 . ASP A 1 106 ? -7.628  -18.705 2.638   1.000 15.655  ? 145 ASP AAA OD1 1 ? 
ATOM   901  O  OD2 . ASP A 1 106 ? -7.154  -18.546 4.772   1.000 17.221  ? 145 ASP AAA OD2 1 ? 
ATOM   902  N  N   A ILE A 1 107 ? -4.113  -14.995 2.072   0.500 10.787  ? 146 ILE AAA N   1 ? 
ATOM   903  N  N   B ILE A 1 107 ? -4.123  -14.950 2.082   0.500 10.877  ? 146 ILE AAA N   1 ? 
ATOM   904  C  CA  A ILE A 1 107 ? -3.676  -13.617 1.981   0.500 10.761  ? 146 ILE AAA CA  1 ? 
ATOM   905  C  CA  B ILE A 1 107 ? -3.801  -13.538 1.945   0.500 10.915  ? 146 ILE AAA CA  1 ? 
ATOM   906  C  C   A ILE A 1 107 ? -3.639  -13.188 0.506   0.500 9.921   ? 146 ILE AAA C   1 ? 
ATOM   907  C  C   B ILE A 1 107 ? -3.695  -13.168 0.462   0.500 10.017  ? 146 ILE AAA C   1 ? 
ATOM   908  O  O   A ILE A 1 107 ? -3.930  -12.044 0.186   0.500 10.167  ? 146 ILE AAA O   1 ? 
ATOM   909  O  O   B ILE A 1 107 ? -3.954  -12.025 0.111   0.500 10.342  ? 146 ILE AAA O   1 ? 
ATOM   910  C  CB  A ILE A 1 107 ? -2.316  -13.494 2.688   0.500 11.143  ? 146 ILE AAA CB  1 ? 
ATOM   911  C  CB  B ILE A 1 107 ? -2.527  -13.133 2.705   0.500 11.730  ? 146 ILE AAA CB  1 ? 
ATOM   912  C  CG1 A ILE A 1 107 ? -1.922  -12.037 2.917   0.500 11.349  ? 146 ILE AAA CG1 1 ? 
ATOM   913  C  CG1 B ILE A 1 107 ? -2.365  -11.610 2.716   0.500 12.970  ? 146 ILE AAA CG1 1 ? 
ATOM   914  C  CG2 A ILE A 1 107 ? -1.211  -14.271 1.996   0.500 11.218  ? 146 ILE AAA CG2 1 ? 
ATOM   915  C  CG2 B ILE A 1 107 ? -1.284  -13.831 2.169   0.500 11.149  ? 146 ILE AAA CG2 1 ? 
ATOM   916  C  CD1 A ILE A 1 107 ? -2.952  -11.243 3.661   0.500 12.280  ? 146 ILE AAA CD1 1 ? 
ATOM   917  C  CD1 B ILE A 1 107 ? -1.454  -11.098 3.798   0.500 13.087  ? 146 ILE AAA CD1 1 ? 
ATOM   918  N  N   . VAL A 1 108 ? -3.275  -14.110 -0.390  1.000 9.793   ? 147 VAL AAA N   1 ? 
ATOM   919  C  CA  . VAL A 1 108 ? -3.227  -13.833 -1.822  1.000 10.334  ? 147 VAL AAA CA  1 ? 
ATOM   920  C  C   . VAL A 1 108 ? -4.631  -13.651 -2.380  1.000 10.816  ? 147 VAL AAA C   1 ? 
ATOM   921  O  O   . VAL A 1 108 ? -4.853  -12.743 -3.165  1.000 11.589  ? 147 VAL AAA O   1 ? 
ATOM   922  C  CB  . VAL A 1 108 ? -2.464  -14.949 -2.540  1.000 10.692  ? 147 VAL AAA CB  1 ? 
ATOM   923  C  CG1 . VAL A 1 108 ? -2.556  -14.793 -4.049  1.000 11.433  ? 147 VAL AAA CG1 1 ? 
ATOM   924  C  CG2 . VAL A 1 108 ? -1.004  -14.925 -2.112  1.000 11.379  ? 147 VAL AAA CG2 1 ? 
ATOM   925  N  N   . LEU A 1 109 ? -5.584  -14.497 -1.966  1.000 10.989  ? 148 LEU AAA N   1 ? 
ATOM   926  C  CA  . LEU A 1 109 ? -6.942  -14.308 -2.440  1.000 11.129  ? 148 LEU AAA CA  1 ? 
ATOM   927  C  C   . LEU A 1 109 ? -7.470  -12.955 -1.989  1.000 11.021  ? 148 LEU AAA C   1 ? 
ATOM   928  O  O   . LEU A 1 109 ? -8.225  -12.296 -2.687  1.000 11.356  ? 148 LEU AAA O   1 ? 
ATOM   929  C  CB  . LEU A 1 109 ? -7.814  -15.428 -1.870  1.000 13.165  ? 148 LEU AAA CB  1 ? 
ATOM   930  C  CG  . LEU A 1 109 ? -7.398  -16.840 -2.284  1.000 16.332  ? 148 LEU AAA CG  1 ? 
ATOM   931  C  CD1 . LEU A 1 109 ? -8.192  -17.881 -1.495  1.000 18.800  ? 148 LEU AAA CD1 1 ? 
ATOM   932  C  CD2 . LEU A 1 109 ? -7.589  -17.005 -3.777  1.000 19.936  ? 148 LEU AAA CD2 1 ? 
ATOM   933  N  N   . MET A 1 110 ? -7.097  -12.546 -0.765  1.000 10.496  ? 149 MET AAA N   1 ? 
ATOM   934  C  CA  . MET A 1 110 ? -7.528  -11.248 -0.272  1.000 10.567  ? 149 MET AAA CA  1 ? 
ATOM   935  C  C   . MET A 1 110 ? -6.923  -10.098 -1.068  1.000 10.214  ? 149 MET AAA C   1 ? 
ATOM   936  O  O   . MET A 1 110 ? -7.650  -9.188  -1.476  1.000 10.743  ? 149 MET AAA O   1 ? 
ATOM   937  C  CB  . MET A 1 110 ? -7.171  -11.111 1.210   1.000 10.000  ? 149 MET AAA CB  1 ? 
ATOM   938  C  CG  . MET A 1 110 ? -7.867  -12.183 2.070   1.000 11.184  ? 149 MET AAA CG  1 ? 
ATOM   939  S  SD  . MET A 1 110 ? -7.193  -12.385 3.727   1.000 14.116  ? 149 MET AAA SD  1 ? 
ATOM   940  C  CE  . MET A 1 110 ? -8.035  -10.979 4.361   1.000 14.241  ? 149 MET AAA CE  1 ? 
ATOM   941  N  N   . ALA A 1 111 ? -5.617  -10.193 -1.289  1.000 9.596   ? 150 ALA AAA N   1 ? 
ATOM   942  C  CA  . ALA A 1 111 ? -4.955  -9.183  -2.117  1.000 9.947   ? 150 ALA AAA CA  1 ? 
ATOM   943  C  C   . ALA A 1 111 ? -5.557  -9.126  -3.512  1.000 11.202  ? 150 ALA AAA C   1 ? 
ATOM   944  O  O   . ALA A 1 111 ? -5.738  -8.022  -4.040  1.000 11.071  ? 150 ALA AAA O   1 ? 
ATOM   945  C  CB  . ALA A 1 111 ? -3.466  -9.449  -2.178  1.000 10.757  ? 150 ALA AAA CB  1 ? 
ATOM   946  N  N   . GLU A 1 112 ? -5.871  -10.271 -4.100  1.000 10.846  ? 151 GLU AAA N   1 ? 
ATOM   947  C  CA  . GLU A 1 112 ? -6.417  -10.266 -5.451  1.000 12.051  ? 151 GLU AAA CA  1 ? 
ATOM   948  C  C   . GLU A 1 112 ? -7.788  -9.601  -5.501  1.000 11.518  ? 151 GLU AAA C   1 ? 
ATOM   949  O  O   . GLU A 1 112 ? -8.075  -8.888  -6.481  1.000 12.064  ? 151 GLU AAA O   1 ? 
ATOM   950  C  CB  . GLU A 1 112 ? -6.552  -11.690 -5.965  1.000 13.956  ? 151 GLU AAA CB  1 ? 
ATOM   951  C  CG  . GLU A 1 112 ? -5.226  -12.255 -6.360  1.000 17.383  ? 151 GLU AAA CG  1 ? 
ATOM   952  C  CD  . GLU A 1 112 ? -5.264  -13.712 -6.773  1.000 23.133  ? 151 GLU AAA CD  1 ? 
ATOM   953  O  OE1 . GLU A 1 112 ? -6.035  -14.496 -6.162  1.000 25.753  ? 151 GLU AAA OE1 1 ? 
ATOM   954  O  OE2 . GLU A 1 112 ? -4.541  -14.060 -7.725  1.000 32.766  ? 151 GLU AAA OE2 1 ? 
ATOM   955  N  N   . ALA A 1 113 ? -8.634  -9.763  -4.470  1.000 11.356  ? 152 ALA AAA N   1 ? 
ATOM   956  C  CA  . ALA A 1 113 ? -9.913  -9.084  -4.419  1.000 11.882  ? 152 ALA AAA CA  1 ? 
ATOM   957  C  C   . ALA A 1 113 ? -9.708  -7.586  -4.322  1.000 11.708  ? 152 ALA AAA C   1 ? 
ATOM   958  O  O   . ALA A 1 113 ? -10.414 -6.818  -4.966  1.000 12.239  ? 152 ALA AAA O   1 ? 
ATOM   959  C  CB  . ALA A 1 113 ? -10.765 -9.621  -3.297  1.000 12.543  ? 152 ALA AAA CB  1 ? 
ATOM   960  N  N   . LEU A 1 114 ? -8.794  -7.128  -3.459  1.000 10.815  ? 153 LEU AAA N   1 ? 
ATOM   961  C  CA  . LEU A 1 114 ? -8.502  -5.702  -3.363  1.000 11.244  ? 153 LEU AAA CA  1 ? 
ATOM   962  C  C   . LEU A 1 114 ? -7.933  -5.150  -4.667  1.000 10.105  ? 153 LEU AAA C   1 ? 
ATOM   963  O  O   . LEU A 1 114 ? -8.276  -4.026  -5.056  1.000 10.887  ? 153 LEU AAA O   1 ? 
ATOM   964  C  CB  . LEU A 1 114 ? -7.513  -5.476  -2.223  1.000 12.306  ? 153 LEU AAA CB  1 ? 
ATOM   965  C  CG  . LEU A 1 114 ? -8.040  -5.862  -0.844  1.000 14.691  ? 153 LEU AAA CG  1 ? 
ATOM   966  C  CD1 . LEU A 1 114 ? -6.935  -5.772  0.183   1.000 16.451  ? 153 LEU AAA CD1 1 ? 
ATOM   967  C  CD2 . LEU A 1 114 ? -9.188  -4.969  -0.444  1.000 16.730  ? 153 LEU AAA CD2 1 ? 
ATOM   968  N  N   . GLU A 1 115 ? -7.058  -5.915  -5.321  1.000 10.632  ? 154 GLU AAA N   1 ? 
ATOM   969  C  CA  . GLU A 1 115 ? -6.439  -5.433  -6.550  1.000 11.533  ? 154 GLU AAA CA  1 ? 
ATOM   970  C  C   . GLU A 1 115 ? -7.485  -5.278  -7.654  1.000 12.098  ? 154 GLU AAA C   1 ? 
ATOM   971  O  O   . GLU A 1 115 ? -7.381  -4.344  -8.466  1.000 11.665  ? 154 GLU AAA O   1 ? 
ATOM   972  C  CB  . GLU A 1 115 ? -5.309  -6.362  -6.971  1.000 12.018  ? 154 GLU AAA CB  1 ? 
ATOM   973  C  CG  . GLU A 1 115 ? -4.558  -5.788  -8.160  1.000 14.044  ? 154 GLU AAA CG  1 ? 
ATOM   974  C  CD  . GLU A 1 115 ? -3.423  -6.670  -8.602  1.000 18.553  ? 154 GLU AAA CD  1 ? 
ATOM   975  O  OE1 . GLU A 1 115 ? -3.511  -7.892  -8.412  1.000 19.411  ? 154 GLU AAA OE1 1 ? 
ATOM   976  O  OE2 . GLU A 1 115 ? -2.485  -6.082  -9.238  1.000 25.794  ? 154 GLU AAA OE2 1 ? 
ATOM   977  N  N   . LYS A 1 116 ? -8.453  -6.188  -7.726  1.000 11.679  ? 155 LYS AAA N   1 ? 
ATOM   978  C  CA  . LYS A 1 116 ? -9.502  -6.079  -8.728  1.000 12.712  ? 155 LYS AAA CA  1 ? 
ATOM   979  C  C   . LYS A 1 116 ? -10.294 -4.793  -8.514  1.000 12.057  ? 155 LYS AAA C   1 ? 
ATOM   980  O  O   . LYS A 1 116 ? -10.607 -4.094  -9.495  1.000 13.010  ? 155 LYS AAA O   1 ? 
ATOM   981  C  CB  . LYS A 1 116 ? -10.426 -7.296  -8.641  1.000 13.889  ? 155 LYS AAA CB  1 ? 
ATOM   982  C  CG  . LYS A 1 116 ? -11.591 -7.234  -9.628  1.000 16.969  ? 155 LYS AAA CG  1 ? 
ATOM   983  C  CD  . LYS A 1 116 ? -12.419 -8.505  -9.630  1.000 20.426  ? 155 LYS AAA CD  1 ? 
ATOM   984  C  CE  . LYS A 1 116 ? -13.511 -8.429  -10.681 1.000 23.635  ? 155 LYS AAA CE  1 ? 
ATOM   985  N  NZ  . LYS A 1 116 ? -14.378 -9.628  -10.689 1.000 29.566  ? 155 LYS AAA NZ  1 ? 
ATOM   986  N  N   . LEU A 1 117 ? -10.605 -4.449  -7.259  1.000 11.437  ? 156 LEU AAA N   1 ? 
ATOM   987  C  CA  . LEU A 1 117 ? -11.297 -3.210  -6.965  1.000 12.657  ? 156 LEU AAA CA  1 ? 
ATOM   988  C  C   . LEU A 1 117 ? -10.409 -2.021  -7.333  1.000 11.727  ? 156 LEU AAA C   1 ? 
ATOM   989  O  O   . LEU A 1 117 ? -10.873 -1.007  -7.882  1.000 12.657  ? 156 LEU AAA O   1 ? 
ATOM   990  C  CB  . LEU A 1 117 ? -11.649 -3.199  -5.466  1.000 15.673  ? 156 LEU AAA CB  1 ? 
ATOM   991  C  CG  . LEU A 1 117 ? -13.115 -3.048  -5.087  1.000 27.934  ? 156 LEU AAA CG  1 ? 
ATOM   992  C  CD1 . LEU A 1 117 ? -13.815 -1.981  -5.912  1.000 25.752  ? 156 LEU AAA CD1 1 ? 
ATOM   993  C  CD2 . LEU A 1 117 ? -13.837 -4.366  -5.239  1.000 30.300  ? 156 LEU AAA CD2 1 ? 
ATOM   994  N  N   . PHE A 1 118 ? -9.132  -2.112  -6.948  1.000 11.090  ? 157 PHE AAA N   1 ? 
ATOM   995  C  CA  . PHE A 1 118 ? -8.192  -1.051  -7.268  1.000 10.901  ? 157 PHE AAA CA  1 ? 
ATOM   996  C  C   . PHE A 1 118 ? -8.157  -0.772  -8.769  1.000 10.352  ? 157 PHE AAA C   1 ? 
ATOM   997  O  O   . PHE A 1 118 ? -8.208  0.405   -9.151  1.000 11.791  ? 157 PHE AAA O   1 ? 
ATOM   998  C  CB  . PHE A 1 118 ? -6.806  -1.472  -6.752  1.000 10.806  ? 157 PHE AAA CB  1 ? 
ATOM   999  C  CG  . PHE A 1 118 ? -5.700  -0.496  -7.070  1.000 11.331  ? 157 PHE AAA CG  1 ? 
ATOM   1000 C  CD1 . PHE A 1 118 ? -5.614  0.709   -6.415  1.000 11.844  ? 157 PHE AAA CD1 1 ? 
ATOM   1001 C  CD2 . PHE A 1 118 ? -4.712  -0.835  -7.985  1.000 14.361  ? 157 PHE AAA CD2 1 ? 
ATOM   1002 C  CE1 . PHE A 1 118 ? -4.587  1.610   -6.711  1.000 13.328  ? 157 PHE AAA CE1 1 ? 
ATOM   1003 C  CE2 . PHE A 1 118 ? -3.662  0.038   -8.249  1.000 15.737  ? 157 PHE AAA CE2 1 ? 
ATOM   1004 C  CZ  . PHE A 1 118 ? -3.636  1.251   -7.611  1.000 14.987  ? 157 PHE AAA CZ  1 ? 
ATOM   1005 N  N   . LEU A 1 119 ? -8.072  -1.819  -9.578  1.000 10.993  ? 158 LEU AAA N   1 ? 
ATOM   1006 C  CA  . LEU A 1 119 ? -7.968  -1.662  -11.030 1.000 12.349  ? 158 LEU AAA CA  1 ? 
ATOM   1007 C  C   . LEU A 1 119 ? -9.236  -0.984  -11.562 1.000 12.404  ? 158 LEU AAA C   1 ? 
ATOM   1008 O  O   . LEU A 1 119 ? -9.152  -0.060  -12.404 1.000 13.250  ? 158 LEU AAA O   1 ? 
ATOM   1009 C  CB  . LEU A 1 119 ? -7.733  -3.019  -11.703 1.000 15.343  ? 158 LEU AAA CB  1 ? 
ATOM   1010 C  CG  . LEU A 1 119 ? -7.716  -3.033  -13.238 1.000 18.482  ? 158 LEU AAA CG  1 ? 
ATOM   1011 C  CD1 . LEU A 1 119 ? -6.689  -2.042  -13.773 1.000 21.318  ? 158 LEU AAA CD1 1 ? 
ATOM   1012 C  CD2 . LEU A 1 119 ? -7.430  -4.439  -13.765 1.000 20.762  ? 158 LEU AAA CD2 1 ? 
ATOM   1013 N  N   . GLN A 1 120 ? -10.390 -1.365  -11.038 1.000 12.289  ? 159 GLN AAA N   1 ? 
ATOM   1014 C  CA  . GLN A 1 120 ? -11.641 -0.772  -11.505 1.000 13.534  ? 159 GLN AAA CA  1 ? 
ATOM   1015 C  C   . GLN A 1 120 ? -11.589 0.720   -11.214 1.000 14.752  ? 159 GLN AAA C   1 ? 
ATOM   1016 O  O   . GLN A 1 120 ? -11.993 1.546   -12.055 1.000 16.019  ? 159 GLN AAA O   1 ? 
ATOM   1017 C  CB  . GLN A 1 120 ? -12.807 -1.416  -10.754 1.000 15.943  ? 159 GLN AAA CB  1 ? 
ATOM   1018 C  CG  . GLN A 1 120 ? -13.101 -2.834  -11.224 1.000 22.815  ? 159 GLN AAA CG  1 ? 
ATOM   1019 C  CD  . GLN A 1 120 ? -14.086 -3.659  -10.428 0.500 22.712  ? 159 GLN AAA CD  1 ? 
ATOM   1020 O  OE1 . GLN A 1 120 ? -14.115 -3.642  -9.197  0.500 25.972  ? 159 GLN AAA OE1 1 ? 
ATOM   1021 N  NE2 . GLN A 1 120 ? -14.861 -4.467  -11.136 0.500 24.076  ? 159 GLN AAA NE2 1 ? 
ATOM   1022 N  N   . LYS A 1 121 ? -11.140 1.097   -10.020 1.000 13.562  ? 160 LYS AAA N   1 ? 
ATOM   1023 C  CA  . LYS A 1 121 ? -11.096 2.504   -9.644  1.000 14.015  ? 160 LYS AAA CA  1 ? 
ATOM   1024 C  C   . LYS A 1 121 ? -10.051 3.264   -10.445 1.000 13.843  ? 160 LYS AAA C   1 ? 
ATOM   1025 O  O   . LYS A 1 121 ? -10.260 4.433   -10.825 1.000 15.011  ? 160 LYS AAA O   1 ? 
ATOM   1026 C  CB  . LYS A 1 121 ? -10.843 2.653   -8.136  1.000 16.035  ? 160 LYS AAA CB  1 ? 
ATOM   1027 C  CG  . LYS A 1 121 ? -11.928 2.072   -7.240  1.000 19.097  ? 160 LYS AAA CG  1 ? 
ATOM   1028 C  CD  . LYS A 1 121 ? -13.303 2.538   -7.661  1.000 25.007  ? 160 LYS AAA CD  1 ? 
ATOM   1029 C  CE  . LYS A 1 121 ? -14.303 2.406   -6.546  1.000 27.997  ? 160 LYS AAA CE  1 ? 
ATOM   1030 N  NZ  . LYS A 1 121 ? -15.686 2.476   -7.071  1.000 33.025  ? 160 LYS AAA NZ  1 ? 
ATOM   1031 N  N   . ILE A 1 122 ? -8.899  2.657   -10.715 1.000 13.050  ? 161 ILE AAA N   1 ? 
ATOM   1032 C  CA  . ILE A 1 122 ? -7.852  3.382   -11.419 1.000 14.140  ? 161 ILE AAA CA  1 ? 
ATOM   1033 C  C   . ILE A 1 122 ? -8.170  3.574   -12.904 1.000 12.608  ? 161 ILE AAA C   1 ? 
ATOM   1034 O  O   . ILE A 1 122 ? -7.764  4.561   -13.516 1.000 13.915  ? 161 ILE AAA O   1 ? 
ATOM   1035 C  CB  . ILE A 1 122 ? -6.507  2.723   -11.122 1.000 17.219  ? 161 ILE AAA CB  1 ? 
ATOM   1036 C  CG1 . ILE A 1 122 ? -5.429  3.747   -10.773 1.000 23.998  ? 161 ILE AAA CG1 1 ? 
ATOM   1037 C  CG2 . ILE A 1 122 ? -6.128  1.603   -12.057 1.000 19.924  ? 161 ILE AAA CG2 1 ? 
ATOM   1038 C  CD1 . ILE A 1 122 ? -5.675  4.299   -9.385  1.000 20.606  ? 161 ILE AAA CD1 1 ? 
ATOM   1039 N  N   . ASN A 1 123 ? -8.947  2.654   -13.473 1.000 12.848  ? 162 ASN AAA N   1 ? 
ATOM   1040 C  CA  . ASN A 1 123 ? -9.422  2.861   -14.838 1.000 14.846  ? 162 ASN AAA CA  1 ? 
ATOM   1041 C  C   . ASN A 1 123 ? -10.270 4.132   -14.943 1.000 15.308  ? 162 ASN AAA C   1 ? 
ATOM   1042 O  O   . ASN A 1 123 ? -10.360 4.687   -16.039 1.000 17.144  ? 162 ASN AAA O   1 ? 
ATOM   1043 C  CB  . ASN A 1 123 ? -10.153 1.615   -15.352 1.000 16.892  ? 162 ASN AAA CB  1 ? 
ATOM   1044 C  CG  . ASN A 1 123 ? -9.212  0.465   -15.640 1.000 15.279  ? 162 ASN AAA CG  1 ? 
ATOM   1045 O  OD1 . ASN A 1 123 ? -8.005  0.646   -15.772 1.000 20.309  ? 162 ASN AAA OD1 1 ? 
ATOM   1046 N  ND2 . ASN A 1 123 ? -9.773  -0.727  -15.794 1.000 18.702  ? 162 ASN AAA ND2 1 ? 
ATOM   1047 N  N   . GLU A 1 124 ? -10.885 4.593   -13.848 1.000 14.515  ? 163 GLU AAA N   1 ? 
ATOM   1048 C  CA  . GLU A 1 124 ? -11.668 5.817   -13.800 1.000 16.322  ? 163 GLU AAA CA  1 ? 
ATOM   1049 C  C   . GLU A 1 124 ? -10.934 6.991   -13.144 1.000 16.310  ? 163 GLU AAA C   1 ? 
ATOM   1050 O  O   . GLU A 1 124 ? -11.531 8.037   -12.881 1.000 18.826  ? 163 GLU AAA O   1 ? 
ATOM   1051 C  CB  . GLU A 1 124 ? -12.963 5.532   -13.042 1.000 17.961  ? 163 GLU AAA CB  1 ? 
ATOM   1052 C  CG  . GLU A 1 124 ? -13.916 4.668   -13.877 1.000 21.618  ? 163 GLU AAA CG  1 ? 
ATOM   1053 C  CD  . GLU A 1 124 ? -14.590 5.307   -15.091 1.000 24.713  ? 163 GLU AAA CD  1 ? 
ATOM   1054 O  OE1 . GLU A 1 124 ? -14.297 6.496   -15.410 1.000 29.912  ? 163 GLU AAA OE1 1 ? 
ATOM   1055 O  OE2 . GLU A 1 124 ? -15.467 4.619   -15.702 1.000 30.831  ? 163 GLU AAA OE2 1 ? 
ATOM   1056 N  N   . LEU A 1 125 ? -9.620  6.874   -12.964 1.000 14.136  ? 164 LEU AAA N   1 ? 
ATOM   1057 C  CA  . LEU A 1 125 ? -8.863  7.989   -12.437 1.000 14.302  ? 164 LEU AAA CA  1 ? 
ATOM   1058 C  C   . LEU A 1 125 ? -9.115  9.171   -13.354 1.000 14.741  ? 164 LEU AAA C   1 ? 
ATOM   1059 O  O   . LEU A 1 125 ? -8.949  9.051   -14.562 1.000 13.942  ? 164 LEU AAA O   1 ? 
ATOM   1060 C  CB  . LEU A 1 125 ? -7.382  7.609   -12.463 1.000 14.685  ? 164 LEU AAA CB  1 ? 
ATOM   1061 C  CG  . LEU A 1 125 ? -6.426  8.650   -11.878 1.000 13.701  ? 164 LEU AAA CG  1 ? 
ATOM   1062 C  CD1 . LEU A 1 125 ? -6.547  8.634   -10.349 1.000 17.362  ? 164 LEU AAA CD1 1 ? 
ATOM   1063 C  CD2 . LEU A 1 125 ? -4.986  8.359   -12.305 1.000 15.921  ? 164 LEU AAA CD2 1 ? 
ATOM   1064 N  N   . PRO A 1 126 ? -9.492  10.340  -12.817 1.000 15.067  ? 165 PRO AAA N   1 ? 
ATOM   1065 C  CA  . PRO A 1 126 ? -9.856  11.436  -13.692 1.000 16.103  ? 165 PRO AAA CA  1 ? 
ATOM   1066 C  C   . PRO A 1 126 ? -8.667  12.048  -14.388 1.000 15.652  ? 165 PRO AAA C   1 ? 
ATOM   1067 O  O   . PRO A 1 126 ? -7.507  12.033  -13.978 1.000 14.808  ? 165 PRO AAA O   1 ? 
ATOM   1068 C  CB  . PRO A 1 126 ? -10.407 12.504  -12.740 1.000 17.963  ? 165 PRO AAA CB  1 ? 
ATOM   1069 C  CG  . PRO A 1 126 ? -9.721  12.198  -11.433 1.000 20.060  ? 165 PRO AAA CG  1 ? 
ATOM   1070 C  CD  . PRO A 1 126 ? -9.646  10.682  -11.390 1.000 17.164  ? 165 PRO AAA CD  1 ? 
ATOM   1071 N  N   . THR A 1 127 ? -9.001  12.641  -15.537 1.000 18.381  ? 166 THR AAA N   1 ? 
ATOM   1072 C  CA  . THR A 1 127 ? -8.012  13.417  -16.241 1.000 19.002  ? 166 THR AAA CA  1 ? 
ATOM   1073 C  C   . THR A 1 127 ? -7.423  14.493  -15.315 1.000 19.180  ? 166 THR AAA C   1 ? 
ATOM   1074 O  O   . THR A 1 127 ? -8.154  15.140  -14.583 1.000 20.004  ? 166 THR AAA O   1 ? 
ATOM   1075 C  CB  . THR A 1 127 ? -8.681  14.057  -17.468 1.000 22.683  ? 166 THR AAA CB  1 ? 
ATOM   1076 O  OG1 . THR A 1 127 ? -9.434  13.036  -18.141 1.000 23.263  ? 166 THR AAA OG1 1 ? 
ATOM   1077 C  CG2 . THR A 1 127 ? -7.653  14.722  -18.358 1.000 25.345  ? 166 THR AAA CG2 1 ? 
ATOM   1078 N  N   . GLU A 1 128 ? -6.099  14.625  -15.295 1.000 20.717  ? 167 GLU AAA N   1 ? 
ATOM   1079 C  CA  . GLU A 1 128 ? -5.469  15.628  -14.447 1.000 24.624  ? 167 GLU AAA CA  1 ? 
ATOM   1080 C  C   . GLU A 1 128 ? -5.834  17.038  -14.902 1.000 28.774  ? 167 GLU AAA C   1 ? 
ATOM   1081 O  O   . GLU A 1 128 ? -5.574  17.406  -16.045 1.000 29.178  ? 167 GLU AAA O   1 ? 
ATOM   1082 C  CB  . GLU A 1 128 ? -3.947  15.478  -14.432 1.000 27.432  ? 167 GLU AAA CB  1 ? 
ATOM   1083 C  CG  . GLU A 1 128 ? -3.268  16.432  -13.463 1.000 33.903  ? 167 GLU AAA CG  1 ? 
ATOM   1084 C  CD  . GLU A 1 128 ? -1.756  16.360  -13.466 1.000 37.553  ? 167 GLU AAA CD  1 ? 
ATOM   1085 O  OE1 . GLU A 1 128 ? -1.203  15.856  -14.458 1.000 40.729  ? 167 GLU AAA OE1 1 ? 
ATOM   1086 O  OE2 . GLU A 1 128 ? -1.139  16.803  -12.479 1.000 39.558  ? 167 GLU AAA OE2 1 ? 
ATOM   1087 N  N   . GLU A 1 129 ? -6.410  17.834  -13.994 1.000 31.324  ? 168 GLU AAA N   1 ? 
ATOM   1088 C  CA  . GLU A 1 129 ? -6.756  19.207  -14.332 1.000 36.879  ? 168 GLU AAA CA  1 ? 
ATOM   1089 C  C   . GLU A 1 129 ? -5.849  20.163  -13.545 1.000 44.318  ? 168 GLU AAA C   1 ? 
ATOM   1090 O  O   . GLU A 1 129 ? -5.314  19.813  -12.495 1.000 47.081  ? 168 GLU AAA O   1 ? 
ATOM   1091 C  CB  . GLU A 1 129 ? -8.255  19.459  -14.149 1.000 42.492  ? 168 GLU AAA CB  1 ? 
ATOM   1092 C  CG  . GLU A 1 129 ? -8.703  19.492  -12.699 1.000 48.143  ? 168 GLU AAA CG  1 ? 
ATOM   1093 C  CD  . GLU A 1 129 ? -10.101 18.964  -12.430 1.000 52.284  ? 168 GLU AAA CD  1 ? 
ATOM   1094 O  OE1 . GLU A 1 129 ? -10.760 18.495  -13.384 1.000 53.931  ? 168 GLU AAA OE1 1 ? 
ATOM   1095 O  OE2 . GLU A 1 129 ? -10.526 19.011  -11.257 1.000 58.700  ? 168 GLU AAA OE2 1 ? 
ATOM   1096 O  OXT . GLU A 1 129 ? -5.617  21.303  -13.954 1.000 46.730  ? 168 GLU AAA OXT 1 ? 
HETATM 1097 C  C1  . GOL B 2 .   ? 12.358  -7.258  -2.716  1.000 22.333  ? 201 GOL AAA C1  1 ? 
HETATM 1098 O  O1  . GOL B 2 .   ? 12.690  -5.873  -2.766  1.000 37.354  ? 201 GOL AAA O1  1 ? 
HETATM 1099 C  C2  . GOL B 2 .   ? 11.057  -7.535  -3.432  1.000 24.727  ? 201 GOL AAA C2  1 ? 
HETATM 1100 O  O2  . GOL B 2 .   ? 10.421  -8.692  -2.898  1.000 36.294  ? 201 GOL AAA O2  1 ? 
HETATM 1101 C  C3  . GOL B 2 .   ? 10.118  -6.360  -3.384  1.000 21.588  ? 201 GOL AAA C3  1 ? 
HETATM 1102 O  O3  . GOL B 2 .   ? 9.759   -6.038  -2.038  1.000 16.541  ? 201 GOL AAA O3  1 ? 
HETATM 1103 C  C1  . GOL C 2 .   ? 20.573  -9.534  20.921  1.000 38.693  ? 202 GOL AAA C1  1 ? 
HETATM 1104 O  O1  . GOL C 2 .   ? 21.645  -8.981  20.160  1.000 44.560  ? 202 GOL AAA O1  1 ? 
HETATM 1105 C  C2  . GOL C 2 .   ? 19.230  -9.430  20.219  1.000 35.009  ? 202 GOL AAA C2  1 ? 
HETATM 1106 O  O2  . GOL C 2 .   ? 18.629  -10.728 20.194  1.000 31.980  ? 202 GOL AAA O2  1 ? 
HETATM 1107 C  C3  . GOL C 2 .   ? 19.267  -8.795  18.834  1.000 27.349  ? 202 GOL AAA C3  1 ? 
HETATM 1108 O  O3  . GOL C 2 .   ? 19.825  -7.487  18.902  1.000 39.351  ? 202 GOL AAA O3  1 ? 
HETATM 1109 C  C4  . IT8 D 3 .   ? 2.677   -12.553 4.898   1.000 39.894  ? 203 IT8 AAA C4  1 ? 
HETATM 1110 C  C5  . IT8 D 3 .   ? 0.757   -14.044 5.349   1.000 62.835  ? 203 IT8 AAA C5  1 ? 
HETATM 1111 C  C6  . IT8 D 3 .   ? 0.638   -15.504 5.964   1.000 78.548  ? 203 IT8 AAA C6  1 ? 
HETATM 1112 C  C7  . IT8 D 3 .   ? 1.542   -16.408 6.777   1.000 94.169  ? 203 IT8 AAA C7  1 ? 
HETATM 1113 C  C8  . IT8 D 3 .   ? 1.560   -10.318 5.242   1.000 39.483  ? 203 IT8 AAA C8  1 ? 
HETATM 1114 C  C9  . IT8 D 3 .   ? 0.731   -9.189  4.642   1.000 39.909  ? 203 IT8 AAA C9  1 ? 
HETATM 1115 C  C10 . IT8 D 3 .   ? 0.886   -10.860 6.493   1.000 37.452  ? 203 IT8 AAA C10 1 ? 
HETATM 1116 N  N1  . IT8 D 3 .   ? 2.540   -10.988 3.030   1.000 30.185  ? 203 IT8 AAA N1  1 ? 
HETATM 1117 N  N2  . IT8 D 3 .   ? 2.147   -13.772 4.996   1.000 44.655  ? 203 IT8 AAA N2  1 ? 
HETATM 1118 C  C3  . IT8 D 3 .   ? 1.852   -11.459 4.225   1.000 38.596  ? 203 IT8 AAA C3  1 ? 
HETATM 1119 C  C1  . IT8 D 3 .   ? 0.800   -9.510  2.208   1.000 31.208  ? 203 IT8 AAA C1  1 ? 
HETATM 1120 C  C2  . IT8 D 3 .   ? 2.251   -9.854  2.348   1.000 30.404  ? 203 IT8 AAA C2  1 ? 
HETATM 1121 O  O1  . IT8 D 3 .   ? 3.122   -9.131  1.836   1.000 22.549  ? 203 IT8 AAA O1  1 ? 
HETATM 1122 O  O2  . IT8 D 3 .   ? 3.787   -12.287 5.345   1.000 52.451  ? 203 IT8 AAA O2  1 ? 
HETATM 1123 BR BR1 . IT8 D 3 .   ? 2.296   -17.760 8.009   1.000 142.523 ? 203 IT8 AAA BR1 1 ? 
HETATM 1124 O  O   . HOH E 4 .   ? 7.858   -6.847  -3.921  1.000 39.794  ? 301 HOH AAA O   1 ? 
HETATM 1125 O  O   . HOH E 4 .   ? 5.097   -16.138 -4.139  1.000 27.147  ? 302 HOH AAA O   1 ? 
HETATM 1126 O  O   . HOH E 4 .   ? 9.766   0.740   16.603  1.000 39.392  ? 303 HOH AAA O   1 ? 
HETATM 1127 O  O   . HOH E 4 .   ? -16.258 4.811   -7.437  1.000 38.249  ? 304 HOH AAA O   1 ? 
HETATM 1128 O  O   . HOH E 4 .   ? -5.142  19.046  -10.182 1.000 24.991  ? 305 HOH AAA O   1 ? 
HETATM 1129 O  O   . HOH E 4 .   ? -4.355  -17.088 -6.072  1.000 29.657  ? 306 HOH AAA O   1 ? 
HETATM 1130 O  O   . HOH E 4 .   ? -1.457  10.631  -13.533 1.000 38.182  ? 307 HOH AAA O   1 ? 
HETATM 1131 O  O   . HOH E 4 .   ? 9.861   -15.169 14.869  1.000 52.043  ? 308 HOH AAA O   1 ? 
HETATM 1132 O  O   . HOH E 4 .   ? -8.519  -14.732 -6.540  1.000 35.035  ? 309 HOH AAA O   1 ? 
HETATM 1133 O  O   . HOH E 4 .   ? 9.300   -17.898 3.168   1.000 30.009  ? 310 HOH AAA O   1 ? 
HETATM 1134 O  O   . HOH E 4 .   ? 0.217   14.633  -12.127 1.000 25.160  ? 311 HOH AAA O   1 ? 
HETATM 1135 O  O   . HOH E 4 .   ? 10.373  -17.200 7.973   1.000 25.786  ? 312 HOH AAA O   1 ? 
HETATM 1136 O  O   . HOH E 4 .   ? 2.260   -16.160 10.758  1.000 31.999  ? 313 HOH AAA O   1 ? 
HETATM 1137 O  O   . HOH E 4 .   ? 3.599   -13.995 17.947  1.000 27.168  ? 314 HOH AAA O   1 ? 
HETATM 1138 O  O   . HOH E 4 .   ? -15.057 7.258   -17.811 1.000 40.579  ? 315 HOH AAA O   1 ? 
HETATM 1139 O  O   . HOH E 4 .   ? -9.369  -20.714 2.645   1.000 15.588  ? 316 HOH AAA O   1 ? 
HETATM 1140 O  O   . HOH E 4 .   ? 2.658   -3.204  12.046  1.000 20.816  ? 317 HOH AAA O   1 ? 
HETATM 1141 O  O   . HOH E 4 .   ? 7.200   -5.320  -5.047  1.000 31.412  ? 318 HOH AAA O   1 ? 
HETATM 1142 O  O   . HOH E 4 .   ? 14.784  22.213  2.174   1.000 31.243  ? 319 HOH AAA O   1 ? 
HETATM 1143 O  O   . HOH E 4 .   ? 4.896   -5.492  2.820   1.000 18.735  ? 320 HOH AAA O   1 ? 
HETATM 1144 O  O   . HOH E 4 .   ? 10.576  5.570   8.951   1.000 29.768  ? 321 HOH AAA O   1 ? 
HETATM 1145 O  O   . HOH E 4 .   ? 17.905  -10.871 0.851   1.000 54.664  ? 322 HOH AAA O   1 ? 
HETATM 1146 O  O   . HOH E 4 .   ? -12.870 3.753   4.198   1.000 31.138  ? 323 HOH AAA O   1 ? 
HETATM 1147 O  O   . HOH E 4 .   ? 9.830   -0.682  5.994   1.000 14.949  ? 324 HOH AAA O   1 ? 
HETATM 1148 O  O   . HOH E 4 .   ? -8.851  12.598  -20.727 1.000 28.801  ? 325 HOH AAA O   1 ? 
HETATM 1149 O  O   . HOH E 4 .   ? 11.388  -8.788  11.074  1.000 22.404  ? 326 HOH AAA O   1 ? 
HETATM 1150 O  O   . HOH E 4 .   ? 4.795   14.965  7.323   1.000 37.265  ? 327 HOH AAA O   1 ? 
HETATM 1151 O  O   . HOH E 4 .   ? 8.212   14.938  -4.811  1.000 17.525  ? 328 HOH AAA O   1 ? 
HETATM 1152 O  O   . HOH E 4 .   ? -6.462  -20.510 0.751   1.000 31.540  ? 329 HOH AAA O   1 ? 
HETATM 1153 O  O   . HOH E 4 .   ? 1.963   -5.085  2.931   1.000 16.277  ? 330 HOH AAA O   1 ? 
HETATM 1154 O  O   . HOH E 4 .   ? 0.221   -17.186 3.317   1.000 28.336  ? 331 HOH AAA O   1 ? 
HETATM 1155 O  O   . HOH E 4 .   ? -1.670  1.875   9.971   1.000 33.221  ? 332 HOH AAA O   1 ? 
HETATM 1156 O  O   . HOH E 4 .   ? 10.856  -1.283  13.577  1.000 53.914  ? 333 HOH AAA O   1 ? 
HETATM 1157 O  O   . HOH E 4 .   ? 16.301  -11.753 -0.819  1.000 45.606  ? 334 HOH AAA O   1 ? 
HETATM 1158 O  O   . HOH E 4 .   ? -14.713 5.920   -9.931  1.000 26.874  ? 335 HOH AAA O   1 ? 
HETATM 1159 O  O   . HOH E 4 .   ? 19.037  -9.620  2.811   1.000 37.537  ? 336 HOH AAA O   1 ? 
HETATM 1160 O  O   . HOH E 4 .   ? -2.703  -3.222  -9.993  1.000 32.960  ? 337 HOH AAA O   1 ? 
HETATM 1161 O  O   . HOH E 4 .   ? 4.871   4.197   7.277   1.000 21.978  ? 338 HOH AAA O   1 ? 
HETATM 1162 O  O   . HOH E 4 .   ? 6.974   8.491   -3.312  1.000 23.879  ? 339 HOH AAA O   1 ? 
HETATM 1163 O  O   . HOH E 4 .   ? -17.700 -0.406  -1.247  1.000 40.598  ? 340 HOH AAA O   1 ? 
HETATM 1164 O  O   . HOH E 4 .   ? -10.796 -4.999  -12.067 1.000 29.030  ? 341 HOH AAA O   1 ? 
HETATM 1165 O  O   . HOH E 4 .   ? 6.443   1.783   -3.929  1.000 21.031  ? 342 HOH AAA O   1 ? 
HETATM 1166 O  O   . HOH E 4 .   ? 9.811   0.245   1.433   1.000 18.833  ? 343 HOH AAA O   1 ? 
HETATM 1167 O  O   . HOH E 4 .   ? 9.859   14.658  9.075   1.000 41.538  ? 344 HOH AAA O   1 ? 
HETATM 1168 O  O   . HOH E 4 .   ? 1.667   -15.764 -5.127  1.000 19.947  ? 345 HOH AAA O   1 ? 
HETATM 1169 O  O   . HOH E 4 .   ? 4.352   -7.228  18.121  1.000 42.398  ? 346 HOH AAA O   1 ? 
HETATM 1170 O  O   . HOH E 4 .   ? -15.171 -10.138 -8.112  1.000 51.100  ? 347 HOH AAA O   1 ? 
HETATM 1171 O  O   . HOH E 4 .   ? -4.627  13.117  -17.062 1.000 29.661  ? 348 HOH AAA O   1 ? 
HETATM 1172 O  O   . HOH E 4 .   ? -10.731 16.055  -14.894 1.000 35.972  ? 349 HOH AAA O   1 ? 
HETATM 1173 O  O   . HOH E 4 .   ? -7.222  -9.510  -9.025  1.000 21.354  ? 350 HOH AAA O   1 ? 
HETATM 1174 O  O   . HOH E 4 .   ? -0.177  -8.518  7.434   1.000 21.843  ? 351 HOH AAA O   1 ? 
HETATM 1175 O  O   . HOH E 4 .   ? 14.453  -11.842 11.212  1.000 32.250  ? 352 HOH AAA O   1 ? 
HETATM 1176 O  O   . HOH E 4 .   ? -5.813  -3.689  10.890  1.000 21.612  ? 353 HOH AAA O   1 ? 
HETATM 1177 O  O   . HOH E 4 .   ? -14.591 -5.783  -7.489  1.000 35.989  ? 354 HOH AAA O   1 ? 
HETATM 1178 O  O   . HOH E 4 .   ? -15.005 -2.105  7.252   1.000 33.252  ? 355 HOH AAA O   1 ? 
HETATM 1179 O  O   . HOH E 4 .   ? -11.806 -2.998  6.642   1.000 26.198  ? 356 HOH AAA O   1 ? 
HETATM 1180 O  O   . HOH E 4 .   ? -1.456  13.529  -10.375 1.000 15.310  ? 357 HOH AAA O   1 ? 
HETATM 1181 O  O   . HOH E 4 .   ? -13.857 9.225   -13.876 1.000 49.102  ? 358 HOH AAA O   1 ? 
HETATM 1182 O  O   . HOH E 4 .   ? 0.579   -5.167  5.333   1.000 15.155  ? 359 HOH AAA O   1 ? 
HETATM 1183 O  O   . HOH E 4 .   ? -9.864  -13.194 -4.774  1.000 21.822  ? 360 HOH AAA O   1 ? 
HETATM 1184 O  O   . HOH E 4 .   ? -14.362 -7.670  -3.452  1.000 27.118  ? 361 HOH AAA O   1 ? 
HETATM 1185 O  O   . HOH E 4 .   ? 1.541   17.656  -13.621 1.000 30.462  ? 362 HOH AAA O   1 ? 
HETATM 1186 O  O   . HOH E 4 .   ? -10.724 14.644  -7.673  1.000 29.051  ? 363 HOH AAA O   1 ? 
HETATM 1187 O  O   . HOH E 4 .   ? 8.007   -1.542  9.489   1.000 15.619  ? 364 HOH AAA O   1 ? 
HETATM 1188 O  O   . HOH E 4 .   ? 5.310   -1.444  4.975   1.000 13.690  ? 365 HOH AAA O   1 ? 
HETATM 1189 O  O   . HOH E 4 .   ? 7.087   -3.890  10.894  1.000 15.980  ? 366 HOH AAA O   1 ? 
HETATM 1190 O  O   . HOH E 4 .   ? 6.010   6.027   -4.221  1.000 20.304  ? 367 HOH AAA O   1 ? 
HETATM 1191 O  O   . HOH E 4 .   ? -13.038 -7.585  -5.682  1.000 20.475  ? 368 HOH AAA O   1 ? 
HETATM 1192 O  O   . HOH E 4 .   ? 1.476   -7.212  10.960  1.000 24.581  ? 369 HOH AAA O   1 ? 
HETATM 1193 O  O   . HOH E 4 .   ? 1.547   -6.941  0.956   1.000 17.821  ? 370 HOH AAA O   1 ? 
HETATM 1194 O  O   . HOH E 4 .   ? -3.981  -19.876 3.319   1.000 26.193  ? 371 HOH AAA O   1 ? 
HETATM 1195 O  O   . HOH E 4 .   ? -15.071 -10.253 0.701   1.000 34.979  ? 372 HOH AAA O   1 ? 
HETATM 1196 O  O   . HOH E 4 .   ? 11.640  5.322   4.205   1.000 26.663  ? 373 HOH AAA O   1 ? 
HETATM 1197 O  O   . HOH E 4 .   ? 6.666   6.820   8.563   1.000 29.624  ? 374 HOH AAA O   1 ? 
HETATM 1198 O  O   . HOH E 4 .   ? -3.449  -1.043  12.440  1.000 40.733  ? 375 HOH AAA O   1 ? 
HETATM 1199 O  O   . HOH E 4 .   ? 11.964  -10.259 8.692   1.000 18.985  ? 376 HOH AAA O   1 ? 
HETATM 1200 O  O   . HOH E 4 .   ? 8.456   9.620   7.931   1.000 24.897  ? 377 HOH AAA O   1 ? 
HETATM 1201 O  O   . HOH E 4 .   ? -1.645  -0.230  -11.823 1.000 34.179  ? 378 HOH AAA O   1 ? 
HETATM 1202 O  O   . HOH E 4 .   ? 9.242   10.010  -5.905  1.000 30.648  ? 379 HOH AAA O   1 ? 
HETATM 1203 O  O   . HOH E 4 .   ? 2.390   -15.802 14.937  1.000 38.512  ? 380 HOH AAA O   1 ? 
HETATM 1204 O  O   . HOH E 4 .   ? 4.930   -4.200  5.305   1.000 17.415  ? 381 HOH AAA O   1 ? 
HETATM 1205 O  O   . HOH E 4 .   ? -2.959  10.529  -15.698 1.000 32.225  ? 382 HOH AAA O   1 ? 
HETATM 1206 O  O   . HOH E 4 .   ? -10.354 8.073   2.579   1.000 34.787  ? 383 HOH AAA O   1 ? 
HETATM 1207 O  O   . HOH E 4 .   ? 12.486  11.656  0.272   1.000 29.871  ? 384 HOH AAA O   1 ? 
HETATM 1208 O  O   . HOH E 4 .   ? 0.272   -6.197  8.817   1.000 21.918  ? 385 HOH AAA O   1 ? 
HETATM 1209 O  O   . HOH E 4 .   ? -13.875 0.891   -14.154 1.000 33.791  ? 386 HOH AAA O   1 ? 
HETATM 1210 O  O   . HOH E 4 .   ? 6.180   9.929   -11.748 1.000 24.163  ? 387 HOH AAA O   1 ? 
HETATM 1211 O  O   . HOH E 4 .   ? 3.399   17.765  3.576   1.000 33.149  ? 388 HOH AAA O   1 ? 
HETATM 1212 O  O   . HOH E 4 .   ? 1.160   10.779  -12.189 1.000 17.920  ? 389 HOH AAA O   1 ? 
HETATM 1213 O  O   . HOH E 4 .   ? 0.228   14.293  -2.129  1.000 21.699  ? 390 HOH AAA O   1 ? 
HETATM 1214 O  O   . HOH E 4 .   ? 10.351  -13.044 13.202  1.000 28.506  ? 391 HOH AAA O   1 ? 
HETATM 1215 O  O   . HOH E 4 .   ? 9.343   8.761   -2.013  1.000 26.754  ? 392 HOH AAA O   1 ? 
HETATM 1216 O  O   . HOH E 4 .   ? -10.107 2.469   10.358  1.000 49.523  ? 393 HOH AAA O   1 ? 
HETATM 1217 O  O   . HOH E 4 .   ? -4.767  13.064  -1.460  1.000 28.626  ? 394 HOH AAA O   1 ? 
HETATM 1218 O  O   . HOH E 4 .   ? 4.274   14.306  4.018   1.000 20.895  ? 395 HOH AAA O   1 ? 
HETATM 1219 O  O   . HOH E 4 .   ? -2.514  -16.633 3.943   1.000 18.584  ? 396 HOH AAA O   1 ? 
HETATM 1220 O  O   . HOH E 4 .   ? 5.110   -18.642 11.191  1.000 50.226  ? 397 HOH AAA O   1 ? 
HETATM 1221 O  O   . HOH E 4 .   ? -16.052 -5.949  1.644   1.000 25.252  ? 398 HOH AAA O   1 ? 
HETATM 1222 O  O   . HOH E 4 .   ? 5.139   14.534  -12.490 1.000 17.889  ? 399 HOH AAA O   1 ? 
HETATM 1223 O  O   . HOH E 4 .   ? -2.587  5.127   8.571   1.000 28.478  ? 400 HOH AAA O   1 ? 
HETATM 1224 O  O   . HOH E 4 .   ? -12.791 -9.069  8.236   1.000 37.677  ? 401 HOH AAA O   1 ? 
HETATM 1225 O  O   . HOH E 4 .   ? 8.589   4.769   -0.894  1.000 26.322  ? 402 HOH AAA O   1 ? 
HETATM 1226 O  O   . HOH E 4 .   ? -16.585 0.442   -5.054  1.000 41.147  ? 403 HOH AAA O   1 ? 
HETATM 1227 O  O   . HOH E 4 .   ? -8.574  -3.222  -16.962 1.000 32.298  ? 404 HOH AAA O   1 ? 
HETATM 1228 O  O   . HOH E 4 .   ? -10.776 -5.568  7.053   1.000 18.107  ? 405 HOH AAA O   1 ? 
HETATM 1229 O  O   . HOH E 4 .   ? 4.994   17.358  -12.757 1.000 15.369  ? 406 HOH AAA O   1 ? 
HETATM 1230 O  O   . HOH E 4 .   ? 9.382   -1.730  15.019  1.000 31.099  ? 407 HOH AAA O   1 ? 
HETATM 1231 O  O   . HOH E 4 .   ? 22.633  -10.590 17.807  1.000 31.781  ? 408 HOH AAA O   1 ? 
HETATM 1232 O  O   . HOH E 4 .   ? -11.121 -1.372  9.044   1.000 33.158  ? 409 HOH AAA O   1 ? 
HETATM 1233 O  O   . HOH E 4 .   ? 6.796   -3.213  -6.765  1.000 44.015  ? 410 HOH AAA O   1 ? 
HETATM 1234 O  O   . HOH E 4 .   ? -11.339 15.324  -10.612 1.000 31.814  ? 411 HOH AAA O   1 ? 
HETATM 1235 O  O   . HOH E 4 .   ? -17.743 4.268   -5.647  1.000 34.581  ? 412 HOH AAA O   1 ? 
HETATM 1236 O  O   . HOH E 4 .   ? 5.943   4.349   -10.838 1.000 36.513  ? 413 HOH AAA O   1 ? 
HETATM 1237 O  O   . HOH E 4 .   ? 5.152   -3.509  -8.752  1.000 45.644  ? 414 HOH AAA O   1 ? 
HETATM 1238 O  O   . HOH E 4 .   ? -0.572  22.108  -4.324  1.000 26.769  ? 415 HOH AAA O   1 ? 
HETATM 1239 O  O   . HOH E 4 .   ? 7.551   -1.945  6.816   1.000 16.751  ? 416 HOH AAA O   1 ? 
HETATM 1240 O  O   . HOH E 4 .   ? 10.489  5.339   2.081   1.000 29.711  ? 417 HOH AAA O   1 ? 
HETATM 1241 O  O   . HOH E 4 .   ? -4.240  16.154  -3.388  1.000 30.334  ? 418 HOH AAA O   1 ? 
HETATM 1242 O  O   . HOH E 4 .   ? -17.291 -1.403  6.073   1.000 35.818  ? 419 HOH AAA O   1 ? 
HETATM 1243 O  O   . HOH E 4 .   ? 0.339   1.481   -12.812 1.000 52.991  ? 420 HOH AAA O   1 ? 
HETATM 1244 O  O   . HOH E 4 .   ? -16.939 -2.920  2.154   1.000 30.072  ? 421 HOH AAA O   1 ? 
HETATM 1245 O  O   . HOH E 4 .   ? -5.914  -0.475  11.329  1.000 45.963  ? 422 HOH AAA O   1 ? 
HETATM 1246 O  O   . HOH E 4 .   ? 5.865   7.019   -10.332 1.000 37.351  ? 423 HOH AAA O   1 ? 
HETATM 1247 O  O   . HOH E 4 .   ? -11.430 -3.427  -14.082 1.000 37.475  ? 424 HOH AAA O   1 ? 
HETATM 1248 O  O   . HOH E 4 .   ? 3.299   10.598  -13.897 1.000 23.133  ? 425 HOH AAA O   1 ? 
HETATM 1249 O  O   . HOH E 4 .   ? -10.855 -11.478 -6.852  1.000 27.318  ? 426 HOH AAA O   1 ? 
HETATM 1250 O  O   . HOH E 4 .   ? -7.114  -7.501  -10.902 1.000 28.287  ? 427 HOH AAA O   1 ? 
HETATM 1251 O  O   . HOH E 4 .   ? 4.621   5.309   9.499   1.000 42.665  ? 428 HOH AAA O   1 ? 
HETATM 1252 O  O   . HOH E 4 .   ? -9.390  -11.044 -9.373  1.000 31.758  ? 429 HOH AAA O   1 ? 
HETATM 1253 O  O   . HOH E 4 .   ? -1.841  -4.907  13.809  1.000 37.270  ? 430 HOH AAA O   1 ? 
HETATM 1254 O  O   . HOH E 4 .   ? -5.501  -6.379  12.039  1.000 39.892  ? 431 HOH AAA O   1 ? 
HETATM 1255 O  O   . HOH E 4 .   ? -8.564  12.761  5.096   1.000 40.239  ? 432 HOH AAA O   1 ? 
HETATM 1256 O  O   . HOH E 4 .   ? 9.126   9.840   -8.004  1.000 38.569  ? 433 HOH AAA O   1 ? 
HETATM 1257 O  O   . HOH E 4 .   ? -15.397 8.083   -11.581 1.000 39.111  ? 434 HOH AAA O   1 ? 
HETATM 1258 O  O   . HOH E 4 .   ? 16.347  -0.479  14.284  1.000 31.894  ? 435 HOH AAA O   1 ? 
HETATM 1259 O  O   . HOH E 4 .   ? 12.095  -11.070 12.698  1.000 24.025  ? 436 HOH AAA O   1 ? 
HETATM 1260 O  O   . HOH E 4 .   ? 5.319   -2.977  12.749  1.000 26.360  ? 437 HOH AAA O   1 ? 
HETATM 1261 O  O   . HOH E 4 .   ? 6.444   -0.348  11.465  1.000 26.705  ? 438 HOH AAA O   1 ? 
HETATM 1262 O  O   . HOH E 4 .   ? 8.784   2.280   -1.577  1.000 31.838  ? 439 HOH AAA O   1 ? 
HETATM 1263 O  O   . HOH E 4 .   ? -10.128 5.797   4.685   1.000 39.204  ? 440 HOH AAA O   1 ? 
HETATM 1264 O  O   . HOH E 4 .   ? -12.979 -10.377 -6.043  1.000 26.866  ? 441 HOH AAA O   1 ? 
HETATM 1265 O  O   . HOH E 4 .   ? 1.425   -0.656  12.962  1.000 49.278  ? 442 HOH AAA O   1 ? 
HETATM 1266 O  O   . HOH E 4 .   ? -11.905 -15.362 -1.835  1.000 31.798  ? 443 HOH AAA O   1 ? 
HETATM 1267 O  O   . HOH E 4 .   ? 4.560   1.291   11.758  1.000 44.387  ? 444 HOH AAA O   1 ? 
HETATM 1268 O  O   . HOH E 4 .   ? -13.598 -11.837 -3.715  1.000 41.099  ? 445 HOH AAA O   1 ? 
# 
